data_5SJX
#
_entry.id   5SJX
#
_cell.length_a   135.650
_cell.length_b   135.650
_cell.length_c   235.910
_cell.angle_alpha   90.000
_cell.angle_beta   90.000
_cell.angle_gamma   120.000
#
_symmetry.space_group_name_H-M   'H 3'
#
loop_
_entity.id
_entity.type
_entity.pdbx_description
1 polymer "cAMP and cAMP-inhibited cGMP 3',5'-cyclic phosphodiesterase 10A"
2 non-polymer 'ZINC ION'
3 non-polymer 'MAGNESIUM ION'
4 non-polymer GLYCEROL
5 non-polymer 2-{[4-(1-methyl-4-pyridin-4-yl-1H-pyrazol-3-yl)phenoxy]methyl}quinoline
6 water water
#
_entity_poly.entity_id   1
_entity_poly.type   'polypeptide(L)'
_entity_poly.pdbx_seq_one_letter_code
;GSSICTSEEWQGLMQFTLPVRLCKEIELFHFDIGPFENMWPGIFVYMVHRSCGTSCFELEKL(CME)RFIMSVKKNYRRV
PYHNWKHAVTVAHCMYAILQNNHTLFTDLERKGLLIACLCHDLDHRGFSNSYLQKFDHPLAALYSTSTMEQHHFSQTVSI
LQLEGHNIFSTLSSSEYEQVLEIIRKAIIATDLALYFGNRKQLEEMYQTGSLNLNNQSHRDRVIGLMMTACDLCSVTKLW
PVTKLTANDIYAEFWAEGDEMKKLGIQPIPMMDRDKKDEVPQGQLGFYNAVAIPCYTTLTQILPPTEPLLKACRDNLSQW
EKVIRGEETATWISSPSVAQKAAASED
;
_entity_poly.pdbx_strand_id   A,B,C,D
#
loop_
_chem_comp.id
_chem_comp.type
_chem_comp.name
_chem_comp.formula
GOL non-polymer GLYCEROL 'C3 H8 O3'
MG non-polymer 'MAGNESIUM ION' 'Mg 2'
PF9 non-polymer 2-{[4-(1-methyl-4-pyridin-4-yl-1H-pyrazol-3-yl)phenoxy]methyl}quinoline 'C25 H20 N4 O'
ZN non-polymer 'ZINC ION' 'Zn 2'
#
# COMPACT_ATOMS: atom_id res chain seq x y z
N GLN A 11 44.80 -8.37 -0.40
CA GLN A 11 45.62 -7.30 -1.04
C GLN A 11 46.67 -7.95 -1.97
N GLY A 12 47.77 -7.24 -2.26
CA GLY A 12 48.00 -5.84 -1.92
C GLY A 12 48.42 -5.05 -3.14
N LEU A 13 48.32 -5.69 -4.32
CA LEU A 13 48.29 -5.10 -5.68
C LEU A 13 46.84 -4.81 -6.12
N MET A 14 45.95 -4.57 -5.14
CA MET A 14 44.46 -4.44 -5.26
C MET A 14 44.04 -2.98 -4.99
N GLN A 15 44.56 -2.08 -5.83
CA GLN A 15 44.19 -0.63 -5.95
C GLN A 15 42.72 -0.44 -6.34
N PHE A 16 41.90 0.01 -5.38
CA PHE A 16 40.55 0.61 -5.58
C PHE A 16 40.61 1.79 -6.56
N THR A 17 39.69 1.82 -7.54
CA THR A 17 39.55 2.96 -8.52
C THR A 17 38.09 3.38 -8.66
N LEU A 18 37.90 4.62 -9.01
CA LEU A 18 36.58 5.21 -9.16
C LEU A 18 36.45 5.60 -10.62
N PRO A 19 35.22 5.61 -11.15
CA PRO A 19 34.97 6.17 -12.45
C PRO A 19 35.67 7.51 -12.57
N VAL A 20 35.92 7.87 -13.81
CA VAL A 20 36.75 9.06 -14.11
C VAL A 20 36.17 10.27 -13.36
N ARG A 21 34.89 10.62 -13.53
CA ARG A 21 34.36 11.87 -12.96
C ARG A 21 34.64 11.90 -11.45
N LEU A 22 34.50 10.75 -10.77
CA LEU A 22 34.67 10.67 -9.30
C LEU A 22 36.16 10.76 -9.01
N CYS A 23 36.95 10.04 -9.78
CA CYS A 23 38.43 10.01 -9.62
C CYS A 23 38.91 11.47 -9.63
N LYS A 24 38.37 12.30 -10.52
CA LYS A 24 38.86 13.70 -10.56
C LYS A 24 38.22 14.57 -9.48
N GLU A 25 36.89 14.56 -9.40
CA GLU A 25 36.15 15.47 -8.48
CA GLU A 25 36.12 15.42 -8.47
C GLU A 25 36.41 15.06 -7.00
N ILE A 26 36.85 13.85 -6.71
CA ILE A 26 37.04 13.46 -5.26
C ILE A 26 38.21 14.26 -4.67
N GLU A 27 39.05 14.86 -5.51
CA GLU A 27 40.28 15.56 -5.05
C GLU A 27 39.92 16.97 -4.63
N LEU A 28 38.80 17.46 -5.12
CA LEU A 28 38.31 18.82 -4.82
C LEU A 28 37.52 18.88 -3.49
N PHE A 29 37.61 20.03 -2.83
CA PHE A 29 36.99 20.25 -1.52
C PHE A 29 35.48 20.10 -1.64
N HIS A 30 34.88 20.54 -2.75
CA HIS A 30 33.40 20.68 -2.87
C HIS A 30 32.76 19.36 -3.36
N PHE A 31 33.52 18.27 -3.49
CA PHE A 31 32.98 16.99 -3.93
C PHE A 31 31.74 16.64 -3.10
N ASP A 32 30.66 16.20 -3.76
CA ASP A 32 29.49 15.56 -3.11
C ASP A 32 29.60 14.05 -3.35
N ILE A 33 29.50 13.20 -2.32
CA ILE A 33 29.76 11.74 -2.48
C ILE A 33 28.57 11.03 -3.20
N GLY A 34 27.45 11.72 -3.35
CA GLY A 34 26.38 11.21 -4.20
C GLY A 34 25.38 10.35 -3.44
N PRO A 35 24.28 9.98 -4.12
CA PRO A 35 23.18 9.26 -3.52
C PRO A 35 23.29 7.75 -3.58
N PHE A 36 24.39 7.18 -4.05
CA PHE A 36 24.57 5.71 -4.16
C PHE A 36 25.35 5.24 -2.95
N GLU A 37 24.57 4.95 -1.92
CA GLU A 37 25.00 4.54 -0.59
C GLU A 37 26.07 3.44 -0.69
N ASN A 38 25.84 2.47 -1.57
CA ASN A 38 26.68 1.27 -1.69
C ASN A 38 28.07 1.66 -2.21
N MET A 39 28.27 2.85 -2.73
CA MET A 39 29.61 3.27 -3.22
C MET A 39 30.42 3.99 -2.14
N TRP A 40 29.78 4.37 -1.03
CA TRP A 40 30.46 5.21 -0.02
C TRP A 40 31.63 4.46 0.64
N PRO A 41 31.51 3.15 0.94
CA PRO A 41 32.62 2.41 1.49
C PRO A 41 33.83 2.40 0.55
N GLY A 42 33.59 2.12 -0.73
CA GLY A 42 34.68 2.14 -1.72
C GLY A 42 35.34 3.53 -1.80
N ILE A 43 34.54 4.57 -1.71
CA ILE A 43 35.06 5.96 -1.76
C ILE A 43 36.04 6.18 -0.57
N PHE A 44 35.65 5.76 0.60
CA PHE A 44 36.43 5.92 1.84
C PHE A 44 37.72 5.13 1.76
N VAL A 45 37.66 3.89 1.29
CA VAL A 45 38.87 3.04 1.17
C VAL A 45 39.81 3.68 0.16
N TYR A 46 39.27 4.18 -0.94
CA TYR A 46 40.05 4.94 -1.94
C TYR A 46 40.83 6.06 -1.27
N MET A 47 40.15 6.79 -0.38
CA MET A 47 40.73 7.99 0.25
C MET A 47 41.81 7.54 1.26
N VAL A 48 41.57 6.51 2.05
CA VAL A 48 42.57 5.95 2.98
C VAL A 48 43.81 5.54 2.16
N HIS A 49 43.63 4.71 1.15
CA HIS A 49 44.76 4.20 0.33
C HIS A 49 45.59 5.34 -0.27
N ARG A 50 44.99 6.41 -0.79
CA ARG A 50 45.74 7.58 -1.35
C ARG A 50 46.30 8.51 -0.23
N SER A 51 45.58 8.69 0.87
CA SER A 51 45.91 9.61 1.97
C SER A 51 47.01 9.01 2.87
N CYS A 52 47.01 7.68 2.97
CA CYS A 52 47.70 6.94 4.04
C CYS A 52 48.60 5.88 3.41
N GLY A 53 48.05 5.11 2.48
CA GLY A 53 48.78 4.06 1.75
C GLY A 53 47.93 2.81 1.70
N THR A 54 48.25 1.89 0.79
CA THR A 54 47.54 0.59 0.70
C THR A 54 47.97 -0.38 1.82
N SER A 55 49.05 -0.03 2.51
CA SER A 55 49.75 -0.77 3.60
C SER A 55 49.24 -0.40 5.01
N CYS A 56 48.57 0.74 5.18
CA CYS A 56 48.15 1.31 6.50
C CYS A 56 47.28 0.32 7.27
N PHE A 57 46.38 -0.36 6.56
CA PHE A 57 45.32 -1.19 7.16
C PHE A 57 45.19 -2.45 6.32
N GLU A 58 44.84 -3.56 6.98
CA GLU A 58 44.54 -4.84 6.31
C GLU A 58 43.12 -4.68 5.74
N LEU A 59 42.98 -4.83 4.43
CA LEU A 59 41.74 -4.62 3.67
C LEU A 59 40.56 -5.29 4.35
N GLU A 60 40.69 -6.57 4.66
CA GLU A 60 39.59 -7.38 5.25
C GLU A 60 39.16 -6.75 6.58
N LYS A 61 40.11 -6.28 7.36
CA LYS A 61 39.79 -5.65 8.67
C LYS A 61 39.16 -4.28 8.46
N LEU A 62 39.68 -3.51 7.50
CA LEU A 62 39.16 -2.14 7.26
C LEU A 62 37.69 -2.25 6.85
N CME A 63 37.41 -3.17 5.96
CA CME A 63 36.07 -3.36 5.34
CB CME A 63 36.10 -4.35 4.21
SG CME A 63 36.72 -3.65 2.65
SD CME A 63 35.32 -2.19 2.19
CE CME A 63 34.39 -2.83 0.76
CZ CME A 63 34.31 -1.84 -0.37
OH CME A 63 33.46 -2.31 -1.42
C CME A 63 35.11 -3.71 6.46
O CME A 63 34.01 -3.15 6.49
N ARG A 64 35.57 -4.58 7.36
CA ARG A 64 34.71 -5.10 8.45
C ARG A 64 34.42 -3.95 9.43
N PHE A 65 35.41 -3.11 9.69
CA PHE A 65 35.29 -1.90 10.54
C PHE A 65 34.25 -0.94 9.92
N ILE A 66 34.47 -0.58 8.67
CA ILE A 66 33.58 0.35 7.88
C ILE A 66 32.16 -0.14 7.96
N MET A 67 31.95 -1.43 7.76
CA MET A 67 30.59 -2.01 7.71
C MET A 67 29.97 -1.98 9.10
N SER A 68 30.74 -2.20 10.16
CA SER A 68 30.20 -2.10 11.54
C SER A 68 29.94 -0.64 11.90
N VAL A 69 30.86 0.25 11.50
CA VAL A 69 30.63 1.73 11.72
C VAL A 69 29.31 2.08 11.03
N LYS A 70 29.12 1.69 9.77
CA LYS A 70 27.87 2.06 9.07
C LYS A 70 26.66 1.56 9.85
N LYS A 71 26.67 0.33 10.32
CA LYS A 71 25.56 -0.31 11.07
C LYS A 71 25.20 0.53 12.28
N ASN A 72 26.12 1.27 12.87
CA ASN A 72 25.97 1.95 14.17
C ASN A 72 25.61 3.44 14.03
N TYR A 73 25.45 3.93 12.80
CA TYR A 73 24.80 5.20 12.45
C TYR A 73 23.32 4.93 12.21
N ARG A 74 22.48 5.80 12.69
CA ARG A 74 21.01 5.64 12.64
C ARG A 74 20.44 6.36 11.43
N ARG A 75 19.16 6.09 11.16
CA ARG A 75 18.48 6.59 9.94
C ARG A 75 17.86 7.93 10.33
N VAL A 76 18.67 8.86 10.77
CA VAL A 76 18.22 10.24 11.09
C VAL A 76 18.46 11.13 9.84
N PRO A 77 17.79 12.30 9.73
CA PRO A 77 17.85 13.10 8.50
C PRO A 77 19.24 13.64 8.16
N TYR A 78 20.07 13.92 9.16
CA TYR A 78 21.33 14.66 8.95
C TYR A 78 22.50 13.88 9.51
N HIS A 79 22.50 13.58 10.81
CA HIS A 79 23.61 12.92 11.51
C HIS A 79 23.65 11.42 11.27
N ASN A 80 23.90 11.10 10.05
CA ASN A 80 23.78 9.74 9.46
C ASN A 80 25.09 9.39 8.78
N TRP A 81 25.12 8.19 8.24
CA TRP A 81 26.29 7.60 7.59
C TRP A 81 26.83 8.50 6.47
N LYS A 82 25.93 9.08 5.69
CA LYS A 82 26.27 10.05 4.62
C LYS A 82 27.09 11.21 5.21
N HIS A 83 26.60 11.77 6.32
CA HIS A 83 27.35 12.85 7.02
C HIS A 83 28.73 12.33 7.40
N ALA A 84 28.81 11.08 7.91
CA ALA A 84 30.10 10.53 8.40
C ALA A 84 31.12 10.60 7.24
N VAL A 85 30.68 10.15 6.06
CA VAL A 85 31.58 9.88 4.91
C VAL A 85 31.92 11.25 4.32
N THR A 86 30.98 12.18 4.33
CA THR A 86 31.16 13.56 3.80
C THR A 86 32.25 14.27 4.64
N VAL A 87 32.19 14.13 5.97
CA VAL A 87 33.18 14.75 6.91
C VAL A 87 34.56 14.13 6.67
N ALA A 88 34.61 12.80 6.47
CA ALA A 88 35.84 12.09 6.14
C ALA A 88 36.40 12.61 4.82
N HIS A 89 35.56 12.84 3.83
CA HIS A 89 36.11 13.33 2.55
C HIS A 89 36.70 14.73 2.70
N CYS A 90 36.05 15.65 3.40
CA CYS A 90 36.63 16.98 3.61
C CYS A 90 38.03 16.85 4.24
N MET A 91 38.20 15.93 5.23
CA MET A 91 39.50 15.73 5.91
C MET A 91 40.47 15.23 4.85
N TYR A 92 40.04 14.30 4.00
CA TYR A 92 40.92 13.74 2.95
C TYR A 92 41.44 14.90 2.07
N ALA A 93 40.57 15.84 1.70
CA ALA A 93 40.97 16.99 0.83
C ALA A 93 41.99 17.84 1.58
N ILE A 94 41.84 18.01 2.90
CA ILE A 94 42.81 18.84 3.66
C ILE A 94 44.15 18.09 3.66
N LEU A 95 44.10 16.81 3.95
CA LEU A 95 45.34 16.03 4.13
C LEU A 95 46.13 16.04 2.82
N GLN A 96 45.40 15.96 1.73
CA GLN A 96 45.99 15.78 0.39
C GLN A 96 46.54 17.12 -0.12
N ASN A 97 46.05 18.24 0.39
CA ASN A 97 46.50 19.61 0.05
C ASN A 97 47.59 20.11 1.01
N ASN A 98 47.92 19.33 2.06
CA ASN A 98 48.93 19.72 3.09
C ASN A 98 49.78 18.49 3.38
N HIS A 99 50.24 17.83 2.32
CA HIS A 99 50.89 16.48 2.26
C HIS A 99 51.77 16.29 3.50
N THR A 100 52.81 17.11 3.55
CA THR A 100 54.02 16.95 4.39
C THR A 100 53.82 17.51 5.80
N LEU A 101 52.69 18.14 6.11
CA LEU A 101 52.48 18.75 7.44
C LEU A 101 52.11 17.70 8.49
N PHE A 102 51.90 16.42 8.18
CA PHE A 102 51.15 15.53 9.11
C PHE A 102 51.81 14.17 9.24
N THR A 103 51.79 13.68 10.47
CA THR A 103 52.49 12.43 10.85
C THR A 103 51.75 11.28 10.17
N ASP A 104 52.37 10.11 10.16
CA ASP A 104 51.82 8.86 9.59
C ASP A 104 50.65 8.43 10.47
N LEU A 105 50.78 8.68 11.78
CA LEU A 105 49.75 8.35 12.78
C LEU A 105 48.56 9.29 12.58
N GLU A 106 48.83 10.57 12.38
CA GLU A 106 47.72 11.55 12.24
C GLU A 106 46.86 11.18 11.01
N ARG A 107 47.49 10.74 9.92
CA ARG A 107 46.81 10.48 8.63
C ARG A 107 45.87 9.29 8.83
N LYS A 108 46.41 8.23 9.46
CA LYS A 108 45.69 7.02 9.94
C LYS A 108 44.52 7.37 10.86
N GLY A 109 44.74 8.25 11.83
CA GLY A 109 43.77 8.51 12.89
C GLY A 109 42.63 9.38 12.43
N LEU A 110 42.93 10.41 11.66
CA LEU A 110 41.97 11.50 11.38
C LEU A 110 40.87 11.02 10.41
N LEU A 111 41.16 10.14 9.47
CA LEU A 111 40.08 9.73 8.53
C LEU A 111 39.12 8.82 9.29
N ILE A 112 39.67 7.98 10.18
CA ILE A 112 38.85 7.09 11.05
C ILE A 112 38.05 7.98 12.01
N ALA A 113 38.71 8.98 12.61
CA ALA A 113 38.05 9.88 13.59
C ALA A 113 36.81 10.45 12.91
N CYS A 114 36.97 10.85 11.66
CA CYS A 114 35.92 11.56 10.92
C CYS A 114 34.77 10.60 10.63
N LEU A 115 35.08 9.38 10.15
CA LEU A 115 34.07 8.33 9.86
C LEU A 115 33.29 8.00 11.14
N CYS A 116 33.96 8.04 12.31
CA CYS A 116 33.36 7.61 13.59
C CYS A 116 32.75 8.77 14.36
N HIS A 117 32.93 10.05 13.93
CA HIS A 117 32.81 11.22 14.86
C HIS A 117 31.37 11.39 15.38
N ASP A 118 30.37 10.85 14.69
CA ASP A 118 28.93 10.97 15.15
C ASP A 118 28.24 9.59 15.33
N LEU A 119 29.01 8.52 15.50
CA LEU A 119 28.51 7.15 15.77
C LEU A 119 27.33 7.16 16.76
N ASP A 120 26.22 6.58 16.31
CA ASP A 120 25.08 6.26 17.18
C ASP A 120 24.45 7.59 17.59
N HIS A 121 24.53 8.61 16.75
CA HIS A 121 23.83 9.89 16.98
C HIS A 121 22.33 9.65 16.91
N ARG A 122 21.56 10.34 17.74
CA ARG A 122 20.09 10.07 17.78
C ARG A 122 19.32 11.23 17.19
N GLY A 123 19.97 12.26 16.61
CA GLY A 123 19.27 13.41 16.02
C GLY A 123 18.87 14.46 17.06
N PHE A 124 19.56 14.46 18.20
CA PHE A 124 19.31 15.41 19.30
C PHE A 124 20.61 16.07 19.78
N SER A 125 20.48 17.33 20.21
CA SER A 125 21.61 18.09 20.83
C SER A 125 21.94 17.60 22.24
N ASN A 126 23.18 17.93 22.67
CA ASN A 126 23.63 17.68 24.06
C ASN A 126 22.62 18.37 25.00
N SER A 127 22.18 19.59 24.68
CA SER A 127 21.16 20.33 25.46
C SER A 127 19.96 19.45 25.71
N TYR A 128 19.43 18.80 24.66
CA TYR A 128 18.12 18.09 24.81
C TYR A 128 18.31 16.86 25.73
N LEU A 129 19.46 16.21 25.61
CA LEU A 129 19.82 15.04 26.43
C LEU A 129 19.79 15.50 27.89
N GLN A 130 20.34 16.69 28.17
CA GLN A 130 20.47 17.23 29.55
C GLN A 130 19.05 17.51 30.02
N LYS A 131 18.25 18.16 29.22
CA LYS A 131 16.89 18.52 29.67
C LYS A 131 15.97 17.31 29.79
N PHE A 132 16.17 16.30 28.98
CA PHE A 132 15.32 15.11 29.00
C PHE A 132 15.77 14.32 30.24
N ASP A 133 17.04 14.51 30.61
CA ASP A 133 17.69 13.78 31.72
C ASP A 133 18.07 12.38 31.25
N HIS A 134 18.72 12.30 30.09
CA HIS A 134 19.08 11.01 29.44
C HIS A 134 20.21 10.39 30.23
N PRO A 135 20.27 9.05 30.38
CA PRO A 135 21.40 8.43 31.04
C PRO A 135 22.76 8.92 30.53
N LEU A 136 22.90 9.14 29.22
CA LEU A 136 24.20 9.58 28.65
C LEU A 136 24.61 10.90 29.30
N ALA A 137 23.65 11.73 29.75
CA ALA A 137 23.94 13.06 30.34
C ALA A 137 24.47 12.85 31.75
N ALA A 138 24.15 11.72 32.38
CA ALA A 138 24.61 11.43 33.74
C ALA A 138 26.03 10.89 33.65
N LEU A 139 26.24 9.96 32.76
CA LEU A 139 27.58 9.43 32.47
C LEU A 139 28.57 10.50 31.93
N TYR A 140 28.14 11.47 31.11
CA TYR A 140 29.09 12.44 30.45
C TYR A 140 28.51 13.84 30.60
N SER A 141 29.01 14.63 31.55
CA SER A 141 28.42 15.94 31.90
C SER A 141 28.68 16.97 30.79
N THR A 142 29.82 16.96 30.12
CA THR A 142 30.06 17.88 28.98
C THR A 142 30.42 17.07 27.75
N SER A 143 30.13 17.68 26.60
CA SER A 143 30.35 17.07 25.27
C SER A 143 29.73 15.67 25.30
N THR A 144 28.48 15.59 25.80
CA THR A 144 27.75 14.34 26.15
C THR A 144 27.76 13.39 24.95
N MET A 145 27.27 13.84 23.79
CA MET A 145 27.16 12.88 22.67
C MET A 145 28.57 12.56 22.19
N GLU A 146 29.49 13.52 22.30
CA GLU A 146 30.85 13.37 21.70
C GLU A 146 31.61 12.31 22.46
N GLN A 147 31.43 12.24 23.77
CA GLN A 147 32.15 11.22 24.57
C GLN A 147 31.51 9.87 24.24
N HIS A 148 30.21 9.88 24.02
CA HIS A 148 29.50 8.69 23.52
C HIS A 148 30.09 8.24 22.20
N HIS A 149 30.26 9.14 21.23
CA HIS A 149 30.77 8.72 19.90
C HIS A 149 32.15 8.08 20.01
N PHE A 150 33.03 8.65 20.83
CA PHE A 150 34.37 8.04 21.04
C PHE A 150 34.25 6.62 21.67
N SER A 151 33.31 6.47 22.60
CA SER A 151 33.08 5.20 23.31
C SER A 151 32.63 4.15 22.30
N GLN A 152 31.76 4.54 21.36
CA GLN A 152 31.29 3.60 20.31
C GLN A 152 32.45 3.25 19.39
N THR A 153 33.37 4.16 19.14
CA THR A 153 34.53 3.88 18.26
C THR A 153 35.39 2.78 18.90
N VAL A 154 35.75 2.98 20.15
CA VAL A 154 36.52 2.00 20.94
C VAL A 154 35.76 0.67 20.96
N SER A 155 34.46 0.65 21.20
CA SER A 155 33.68 -0.60 21.18
C SER A 155 33.90 -1.35 19.87
N ILE A 156 33.90 -0.63 18.77
CA ILE A 156 33.87 -1.27 17.45
C ILE A 156 35.29 -1.73 17.16
N LEU A 157 36.26 -0.90 17.47
CA LEU A 157 37.70 -1.27 17.43
C LEU A 157 37.98 -2.55 18.25
N GLN A 158 37.12 -2.90 19.21
CA GLN A 158 37.35 -4.04 20.14
C GLN A 158 36.61 -5.30 19.68
N LEU A 159 35.74 -5.23 18.68
CA LEU A 159 35.09 -6.43 18.09
C LEU A 159 36.19 -7.28 17.45
N GLU A 160 35.99 -8.60 17.43
CA GLU A 160 36.90 -9.56 16.80
C GLU A 160 37.05 -9.22 15.33
N GLY A 161 38.29 -9.20 14.83
CA GLY A 161 38.58 -8.97 13.41
C GLY A 161 38.42 -7.52 13.00
N HIS A 162 38.22 -6.61 13.95
CA HIS A 162 38.02 -5.16 13.70
C HIS A 162 39.22 -4.31 14.14
N ASN A 163 40.29 -4.88 14.69
CA ASN A 163 41.38 -3.98 15.12
C ASN A 163 42.28 -3.62 13.92
N ILE A 164 41.98 -2.49 13.33
CA ILE A 164 42.61 -1.97 12.10
C ILE A 164 43.97 -1.42 12.49
N PHE A 165 44.23 -1.28 13.79
CA PHE A 165 45.48 -0.71 14.33
C PHE A 165 46.39 -1.81 14.86
N SER A 166 46.09 -3.08 14.51
CA SER A 166 46.70 -4.34 15.02
C SER A 166 48.22 -4.29 14.98
N THR A 167 48.79 -3.73 13.92
CA THR A 167 50.25 -3.66 13.65
C THR A 167 50.92 -2.51 14.43
N LEU A 168 50.19 -1.62 15.09
CA LEU A 168 50.84 -0.49 15.79
C LEU A 168 51.42 -1.04 17.09
N SER A 169 52.60 -0.60 17.47
CA SER A 169 53.09 -0.81 18.85
C SER A 169 52.03 -0.32 19.86
N SER A 170 52.18 -0.84 21.06
CA SER A 170 51.44 -0.39 22.25
C SER A 170 51.38 1.16 22.29
N SER A 171 52.52 1.81 22.04
CA SER A 171 52.81 3.27 22.11
C SER A 171 51.93 4.05 21.15
N GLU A 172 52.11 3.63 19.90
CA GLU A 172 51.54 4.20 18.67
C GLU A 172 50.02 4.05 18.76
N TYR A 173 49.57 2.87 19.18
CA TYR A 173 48.16 2.53 19.38
C TYR A 173 47.56 3.52 20.38
N GLU A 174 48.23 3.79 21.49
CA GLU A 174 47.71 4.72 22.52
C GLU A 174 47.67 6.15 21.95
N GLN A 175 48.73 6.56 21.26
CA GLN A 175 48.80 7.87 20.55
C GLN A 175 47.66 8.02 19.51
N VAL A 176 47.44 7.02 18.64
CA VAL A 176 46.41 7.11 17.57
C VAL A 176 45.06 7.25 18.28
N LEU A 177 44.80 6.51 19.39
CA LEU A 177 43.44 6.51 20.00
C LEU A 177 43.24 7.84 20.70
N GLU A 178 44.35 8.46 21.08
CA GLU A 178 44.35 9.80 21.69
C GLU A 178 44.15 10.91 20.62
N ILE A 179 44.78 10.81 19.44
CA ILE A 179 44.41 11.69 18.29
C ILE A 179 42.90 11.59 18.03
N ILE A 180 42.35 10.37 17.94
CA ILE A 180 40.92 10.16 17.60
C ILE A 180 40.05 10.76 18.70
N ARG A 181 40.47 10.66 19.95
CA ARG A 181 39.56 11.01 21.07
C ARG A 181 39.44 12.53 21.03
N LYS A 182 40.58 13.21 20.98
CA LYS A 182 40.59 14.69 20.95
C LYS A 182 39.86 15.16 19.69
N ALA A 183 40.09 14.48 18.57
CA ALA A 183 39.52 14.89 17.27
C ALA A 183 38.01 14.85 17.43
N ILE A 184 37.51 13.81 18.08
CA ILE A 184 36.04 13.60 18.16
C ILE A 184 35.49 14.62 19.16
N ILE A 185 36.15 14.81 20.30
CA ILE A 185 35.65 15.73 21.34
C ILE A 185 35.58 17.12 20.70
N ALA A 186 36.52 17.48 19.83
CA ALA A 186 36.59 18.83 19.19
C ALA A 186 35.34 19.13 18.36
N THR A 187 34.61 18.11 17.89
CA THR A 187 33.40 18.30 17.04
C THR A 187 32.22 18.83 17.86
N ASP A 188 32.43 18.95 19.16
CA ASP A 188 31.47 19.68 20.03
C ASP A 188 31.56 21.16 19.70
N LEU A 189 30.64 21.69 18.90
CA LEU A 189 30.77 23.12 18.48
C LEU A 189 30.89 24.08 19.69
N ALA A 190 30.36 23.77 20.88
CA ALA A 190 30.47 24.66 22.05
C ALA A 190 31.95 24.89 22.35
N LEU A 191 32.83 23.99 21.91
CA LEU A 191 34.27 24.04 22.23
C LEU A 191 34.99 24.84 21.15
N TYR A 192 34.33 25.01 20.03
CA TYR A 192 34.98 25.52 18.81
C TYR A 192 35.45 26.96 19.07
N PHE A 193 34.55 27.75 19.63
CA PHE A 193 34.68 29.23 19.86
C PHE A 193 35.98 29.58 20.58
N GLY A 194 36.21 29.03 21.75
CA GLY A 194 37.45 29.28 22.47
C GLY A 194 38.62 28.79 21.68
N ASN A 195 38.49 27.64 21.02
CA ASN A 195 39.64 26.97 20.36
C ASN A 195 40.14 27.88 19.24
N ARG A 196 39.22 28.39 18.45
CA ARG A 196 39.56 29.30 17.32
C ARG A 196 40.10 30.63 17.83
N LYS A 197 39.55 31.23 18.90
CA LYS A 197 40.04 32.52 19.48
C LYS A 197 41.49 32.32 19.85
N GLN A 198 41.84 31.18 20.43
CA GLN A 198 43.22 30.96 20.91
C GLN A 198 44.14 30.79 19.70
N LEU A 199 43.63 30.16 18.65
CA LEU A 199 44.43 29.87 17.45
C LEU A 199 44.66 31.20 16.75
N GLU A 200 43.63 32.03 16.74
CA GLU A 200 43.69 33.33 16.04
CA GLU A 200 43.63 33.38 16.09
C GLU A 200 44.78 34.15 16.75
N GLU A 201 44.73 34.25 18.08
CA GLU A 201 45.72 35.03 18.87
C GLU A 201 47.09 34.42 18.66
N MET A 202 47.25 33.09 18.72
CA MET A 202 48.58 32.43 18.60
C MET A 202 49.16 32.78 17.23
N TYR A 203 48.33 32.81 16.22
CA TYR A 203 48.79 33.05 14.84
C TYR A 203 49.25 34.51 14.69
N GLN A 204 48.46 35.48 15.15
CA GLN A 204 48.73 36.94 15.06
C GLN A 204 49.90 37.39 15.93
N THR A 205 50.07 36.82 17.12
CA THR A 205 51.23 37.08 18.01
C THR A 205 52.37 36.15 17.58
N GLY A 206 52.24 35.41 16.49
CA GLY A 206 53.37 34.62 15.96
C GLY A 206 53.89 33.50 16.86
N SER A 207 53.21 33.20 17.96
CA SER A 207 53.59 32.08 18.87
C SER A 207 53.19 30.70 18.33
N LEU A 208 52.38 30.60 17.27
CA LEU A 208 51.87 29.29 16.80
C LEU A 208 53.07 28.46 16.39
N ASN A 209 53.12 27.22 16.88
CA ASN A 209 54.27 26.33 16.66
C ASN A 209 53.80 24.89 16.48
N LEU A 210 53.97 24.33 15.29
CA LEU A 210 53.33 23.04 14.96
C LEU A 210 54.11 21.92 15.66
N ASN A 211 55.20 22.24 16.35
CA ASN A 211 55.99 21.25 17.13
C ASN A 211 55.50 21.22 18.57
N ASN A 212 54.76 22.21 18.98
CA ASN A 212 54.01 22.11 20.25
C ASN A 212 52.82 21.17 20.00
N GLN A 213 52.88 19.96 20.56
CA GLN A 213 51.74 19.01 20.54
C GLN A 213 50.43 19.72 20.95
N SER A 214 50.44 20.62 21.90
CA SER A 214 49.23 21.27 22.43
C SER A 214 48.68 22.22 21.35
N HIS A 215 49.56 22.69 20.46
CA HIS A 215 49.19 23.57 19.32
C HIS A 215 48.65 22.69 18.20
N ARG A 216 49.36 21.62 17.86
CA ARG A 216 48.85 20.63 16.88
C ARG A 216 47.43 20.20 17.25
N ASP A 217 47.23 19.79 18.50
CA ASP A 217 45.90 19.40 18.98
C ASP A 217 44.89 20.47 18.55
N ARG A 218 45.18 21.75 18.76
CA ARG A 218 44.17 22.81 18.55
C ARG A 218 43.87 22.94 17.06
N VAL A 219 44.89 22.79 16.25
CA VAL A 219 44.83 22.91 14.77
C VAL A 219 43.95 21.76 14.26
N ILE A 220 44.25 20.54 14.72
CA ILE A 220 43.40 19.37 14.39
C ILE A 220 41.98 19.59 14.90
N GLY A 221 41.82 20.22 16.03
CA GLY A 221 40.47 20.59 16.49
C GLY A 221 39.79 21.44 15.45
N LEU A 222 40.51 22.41 14.89
CA LEU A 222 39.88 23.40 13.98
C LEU A 222 39.53 22.70 12.67
N MET A 223 40.44 21.87 12.15
CA MET A 223 40.20 21.01 10.97
C MET A 223 38.90 20.23 11.17
N MET A 224 38.73 19.63 12.36
CA MET A 224 37.58 18.80 12.68
C MET A 224 36.34 19.67 12.56
N THR A 225 36.36 20.88 13.12
CA THR A 225 35.20 21.76 13.04
C THR A 225 34.95 22.00 11.54
N ALA A 226 36.02 22.27 10.78
CA ALA A 226 35.92 22.66 9.35
C ALA A 226 35.29 21.51 8.55
N CYS A 227 35.81 20.30 8.75
CA CYS A 227 35.24 19.09 8.11
C CYS A 227 33.78 18.89 8.52
N ASP A 228 33.51 18.99 9.82
CA ASP A 228 32.16 18.81 10.35
C ASP A 228 31.16 19.77 9.72
N LEU A 229 31.59 21.00 9.44
CA LEU A 229 30.67 22.05 8.96
C LEU A 229 30.62 22.09 7.42
N CYS A 230 31.35 21.18 6.77
CA CYS A 230 31.76 21.29 5.36
C CYS A 230 30.55 21.26 4.40
N SER A 231 29.34 21.00 4.87
CA SER A 231 28.12 21.14 4.01
C SER A 231 27.96 22.60 3.54
N VAL A 232 28.51 23.58 4.30
CA VAL A 232 28.39 25.02 3.93
C VAL A 232 29.48 25.41 2.91
N THR A 233 30.32 24.46 2.45
CA THR A 233 31.43 24.68 1.51
C THR A 233 31.18 23.93 0.21
N LYS A 234 29.94 23.48 0.03
CA LYS A 234 29.54 22.73 -1.18
C LYS A 234 28.95 23.70 -2.19
N LEU A 235 28.71 23.21 -3.37
CA LEU A 235 27.94 23.98 -4.37
C LEU A 235 26.56 24.27 -3.80
N TRP A 236 26.03 25.45 -4.14
CA TRP A 236 24.76 25.96 -3.55
C TRP A 236 23.66 24.89 -3.51
N PRO A 237 23.36 24.13 -4.59
CA PRO A 237 22.22 23.22 -4.56
C PRO A 237 22.39 22.09 -3.54
N VAL A 238 23.64 21.70 -3.25
CA VAL A 238 23.99 20.71 -2.16
C VAL A 238 23.78 21.36 -0.79
N THR A 239 24.39 22.53 -0.57
CA THR A 239 24.21 23.39 0.64
C THR A 239 22.72 23.64 0.97
N LYS A 240 21.97 24.05 -0.01
CA LYS A 240 20.57 24.40 0.21
C LYS A 240 19.79 23.14 0.65
N LEU A 241 20.03 21.98 0.05
CA LEU A 241 19.24 20.75 0.29
C LEU A 241 19.70 20.13 1.58
N THR A 242 20.96 20.20 1.93
CA THR A 242 21.48 19.74 3.24
C THR A 242 20.90 20.58 4.38
N ALA A 243 20.73 21.90 4.21
CA ALA A 243 20.06 22.74 5.24
C ALA A 243 18.70 22.15 5.58
N ASN A 244 17.97 21.64 4.59
CA ASN A 244 16.64 21.01 4.83
C ASN A 244 16.78 19.88 5.86
N ASP A 245 17.84 19.08 5.74
CA ASP A 245 18.04 17.86 6.54
C ASP A 245 18.36 18.29 7.97
N ILE A 246 19.25 19.27 8.11
CA ILE A 246 19.74 19.65 9.46
C ILE A 246 18.55 20.27 10.20
N TYR A 247 17.70 21.01 9.52
CA TYR A 247 16.54 21.64 10.20
C TYR A 247 15.48 20.56 10.48
N ALA A 248 15.36 19.51 9.66
CA ALA A 248 14.40 18.41 9.92
C ALA A 248 14.71 17.86 11.31
N GLU A 249 15.98 17.73 11.64
CA GLU A 249 16.34 17.23 13.00
C GLU A 249 16.02 18.29 14.04
N PHE A 250 16.41 19.53 13.78
CA PHE A 250 16.32 20.59 14.81
C PHE A 250 14.86 20.80 15.17
N TRP A 251 13.98 20.81 14.19
CA TRP A 251 12.53 21.03 14.39
C TRP A 251 11.87 19.86 15.13
N ALA A 252 12.27 18.60 14.90
CA ALA A 252 11.85 17.44 15.71
C ALA A 252 12.32 17.66 17.13
N GLU A 253 13.54 18.16 17.32
CA GLU A 253 14.05 18.38 18.70
C GLU A 253 13.23 19.51 19.33
N GLY A 254 12.90 20.51 18.54
CA GLY A 254 12.00 21.57 19.01
C GLY A 254 10.71 21.00 19.53
N ASP A 255 10.08 20.14 18.73
CA ASP A 255 8.81 19.45 19.04
C ASP A 255 8.98 18.72 20.39
N GLU A 256 10.10 18.03 20.57
CA GLU A 256 10.43 17.26 21.80
C GLU A 256 10.60 18.22 22.98
N MET A 257 11.18 19.41 22.75
CA MET A 257 11.28 20.47 23.80
C MET A 257 9.87 20.87 24.22
N LYS A 258 8.98 21.14 23.27
CA LYS A 258 7.61 21.57 23.58
C LYS A 258 6.92 20.52 24.45
N LYS A 259 7.20 19.25 24.24
CA LYS A 259 6.58 18.13 24.98
C LYS A 259 7.13 18.05 26.38
N LEU A 260 8.34 18.49 26.65
CA LEU A 260 8.84 18.60 28.02
C LEU A 260 8.36 19.87 28.72
N GLY A 261 7.69 20.76 27.99
CA GLY A 261 7.08 21.99 28.52
C GLY A 261 8.06 23.13 28.38
N ILE A 262 8.87 23.13 27.32
CA ILE A 262 9.97 24.10 27.13
C ILE A 262 9.83 24.68 25.70
N GLN A 263 9.62 26.00 25.58
CA GLN A 263 9.72 26.73 24.30
C GLN A 263 11.13 26.48 23.83
N PRO A 264 11.32 25.89 22.66
CA PRO A 264 12.67 25.77 22.14
C PRO A 264 13.19 27.13 21.63
N ILE A 265 14.49 27.27 21.47
CA ILE A 265 15.06 28.41 20.68
C ILE A 265 14.47 28.44 19.26
N PRO A 266 14.48 29.62 18.61
CA PRO A 266 13.86 29.76 17.29
C PRO A 266 14.49 28.80 16.24
N MET A 267 15.80 28.59 16.35
CA MET A 267 16.50 27.68 15.40
C MET A 267 15.80 26.30 15.37
N MET A 268 15.07 25.91 16.41
CA MET A 268 14.47 24.55 16.53
C MET A 268 12.95 24.61 16.51
N ASP A 269 12.37 25.79 16.28
CA ASP A 269 10.91 25.98 16.31
C ASP A 269 10.43 26.00 14.86
N ARG A 270 9.70 24.99 14.44
CA ARG A 270 9.30 24.82 13.02
C ARG A 270 8.31 25.94 12.68
N ASP A 271 7.76 26.61 13.69
CA ASP A 271 6.83 27.75 13.53
C ASP A 271 7.56 28.99 13.03
N LYS A 272 8.89 29.02 13.18
CA LYS A 272 9.77 30.17 12.80
C LYS A 272 10.67 29.78 11.64
N LYS A 273 10.16 28.87 10.78
CA LYS A 273 10.71 28.42 9.48
C LYS A 273 11.14 29.61 8.61
N ASP A 274 10.21 30.57 8.50
CA ASP A 274 10.30 31.81 7.68
C ASP A 274 11.66 32.48 7.91
N GLU A 275 12.29 32.34 9.09
CA GLU A 275 13.55 33.06 9.47
C GLU A 275 14.80 32.20 9.20
N VAL A 276 14.65 31.13 8.42
CA VAL A 276 15.80 30.24 8.13
C VAL A 276 16.88 31.10 7.50
N PRO A 277 16.57 31.83 6.40
CA PRO A 277 17.59 32.62 5.71
C PRO A 277 18.46 33.50 6.59
N GLN A 278 17.82 34.21 7.51
CA GLN A 278 18.48 35.19 8.39
C GLN A 278 19.32 34.40 9.40
N GLY A 279 18.75 33.30 9.91
CA GLY A 279 19.46 32.39 10.82
C GLY A 279 20.73 31.80 10.20
N GLN A 280 20.66 31.39 8.94
CA GLN A 280 21.90 30.89 8.22
C GLN A 280 22.97 32.01 8.14
N LEU A 281 22.53 33.23 7.85
CA LEU A 281 23.42 34.43 7.81
C LEU A 281 24.23 34.56 9.11
N GLY A 282 23.54 34.48 10.28
CA GLY A 282 24.21 34.59 11.61
C GLY A 282 25.29 33.56 11.75
N PHE A 283 24.96 32.35 11.28
CA PHE A 283 25.79 31.14 11.45
C PHE A 283 27.03 31.27 10.56
N TYR A 284 26.84 31.73 9.34
CA TYR A 284 27.97 32.00 8.41
C TYR A 284 28.86 33.06 9.08
N ASN A 285 28.25 34.15 9.57
CA ASN A 285 29.02 35.30 10.19
C ASN A 285 29.68 34.83 11.51
N ALA A 286 28.90 34.22 12.42
CA ALA A 286 29.38 33.85 13.78
C ALA A 286 30.30 32.63 13.79
N VAL A 287 30.13 31.67 12.85
CA VAL A 287 30.86 30.35 13.00
C VAL A 287 31.67 29.98 11.76
N ALA A 288 30.95 29.79 10.66
CA ALA A 288 31.51 29.19 9.43
C ALA A 288 32.65 30.08 8.87
N ILE A 289 32.38 31.35 8.60
CA ILE A 289 33.40 32.25 7.94
C ILE A 289 34.63 32.35 8.85
N PRO A 290 34.50 32.70 10.13
CA PRO A 290 35.66 32.69 11.06
C PRO A 290 36.45 31.37 11.12
N CYS A 291 35.69 30.26 11.10
CA CYS A 291 36.29 28.91 11.10
C CYS A 291 37.26 28.74 9.91
N TYR A 292 36.72 28.88 8.71
CA TYR A 292 37.49 28.67 7.45
C TYR A 292 38.52 29.78 7.24
N THR A 293 38.25 30.97 7.78
CA THR A 293 39.23 32.10 7.74
C THR A 293 40.49 31.74 8.56
N THR A 294 40.34 31.41 9.85
CA THR A 294 41.47 30.99 10.71
C THR A 294 42.11 29.73 10.10
N LEU A 295 41.31 28.82 9.51
CA LEU A 295 41.93 27.59 8.97
C LEU A 295 42.81 27.97 7.78
N THR A 296 42.38 28.92 6.97
CA THR A 296 43.18 29.34 5.78
C THR A 296 44.50 30.03 6.20
N GLN A 297 44.47 30.81 7.26
CA GLN A 297 45.67 31.51 7.81
C GLN A 297 46.67 30.49 8.25
N ILE A 298 46.20 29.40 8.86
CA ILE A 298 47.13 28.36 9.40
C ILE A 298 47.51 27.41 8.27
N LEU A 299 46.60 27.12 7.35
CA LEU A 299 46.82 26.10 6.28
C LEU A 299 46.36 26.72 4.97
N PRO A 300 47.22 27.55 4.35
CA PRO A 300 46.87 28.28 3.16
C PRO A 300 46.16 27.45 2.11
N PRO A 301 46.62 26.24 1.74
CA PRO A 301 45.91 25.46 0.71
C PRO A 301 44.44 25.09 1.01
N THR A 302 43.88 25.42 2.19
CA THR A 302 42.48 25.10 2.49
C THR A 302 41.61 26.26 2.01
N GLU A 303 42.17 27.15 1.23
CA GLU A 303 41.42 28.42 0.98
C GLU A 303 40.15 28.20 0.16
N PRO A 304 40.10 27.18 -0.72
CA PRO A 304 38.84 26.90 -1.43
C PRO A 304 37.63 26.74 -0.48
N LEU A 305 37.82 26.21 0.73
CA LEU A 305 36.71 26.03 1.71
C LEU A 305 36.19 27.40 2.11
N LEU A 306 37.07 28.37 2.35
CA LEU A 306 36.62 29.76 2.68
C LEU A 306 35.86 30.37 1.50
N LYS A 307 36.42 30.21 0.32
CA LYS A 307 35.84 30.80 -0.92
C LYS A 307 34.43 30.21 -1.14
N ALA A 308 34.29 28.89 -0.98
CA ALA A 308 32.98 28.22 -1.22
C ALA A 308 32.00 28.66 -0.13
N CYS A 309 32.48 28.83 1.09
CA CYS A 309 31.63 29.29 2.22
C CYS A 309 31.12 30.70 1.93
N ARG A 310 32.03 31.56 1.48
CA ARG A 310 31.69 32.98 1.17
C ARG A 310 30.61 32.99 0.09
N ASP A 311 30.82 32.13 -0.90
CA ASP A 311 29.87 31.97 -2.04
C ASP A 311 28.47 31.67 -1.50
N ASN A 312 28.38 30.76 -0.51
CA ASN A 312 27.06 30.30 0.01
C ASN A 312 26.45 31.43 0.88
N LEU A 313 27.26 32.20 1.62
CA LEU A 313 26.72 33.35 2.43
C LEU A 313 26.00 34.26 1.43
N SER A 314 26.62 34.44 0.28
CA SER A 314 26.07 35.42 -0.68
C SER A 314 24.79 34.86 -1.31
N GLN A 315 24.71 33.57 -1.52
CA GLN A 315 23.43 32.92 -1.95
C GLN A 315 22.33 33.14 -0.89
N TRP A 316 22.67 33.09 0.41
CA TRP A 316 21.64 33.29 1.48
C TRP A 316 21.24 34.78 1.51
N GLU A 317 22.20 35.66 1.27
CA GLU A 317 21.84 37.10 1.09
C GLU A 317 20.88 37.24 -0.08
N LYS A 318 21.15 36.55 -1.19
CA LYS A 318 20.20 36.54 -2.32
C LYS A 318 18.84 36.03 -1.85
N VAL A 319 18.78 34.98 -1.05
CA VAL A 319 17.45 34.42 -0.72
C VAL A 319 16.64 35.50 0.00
N ILE A 320 17.30 36.20 0.89
CA ILE A 320 16.63 37.22 1.74
C ILE A 320 16.03 38.30 0.84
N ARG A 321 16.83 38.84 -0.08
CA ARG A 321 16.41 39.92 -1.04
C ARG A 321 15.34 39.43 -2.03
N GLY A 322 14.78 38.26 -1.85
CA GLY A 322 13.78 37.73 -2.80
C GLY A 322 14.32 37.61 -4.22
N GLU A 323 15.65 37.58 -4.42
CA GLU A 323 16.35 37.24 -5.71
C GLU A 323 16.45 35.70 -5.88
N GLU A 324 15.74 34.97 -5.00
CA GLU A 324 15.55 33.48 -4.97
C GLU A 324 15.07 33.07 -3.56
N GLN B 11 1.19 -33.48 -1.93
CA GLN B 11 0.81 -32.06 -2.25
C GLN B 11 0.44 -31.95 -3.75
N GLY B 12 0.67 -30.79 -4.40
CA GLY B 12 0.47 -30.57 -5.86
C GLY B 12 -0.99 -30.34 -6.28
N LEU B 13 -1.96 -30.89 -5.54
CA LEU B 13 -3.41 -30.53 -5.62
C LEU B 13 -3.70 -29.43 -4.56
N MET B 14 -2.75 -28.50 -4.41
CA MET B 14 -2.91 -27.20 -3.70
C MET B 14 -3.17 -26.09 -4.74
N GLN B 15 -4.43 -25.83 -5.06
CA GLN B 15 -4.79 -24.55 -5.72
C GLN B 15 -4.54 -23.44 -4.68
N PHE B 16 -3.85 -22.36 -5.06
CA PHE B 16 -3.93 -21.10 -4.29
C PHE B 16 -5.29 -20.45 -4.50
N THR B 17 -5.82 -19.83 -3.46
CA THR B 17 -7.18 -19.23 -3.47
C THR B 17 -7.10 -17.79 -2.95
N LEU B 18 -8.00 -16.95 -3.38
CA LEU B 18 -7.98 -15.56 -2.93
C LEU B 18 -9.31 -15.26 -2.29
N PRO B 19 -9.35 -14.28 -1.35
CA PRO B 19 -10.63 -13.78 -0.88
C PRO B 19 -11.58 -13.49 -2.07
N VAL B 20 -12.88 -13.53 -1.83
CA VAL B 20 -13.91 -13.40 -2.90
C VAL B 20 -13.59 -12.12 -3.68
N ARG B 21 -13.49 -10.95 -3.05
CA ARG B 21 -13.36 -9.69 -3.81
C ARG B 21 -12.08 -9.72 -4.67
N LEU B 22 -10.98 -10.32 -4.23
CA LEU B 22 -9.73 -10.32 -5.02
C LEU B 22 -9.94 -11.27 -6.21
N CYS B 23 -10.50 -12.45 -5.93
CA CYS B 23 -10.65 -13.53 -6.94
CA CYS B 23 -10.71 -13.54 -6.91
C CYS B 23 -11.34 -12.94 -8.17
N LYS B 24 -12.36 -12.09 -7.98
CA LYS B 24 -13.23 -11.55 -9.05
C LYS B 24 -12.60 -10.32 -9.72
N GLU B 25 -12.00 -9.41 -8.93
CA GLU B 25 -11.34 -8.17 -9.38
C GLU B 25 -10.03 -8.50 -10.13
N ILE B 26 -9.32 -9.56 -9.76
CA ILE B 26 -7.93 -9.76 -10.27
C ILE B 26 -7.99 -9.94 -11.79
N GLU B 27 -9.16 -10.33 -12.28
CA GLU B 27 -9.34 -10.71 -13.69
C GLU B 27 -9.57 -9.43 -14.48
N LEU B 28 -9.78 -8.29 -13.84
CA LEU B 28 -9.99 -6.96 -14.49
C LEU B 28 -8.63 -6.27 -14.68
N PHE B 29 -8.47 -5.52 -15.78
CA PHE B 29 -7.18 -4.87 -16.10
C PHE B 29 -6.91 -3.82 -15.03
N HIS B 30 -7.95 -3.21 -14.45
CA HIS B 30 -7.78 -2.04 -13.55
C HIS B 30 -7.61 -2.47 -12.08
N PHE B 31 -7.36 -3.75 -11.82
CA PHE B 31 -7.15 -4.27 -10.46
C PHE B 31 -5.95 -3.56 -9.82
N ASP B 32 -6.11 -3.11 -8.57
CA ASP B 32 -5.04 -2.63 -7.69
C ASP B 32 -4.73 -3.77 -6.72
N ILE B 33 -3.45 -4.08 -6.54
CA ILE B 33 -3.05 -5.27 -5.74
C ILE B 33 -3.14 -4.97 -4.24
N GLY B 34 -3.39 -3.72 -3.88
CA GLY B 34 -3.66 -3.37 -2.51
C GLY B 34 -2.39 -3.11 -1.69
N PRO B 35 -2.60 -2.66 -0.44
CA PRO B 35 -1.51 -2.23 0.44
C PRO B 35 -0.93 -3.29 1.38
N PHE B 36 -1.48 -4.49 1.37
CA PHE B 36 -0.92 -5.59 2.18
C PHE B 36 0.21 -6.27 1.41
N GLU B 37 1.46 -5.87 1.67
CA GLU B 37 2.65 -6.44 0.99
C GLU B 37 2.70 -7.96 1.13
N ASN B 38 2.30 -8.52 2.29
CA ASN B 38 2.39 -9.99 2.57
C ASN B 38 1.38 -10.79 1.71
N MET B 39 0.39 -10.14 1.11
CA MET B 39 -0.49 -10.82 0.14
C MET B 39 0.05 -10.84 -1.30
N TRP B 40 0.99 -9.98 -1.65
CA TRP B 40 1.44 -9.91 -3.07
C TRP B 40 2.03 -11.25 -3.54
N PRO B 41 2.94 -11.96 -2.81
CA PRO B 41 3.48 -13.23 -3.29
C PRO B 41 2.41 -14.25 -3.62
N GLY B 42 1.39 -14.32 -2.79
CA GLY B 42 0.33 -15.31 -2.98
C GLY B 42 -0.44 -14.97 -4.21
N ILE B 43 -0.70 -13.69 -4.43
CA ILE B 43 -1.37 -13.12 -5.65
C ILE B 43 -0.58 -13.50 -6.92
N PHE B 44 0.72 -13.30 -6.91
CA PHE B 44 1.56 -13.66 -8.08
C PHE B 44 1.49 -15.19 -8.36
N VAL B 45 1.70 -16.00 -7.33
CA VAL B 45 1.61 -17.49 -7.45
C VAL B 45 0.25 -17.90 -8.00
N TYR B 46 -0.83 -17.34 -7.48
CA TYR B 46 -2.21 -17.52 -8.03
C TYR B 46 -2.21 -17.21 -9.53
N MET B 47 -1.60 -16.08 -9.93
CA MET B 47 -1.54 -15.66 -11.36
C MET B 47 -0.77 -16.71 -12.16
N VAL B 48 0.34 -17.19 -11.64
CA VAL B 48 1.15 -18.18 -12.36
C VAL B 48 0.32 -19.47 -12.53
N HIS B 49 -0.47 -19.84 -11.55
CA HIS B 49 -1.14 -21.16 -11.51
C HIS B 49 -2.23 -21.14 -12.57
N ARG B 50 -3.08 -20.14 -12.52
CA ARG B 50 -4.21 -19.92 -13.47
C ARG B 50 -3.71 -19.58 -14.87
N SER B 51 -2.45 -19.23 -15.05
CA SER B 51 -1.99 -18.61 -16.31
C SER B 51 -1.20 -19.62 -17.08
N CYS B 52 -0.29 -20.31 -16.42
CA CYS B 52 0.39 -21.37 -17.20
C CYS B 52 0.24 -22.74 -16.53
N GLY B 53 -0.26 -22.85 -15.30
CA GLY B 53 -0.52 -24.14 -14.64
C GLY B 53 0.15 -24.34 -13.28
N THR B 54 -0.49 -25.19 -12.46
CA THR B 54 -0.04 -25.77 -11.16
C THR B 54 1.33 -26.45 -11.28
N SER B 55 1.59 -26.94 -12.48
CA SER B 55 2.70 -27.85 -12.85
C SER B 55 3.87 -27.07 -13.45
N CYS B 56 3.67 -25.79 -13.81
CA CYS B 56 4.64 -24.94 -14.53
C CYS B 56 5.95 -24.87 -13.72
N PHE B 57 5.83 -24.83 -12.39
CA PHE B 57 6.94 -24.54 -11.44
C PHE B 57 6.72 -25.35 -10.16
N GLU B 58 7.79 -25.89 -9.63
CA GLU B 58 7.81 -26.53 -8.30
C GLU B 58 7.58 -25.41 -7.27
N LEU B 59 6.51 -25.53 -6.49
CA LEU B 59 6.06 -24.48 -5.59
C LEU B 59 7.16 -24.04 -4.65
N GLU B 60 7.91 -24.96 -4.07
CA GLU B 60 8.96 -24.58 -3.11
C GLU B 60 9.93 -23.63 -3.79
N LYS B 61 10.52 -24.03 -4.92
CA LYS B 61 11.49 -23.22 -5.72
C LYS B 61 10.84 -21.88 -6.15
N LEU B 62 9.62 -21.89 -6.63
CA LEU B 62 8.95 -20.63 -7.03
C LEU B 62 8.92 -19.64 -5.87
N CME B 63 8.56 -20.13 -4.69
CA CME B 63 8.31 -19.31 -3.51
CB CME B 63 7.52 -20.07 -2.46
SG CME B 63 5.71 -20.07 -2.63
SD CME B 63 5.36 -17.99 -2.37
CE CME B 63 4.79 -17.63 -0.68
CZ CME B 63 3.32 -17.80 -0.45
OH CME B 63 3.14 -18.54 0.73
C CME B 63 9.66 -18.79 -3.04
O CME B 63 9.74 -17.64 -2.55
N ARG B 64 10.69 -19.58 -3.22
CA ARG B 64 12.07 -19.20 -2.82
C ARG B 64 12.56 -18.10 -3.80
N PHE B 65 12.35 -18.31 -5.09
CA PHE B 65 12.62 -17.32 -6.17
C PHE B 65 11.95 -15.97 -5.82
N ILE B 66 10.64 -16.03 -5.61
CA ILE B 66 9.80 -14.83 -5.33
C ILE B 66 10.40 -14.07 -4.16
N MET B 67 10.78 -14.75 -3.08
CA MET B 67 11.20 -14.04 -1.85
C MET B 67 12.55 -13.38 -2.09
N SER B 68 13.45 -14.04 -2.81
CA SER B 68 14.78 -13.49 -3.20
C SER B 68 14.62 -12.29 -4.16
N VAL B 69 13.63 -12.30 -5.03
CA VAL B 69 13.30 -11.16 -5.94
C VAL B 69 12.86 -9.99 -5.08
N LYS B 70 11.94 -10.24 -4.15
CA LYS B 70 11.34 -9.18 -3.33
C LYS B 70 12.48 -8.43 -2.60
N LYS B 71 13.39 -9.19 -2.04
CA LYS B 71 14.53 -8.76 -1.21
C LYS B 71 15.47 -7.90 -2.05
N ASN B 72 15.52 -8.11 -3.34
CA ASN B 72 16.44 -7.35 -4.24
C ASN B 72 15.74 -6.18 -4.93
N TYR B 73 14.53 -5.83 -4.51
CA TYR B 73 13.89 -4.54 -4.79
C TYR B 73 14.15 -3.60 -3.61
N ARG B 74 14.32 -2.32 -3.88
CA ARG B 74 14.61 -1.31 -2.85
C ARG B 74 13.34 -0.57 -2.47
N ARG B 75 13.48 0.21 -1.43
CA ARG B 75 12.40 0.94 -0.77
C ARG B 75 12.42 2.32 -1.33
N VAL B 76 12.10 2.40 -2.60
CA VAL B 76 12.03 3.63 -3.39
C VAL B 76 10.55 3.92 -3.59
N PRO B 77 10.22 5.19 -3.88
CA PRO B 77 8.82 5.59 -3.97
C PRO B 77 8.00 4.89 -5.04
N TYR B 78 8.59 4.51 -6.16
CA TYR B 78 7.85 3.94 -7.31
C TYR B 78 8.45 2.63 -7.80
N HIS B 79 9.75 2.51 -8.11
CA HIS B 79 10.33 1.28 -8.72
C HIS B 79 10.62 0.24 -7.63
N ASN B 80 9.55 -0.15 -6.98
CA ASN B 80 9.60 -1.04 -5.80
C ASN B 80 8.87 -2.34 -6.12
N TRP B 81 8.82 -3.19 -5.11
CA TRP B 81 8.26 -4.53 -5.21
C TRP B 81 6.80 -4.41 -5.65
N LYS B 82 6.13 -3.39 -5.16
CA LYS B 82 4.72 -3.18 -5.50
C LYS B 82 4.56 -2.99 -7.00
N HIS B 83 5.46 -2.20 -7.63
CA HIS B 83 5.44 -1.91 -9.09
C HIS B 83 5.74 -3.24 -9.76
N ALA B 84 6.71 -4.02 -9.27
CA ALA B 84 7.00 -5.33 -9.92
C ALA B 84 5.72 -6.16 -10.06
N VAL B 85 4.92 -6.25 -9.00
CA VAL B 85 3.81 -7.24 -8.95
C VAL B 85 2.66 -6.67 -9.78
N THR B 86 2.51 -5.36 -9.71
CA THR B 86 1.51 -4.62 -10.49
C THR B 86 1.71 -4.84 -11.97
N VAL B 87 2.93 -4.84 -12.43
CA VAL B 87 3.26 -5.01 -13.88
C VAL B 87 3.01 -6.47 -14.24
N ALA B 88 3.37 -7.41 -13.38
CA ALA B 88 3.07 -8.85 -13.59
C ALA B 88 1.55 -9.01 -13.66
N HIS B 89 0.77 -8.33 -12.81
CA HIS B 89 -0.69 -8.52 -12.83
C HIS B 89 -1.24 -8.05 -14.20
N CYS B 90 -0.77 -6.91 -14.73
CA CYS B 90 -1.22 -6.44 -16.06
C CYS B 90 -0.89 -7.51 -17.08
N MET B 91 0.29 -8.14 -17.00
CA MET B 91 0.70 -9.13 -18.00
C MET B 91 -0.22 -10.34 -17.83
N TYR B 92 -0.58 -10.67 -16.60
CA TYR B 92 -1.52 -11.77 -16.30
C TYR B 92 -2.82 -11.48 -17.07
N ALA B 93 -3.34 -10.27 -16.96
CA ALA B 93 -4.63 -9.88 -17.58
C ALA B 93 -4.58 -10.07 -19.08
N ILE B 94 -3.50 -9.61 -19.69
CA ILE B 94 -3.30 -9.68 -21.17
C ILE B 94 -3.31 -11.15 -21.57
N LEU B 95 -2.47 -11.94 -20.94
CA LEU B 95 -2.33 -13.40 -21.24
C LEU B 95 -3.65 -14.12 -21.00
N GLN B 96 -4.39 -13.79 -19.92
CA GLN B 96 -5.68 -14.47 -19.65
C GLN B 96 -6.68 -14.13 -20.75
N ASN B 97 -6.71 -12.91 -21.31
CA ASN B 97 -7.63 -12.52 -22.40
C ASN B 97 -7.09 -12.79 -23.82
N ASN B 98 -5.90 -13.36 -23.98
CA ASN B 98 -5.40 -13.78 -25.30
C ASN B 98 -4.77 -15.16 -25.18
N HIS B 99 -5.45 -16.12 -24.54
CA HIS B 99 -4.69 -17.27 -23.95
C HIS B 99 -4.15 -18.20 -25.05
N THR B 100 -4.77 -18.22 -26.22
CA THR B 100 -4.36 -19.10 -27.35
C THR B 100 -3.13 -18.58 -28.10
N LEU B 101 -2.83 -17.28 -28.04
CA LEU B 101 -1.74 -16.66 -28.86
C LEU B 101 -0.34 -17.09 -28.39
N PHE B 102 -0.16 -17.48 -27.15
CA PHE B 102 1.19 -17.58 -26.53
C PHE B 102 1.56 -19.02 -26.20
N THR B 103 2.82 -19.33 -26.42
CA THR B 103 3.43 -20.63 -26.16
C THR B 103 3.60 -20.81 -24.66
N ASP B 104 3.83 -22.05 -24.29
CA ASP B 104 3.90 -22.46 -22.87
C ASP B 104 5.01 -21.60 -22.22
N LEU B 105 6.16 -21.57 -22.90
CA LEU B 105 7.41 -20.91 -22.47
C LEU B 105 7.20 -19.41 -22.34
N GLU B 106 6.44 -18.82 -23.24
CA GLU B 106 6.16 -17.37 -23.22
C GLU B 106 5.34 -17.07 -21.96
N ARG B 107 4.32 -17.89 -21.66
CA ARG B 107 3.47 -17.68 -20.45
C ARG B 107 4.35 -17.75 -19.18
N LYS B 108 5.33 -18.65 -19.17
CA LYS B 108 6.29 -18.83 -18.03
C LYS B 108 7.24 -17.63 -17.93
N GLY B 109 7.90 -17.32 -19.05
CA GLY B 109 8.88 -16.24 -19.25
C GLY B 109 8.31 -14.87 -18.90
N LEU B 110 7.10 -14.54 -19.31
CA LEU B 110 6.62 -13.15 -19.26
C LEU B 110 6.20 -12.78 -17.83
N LEU B 111 5.56 -13.67 -17.08
CA LEU B 111 5.18 -13.31 -15.68
C LEU B 111 6.46 -13.16 -14.85
N ILE B 112 7.46 -13.99 -15.09
CA ILE B 112 8.79 -13.88 -14.40
C ILE B 112 9.49 -12.59 -14.84
N ALA B 113 9.43 -12.29 -16.13
CA ALA B 113 10.09 -11.11 -16.73
C ALA B 113 9.53 -9.87 -16.02
N CYS B 114 8.21 -9.82 -15.88
CA CYS B 114 7.49 -8.69 -15.27
C CYS B 114 7.95 -8.49 -13.82
N LEU B 115 8.04 -9.60 -13.07
CA LEU B 115 8.34 -9.58 -11.63
C LEU B 115 9.77 -9.09 -11.43
N CYS B 116 10.68 -9.46 -12.29
CA CYS B 116 12.13 -9.16 -12.23
C CYS B 116 12.51 -7.87 -12.97
N HIS B 117 11.60 -7.25 -13.72
CA HIS B 117 11.98 -6.23 -14.75
C HIS B 117 12.60 -4.97 -14.14
N ASP B 118 12.40 -4.68 -12.87
CA ASP B 118 13.04 -3.46 -12.31
C ASP B 118 14.01 -3.81 -11.17
N LEU B 119 14.41 -5.08 -11.08
CA LEU B 119 15.26 -5.62 -9.99
C LEU B 119 16.40 -4.65 -9.64
N ASP B 120 16.45 -4.22 -8.37
CA ASP B 120 17.58 -3.49 -7.78
C ASP B 120 17.65 -2.08 -8.40
N HIS B 121 16.52 -1.60 -8.91
CA HIS B 121 16.28 -0.18 -9.21
C HIS B 121 16.67 0.65 -8.01
N ARG B 122 17.30 1.81 -8.26
CA ARG B 122 17.83 2.74 -7.24
C ARG B 122 17.00 4.00 -7.21
N GLY B 123 16.03 4.13 -8.11
CA GLY B 123 15.12 5.31 -8.16
C GLY B 123 15.60 6.36 -9.18
N PHE B 124 16.61 6.01 -9.99
CA PHE B 124 17.26 6.98 -10.91
C PHE B 124 17.20 6.47 -12.33
N SER B 125 17.05 7.38 -13.27
CA SER B 125 17.04 7.12 -14.72
C SER B 125 18.42 6.71 -15.19
N ASN B 126 18.44 6.13 -16.39
CA ASN B 126 19.68 5.79 -17.15
C ASN B 126 20.51 7.08 -17.39
N SER B 127 19.85 8.19 -17.64
CA SER B 127 20.56 9.48 -17.89
C SER B 127 21.29 9.87 -16.63
N TYR B 128 20.65 9.79 -15.47
CA TYR B 128 21.31 10.16 -14.19
C TYR B 128 22.56 9.31 -13.96
N LEU B 129 22.46 7.98 -14.15
CA LEU B 129 23.62 7.05 -13.96
C LEU B 129 24.74 7.49 -14.93
N GLN B 130 24.39 7.82 -16.17
CA GLN B 130 25.33 8.36 -17.18
C GLN B 130 25.96 9.65 -16.67
N LYS B 131 25.18 10.63 -16.24
CA LYS B 131 25.75 11.94 -15.83
C LYS B 131 26.57 11.77 -14.56
N PHE B 132 26.20 10.83 -13.70
CA PHE B 132 26.88 10.67 -12.42
C PHE B 132 28.20 9.93 -12.68
N ASP B 133 28.24 9.20 -13.79
CA ASP B 133 29.38 8.29 -14.11
C ASP B 133 29.35 7.12 -13.11
N HIS B 134 28.19 6.54 -12.87
CA HIS B 134 28.00 5.32 -12.07
C HIS B 134 28.71 4.14 -12.76
N PRO B 135 29.39 3.22 -12.01
CA PRO B 135 30.01 2.04 -12.60
C PRO B 135 29.11 1.26 -13.59
N LEU B 136 27.81 1.16 -13.30
CA LEU B 136 26.88 0.47 -14.19
C LEU B 136 26.85 1.15 -15.55
N ALA B 137 27.04 2.47 -15.66
CA ALA B 137 27.05 3.13 -16.98
C ALA B 137 28.27 2.70 -17.80
N ALA B 138 29.36 2.19 -17.20
CA ALA B 138 30.53 1.75 -18.01
C ALA B 138 30.34 0.31 -18.48
N LEU B 139 29.70 -0.45 -17.63
CA LEU B 139 29.40 -1.86 -17.85
C LEU B 139 28.37 -1.94 -18.97
N TYR B 140 27.42 -1.00 -19.02
CA TYR B 140 26.22 -1.07 -19.90
C TYR B 140 25.95 0.28 -20.54
N SER B 141 26.40 0.51 -21.77
CA SER B 141 26.38 1.88 -22.36
C SER B 141 24.93 2.27 -22.69
N THR B 142 24.15 1.35 -23.20
CA THR B 142 22.71 1.61 -23.39
C THR B 142 21.84 0.71 -22.53
N SER B 143 20.61 1.15 -22.39
CA SER B 143 19.57 0.48 -21.60
C SER B 143 20.24 0.04 -20.28
N THR B 144 20.94 0.98 -19.62
CA THR B 144 21.90 0.71 -18.53
C THR B 144 21.19 -0.05 -17.39
N MET B 145 20.10 0.48 -16.84
CA MET B 145 19.44 -0.20 -15.70
C MET B 145 18.82 -1.53 -16.19
N GLU B 146 18.26 -1.55 -17.38
CA GLU B 146 17.51 -2.72 -17.86
C GLU B 146 18.51 -3.87 -18.06
N GLN B 147 19.73 -3.60 -18.52
CA GLN B 147 20.77 -4.66 -18.59
C GLN B 147 21.13 -5.15 -17.16
N HIS B 148 21.14 -4.22 -16.23
CA HIS B 148 21.34 -4.53 -14.80
C HIS B 148 20.20 -5.40 -14.26
N HIS B 149 18.97 -5.09 -14.64
CA HIS B 149 17.80 -5.85 -14.16
C HIS B 149 17.94 -7.30 -14.62
N PHE B 150 18.32 -7.50 -15.89
CA PHE B 150 18.37 -8.86 -16.49
C PHE B 150 19.47 -9.64 -15.74
N SER B 151 20.62 -9.01 -15.58
CA SER B 151 21.79 -9.58 -14.90
C SER B 151 21.42 -10.04 -13.48
N GLN B 152 20.67 -9.25 -12.72
CA GLN B 152 20.15 -9.58 -11.37
C GLN B 152 19.20 -10.75 -11.44
N THR B 153 18.42 -10.84 -12.51
CA THR B 153 17.46 -11.93 -12.72
C THR B 153 18.27 -13.21 -12.85
N VAL B 154 19.28 -13.21 -13.70
CA VAL B 154 20.15 -14.43 -13.92
C VAL B 154 20.86 -14.80 -12.60
N SER B 155 21.32 -13.84 -11.84
CA SER B 155 21.99 -14.06 -10.54
C SER B 155 21.07 -14.76 -9.55
N ILE B 156 19.84 -14.30 -9.48
CA ILE B 156 18.83 -14.92 -8.60
C ILE B 156 18.52 -16.35 -9.11
N LEU B 157 18.39 -16.58 -10.41
CA LEU B 157 18.05 -17.93 -10.95
C LEU B 157 19.15 -18.96 -10.63
N GLN B 158 20.34 -18.47 -10.31
CA GLN B 158 21.53 -19.32 -10.09
C GLN B 158 21.82 -19.59 -8.62
N LEU B 159 21.07 -18.99 -7.70
CA LEU B 159 21.13 -19.27 -6.25
C LEU B 159 20.73 -20.74 -6.02
N GLU B 160 21.38 -21.44 -5.09
CA GLU B 160 20.99 -22.84 -4.79
C GLU B 160 19.51 -22.83 -4.44
N GLY B 161 18.75 -23.71 -5.07
CA GLY B 161 17.31 -23.91 -4.81
C GLY B 161 16.44 -22.93 -5.58
N HIS B 162 17.00 -22.10 -6.45
CA HIS B 162 16.23 -20.98 -7.06
C HIS B 162 15.89 -21.22 -8.51
N ASN B 163 16.35 -22.32 -9.11
CA ASN B 163 16.14 -22.52 -10.55
C ASN B 163 14.79 -23.17 -10.81
N ILE B 164 13.81 -22.28 -10.91
CA ILE B 164 12.40 -22.58 -11.25
C ILE B 164 12.24 -23.18 -12.65
N PHE B 165 13.25 -23.10 -13.52
CA PHE B 165 13.19 -23.66 -14.90
C PHE B 165 13.97 -24.99 -14.98
N SER B 166 14.16 -25.70 -13.87
CA SER B 166 15.11 -26.85 -13.78
C SER B 166 14.59 -28.02 -14.66
N THR B 167 13.28 -28.16 -14.83
CA THR B 167 12.66 -29.24 -15.65
C THR B 167 12.95 -29.08 -17.17
N LEU B 168 13.19 -27.84 -17.64
CA LEU B 168 13.32 -27.44 -19.08
C LEU B 168 14.62 -28.04 -19.65
N SER B 169 14.69 -28.35 -20.94
CA SER B 169 15.97 -28.74 -21.62
C SER B 169 16.93 -27.54 -21.73
N SER B 170 18.23 -27.76 -21.96
CA SER B 170 19.20 -26.66 -22.28
C SER B 170 18.57 -25.69 -23.29
N SER B 171 17.98 -26.24 -24.35
CA SER B 171 17.28 -25.54 -25.45
C SER B 171 16.22 -24.60 -24.93
N GLU B 172 15.19 -25.19 -24.34
CA GLU B 172 14.02 -24.43 -23.84
C GLU B 172 14.53 -23.38 -22.84
N TYR B 173 15.46 -23.73 -21.95
CA TYR B 173 15.99 -22.87 -20.88
C TYR B 173 16.64 -21.67 -21.53
N GLU B 174 17.44 -21.90 -22.58
CA GLU B 174 18.11 -20.80 -23.32
C GLU B 174 17.03 -19.93 -23.99
N GLN B 175 16.00 -20.57 -24.49
CA GLN B 175 14.86 -19.87 -25.12
C GLN B 175 14.12 -18.99 -24.14
N VAL B 176 13.73 -19.54 -22.99
CA VAL B 176 12.96 -18.80 -21.94
C VAL B 176 13.87 -17.66 -21.40
N LEU B 177 15.17 -17.86 -21.27
CA LEU B 177 16.07 -16.77 -20.81
C LEU B 177 16.15 -15.68 -21.88
N GLU B 178 16.00 -16.01 -23.18
CA GLU B 178 15.97 -14.96 -24.26
C GLU B 178 14.64 -14.20 -24.25
N ILE B 179 13.52 -14.88 -24.05
CA ILE B 179 12.23 -14.19 -23.88
C ILE B 179 12.38 -13.15 -22.78
N ILE B 180 12.99 -13.56 -21.65
CA ILE B 180 13.10 -12.72 -20.44
C ILE B 180 14.08 -11.57 -20.67
N ARG B 181 15.20 -11.83 -21.30
CA ARG B 181 16.14 -10.75 -21.67
C ARG B 181 15.46 -9.73 -22.59
N LYS B 182 14.86 -10.12 -23.68
CA LYS B 182 14.28 -9.15 -24.63
C LYS B 182 13.13 -8.41 -23.96
N ALA B 183 12.37 -9.10 -23.12
CA ALA B 183 11.20 -8.49 -22.45
C ALA B 183 11.71 -7.39 -21.54
N ILE B 184 12.81 -7.62 -20.86
CA ILE B 184 13.27 -6.69 -19.79
C ILE B 184 13.91 -5.51 -20.50
N ILE B 185 14.74 -5.74 -21.51
CA ILE B 185 15.32 -4.64 -22.37
C ILE B 185 14.23 -3.73 -22.94
N ALA B 186 13.12 -4.32 -23.40
CA ALA B 186 12.00 -3.58 -24.03
C ALA B 186 11.41 -2.59 -23.03
N THR B 187 11.64 -2.75 -21.72
CA THR B 187 11.00 -1.88 -20.70
C THR B 187 11.74 -0.57 -20.65
N ASP B 188 12.89 -0.45 -21.32
CA ASP B 188 13.58 0.83 -21.60
C ASP B 188 12.67 1.67 -22.50
N LEU B 189 12.00 2.70 -21.99
CA LEU B 189 11.01 3.49 -22.77
C LEU B 189 11.66 4.18 -23.97
N ALA B 190 12.96 4.45 -23.96
CA ALA B 190 13.68 4.98 -25.14
C ALA B 190 13.53 4.02 -26.30
N LEU B 191 13.38 2.71 -26.04
CA LEU B 191 13.29 1.75 -27.16
C LEU B 191 11.83 1.64 -27.60
N TYR B 192 10.87 2.07 -26.80
CA TYR B 192 9.45 1.87 -27.15
C TYR B 192 9.13 2.60 -28.47
N PHE B 193 9.51 3.88 -28.57
CA PHE B 193 9.09 4.77 -29.72
C PHE B 193 9.30 4.03 -31.05
N GLY B 194 10.54 3.64 -31.36
CA GLY B 194 10.91 2.81 -32.51
C GLY B 194 10.06 1.55 -32.58
N ASN B 195 9.97 0.77 -31.49
CA ASN B 195 9.26 -0.54 -31.54
C ASN B 195 7.77 -0.30 -31.89
N ARG B 196 7.08 0.62 -31.21
CA ARG B 196 5.67 0.89 -31.53
C ARG B 196 5.48 1.43 -32.96
N LYS B 197 6.42 2.22 -33.47
CA LYS B 197 6.32 2.74 -34.86
C LYS B 197 6.33 1.57 -35.85
N GLN B 198 7.34 0.75 -35.85
CA GLN B 198 7.42 -0.47 -36.71
C GLN B 198 6.21 -1.40 -36.60
N LEU B 199 5.56 -1.47 -35.45
CA LEU B 199 4.40 -2.39 -35.27
C LEU B 199 3.13 -1.76 -35.86
N GLU B 200 2.89 -0.48 -35.59
CA GLU B 200 1.84 0.37 -36.19
C GLU B 200 1.90 0.27 -37.71
N GLU B 201 3.10 0.31 -38.25
CA GLU B 201 3.31 0.26 -39.70
C GLU B 201 2.94 -1.13 -40.19
N MET B 202 3.56 -2.15 -39.59
CA MET B 202 3.36 -3.57 -39.96
C MET B 202 1.87 -3.91 -39.83
N TYR B 203 1.22 -3.46 -38.78
CA TYR B 203 -0.19 -3.81 -38.53
C TYR B 203 -0.99 -3.28 -39.68
N GLN B 204 -0.83 -1.99 -39.96
CA GLN B 204 -1.78 -1.20 -40.78
C GLN B 204 -1.66 -1.47 -42.28
N THR B 205 -0.57 -2.09 -42.70
CA THR B 205 -0.37 -2.59 -44.06
C THR B 205 -0.50 -4.12 -44.09
N GLY B 206 -0.95 -4.71 -42.99
CA GLY B 206 -1.30 -6.14 -42.88
C GLY B 206 -0.12 -7.06 -43.07
N SER B 207 1.12 -6.65 -42.83
CA SER B 207 2.30 -7.54 -42.97
C SER B 207 2.73 -8.11 -41.60
N LEU B 208 2.02 -7.76 -40.52
CA LEU B 208 2.36 -8.22 -39.15
C LEU B 208 2.08 -9.71 -39.10
N ASN B 209 3.09 -10.52 -38.82
CA ASN B 209 2.96 -12.00 -38.87
C ASN B 209 3.42 -12.60 -37.53
N LEU B 210 2.49 -13.01 -36.66
CA LEU B 210 2.82 -13.58 -35.33
C LEU B 210 3.54 -14.94 -35.39
N ASN B 211 3.66 -15.60 -36.53
CA ASN B 211 4.53 -16.82 -36.65
C ASN B 211 5.95 -16.44 -37.06
N ASN B 212 6.21 -15.14 -37.16
CA ASN B 212 7.55 -14.53 -37.40
C ASN B 212 8.14 -14.15 -36.04
N GLN B 213 9.22 -14.76 -35.59
CA GLN B 213 9.79 -14.57 -34.21
C GLN B 213 10.08 -13.09 -33.98
N SER B 214 10.55 -12.42 -35.03
CA SER B 214 10.98 -11.01 -35.06
C SER B 214 9.78 -10.15 -34.78
N HIS B 215 8.63 -10.47 -35.37
CA HIS B 215 7.38 -9.73 -35.09
C HIS B 215 6.91 -10.05 -33.66
N ARG B 216 7.01 -11.31 -33.26
CA ARG B 216 6.53 -11.76 -31.92
C ARG B 216 7.35 -11.01 -30.87
N ASP B 217 8.68 -10.98 -31.05
CA ASP B 217 9.59 -10.16 -30.20
C ASP B 217 8.99 -8.75 -30.04
N ARG B 218 8.56 -8.12 -31.12
CA ARG B 218 8.16 -6.71 -31.05
C ARG B 218 6.83 -6.62 -30.30
N VAL B 219 5.89 -7.52 -30.61
CA VAL B 219 4.56 -7.48 -29.93
C VAL B 219 4.83 -7.72 -28.43
N ILE B 220 5.76 -8.62 -28.09
CA ILE B 220 6.05 -8.88 -26.65
C ILE B 220 6.64 -7.59 -26.04
N GLY B 221 7.53 -6.92 -26.77
CA GLY B 221 8.09 -5.62 -26.36
C GLY B 221 6.97 -4.64 -26.03
N LEU B 222 5.98 -4.55 -26.90
CA LEU B 222 4.94 -3.51 -26.71
C LEU B 222 4.11 -3.93 -25.50
N MET B 223 3.87 -5.23 -25.39
CA MET B 223 3.10 -5.78 -24.23
C MET B 223 3.83 -5.35 -22.96
N MET B 224 5.17 -5.41 -22.98
CA MET B 224 5.95 -5.08 -21.76
C MET B 224 5.86 -3.58 -21.49
N THR B 225 5.90 -2.71 -22.54
CA THR B 225 5.72 -1.28 -22.32
C THR B 225 4.35 -1.08 -21.65
N ALA B 226 3.28 -1.62 -22.22
CA ALA B 226 1.89 -1.44 -21.72
C ALA B 226 1.77 -1.88 -20.24
N CYS B 227 2.31 -3.03 -19.93
CA CYS B 227 2.27 -3.46 -18.50
C CYS B 227 3.06 -2.46 -17.63
N ASP B 228 4.24 -2.10 -18.11
CA ASP B 228 5.09 -1.17 -17.37
C ASP B 228 4.40 0.17 -17.11
N LEU B 229 3.61 0.65 -18.06
CA LEU B 229 2.92 1.94 -17.93
C LEU B 229 1.54 1.78 -17.29
N CYS B 230 1.17 0.59 -16.83
CA CYS B 230 -0.26 0.27 -16.59
C CYS B 230 -0.83 1.10 -15.46
N SER B 231 -0.02 1.85 -14.72
CA SER B 231 -0.57 2.76 -13.67
C SER B 231 -1.58 3.76 -14.23
N VAL B 232 -1.41 4.11 -15.51
CA VAL B 232 -2.23 5.14 -16.20
C VAL B 232 -3.52 4.47 -16.70
N THR B 233 -3.71 3.15 -16.47
CA THR B 233 -4.90 2.40 -16.96
C THR B 233 -5.77 1.93 -15.78
N LYS B 234 -5.48 2.46 -14.63
CA LYS B 234 -6.24 2.16 -13.41
C LYS B 234 -7.33 3.19 -13.34
N LEU B 235 -8.20 3.02 -12.36
CA LEU B 235 -9.26 4.00 -12.09
C LEU B 235 -8.61 5.26 -11.53
N TRP B 236 -9.14 6.42 -11.85
CA TRP B 236 -8.62 7.76 -11.47
C TRP B 236 -7.99 7.80 -10.07
N PRO B 237 -8.69 7.46 -8.98
CA PRO B 237 -8.09 7.64 -7.64
C PRO B 237 -6.76 6.92 -7.41
N VAL B 238 -6.61 5.75 -8.02
CA VAL B 238 -5.33 4.96 -8.08
C VAL B 238 -4.33 5.65 -8.99
N THR B 239 -4.75 6.00 -10.21
CA THR B 239 -3.86 6.67 -11.19
C THR B 239 -3.29 7.96 -10.55
N LYS B 240 -4.13 8.73 -9.87
CA LYS B 240 -3.77 10.09 -9.35
C LYS B 240 -2.75 9.97 -8.22
N LEU B 241 -2.95 9.00 -7.34
CA LEU B 241 -2.04 8.77 -6.18
C LEU B 241 -0.72 8.20 -6.68
N THR B 242 -0.77 7.30 -7.67
CA THR B 242 0.48 6.68 -8.15
C THR B 242 1.37 7.76 -8.76
N ALA B 243 0.77 8.75 -9.46
CA ALA B 243 1.47 9.95 -9.99
C ALA B 243 2.32 10.62 -8.90
N ASN B 244 1.87 10.68 -7.65
CA ASN B 244 2.71 11.23 -6.55
C ASN B 244 4.02 10.46 -6.44
N ASP B 245 3.96 9.14 -6.51
CA ASP B 245 5.08 8.24 -6.25
C ASP B 245 6.13 8.43 -7.34
N ILE B 246 5.70 8.41 -8.58
CA ILE B 246 6.68 8.55 -9.70
C ILE B 246 7.35 9.92 -9.57
N TYR B 247 6.62 10.96 -9.26
CA TYR B 247 7.20 12.32 -9.18
C TYR B 247 8.06 12.46 -7.97
N ALA B 248 7.79 11.73 -6.89
CA ALA B 248 8.67 11.76 -5.72
C ALA B 248 10.05 11.29 -6.17
N GLU B 249 10.15 10.20 -6.96
CA GLU B 249 11.46 9.75 -7.49
C GLU B 249 12.03 10.79 -8.48
N PHE B 250 11.23 11.26 -9.40
CA PHE B 250 11.73 12.19 -10.46
C PHE B 250 12.30 13.41 -9.80
N TRP B 251 11.63 13.97 -8.78
CA TRP B 251 12.05 15.25 -8.21
C TRP B 251 13.34 15.00 -7.39
N ALA B 252 13.48 13.85 -6.73
CA ALA B 252 14.73 13.55 -5.98
C ALA B 252 15.89 13.44 -6.99
N GLU B 253 15.59 12.92 -8.16
CA GLU B 253 16.59 12.82 -9.25
C GLU B 253 16.94 14.24 -9.73
N GLY B 254 15.95 15.07 -10.05
CA GLY B 254 16.14 16.54 -10.28
C GLY B 254 17.09 17.16 -9.27
N ASP B 255 16.93 16.84 -7.99
CA ASP B 255 17.72 17.41 -6.88
C ASP B 255 19.18 16.95 -7.08
N GLU B 256 19.37 15.69 -7.49
CA GLU B 256 20.73 15.15 -7.67
C GLU B 256 21.37 15.69 -8.93
N MET B 257 20.62 15.98 -9.96
CA MET B 257 21.13 16.68 -11.17
C MET B 257 21.65 18.04 -10.76
N LYS B 258 20.83 18.82 -10.02
CA LYS B 258 21.22 20.16 -9.53
C LYS B 258 22.53 20.00 -8.76
N LYS B 259 22.70 18.89 -8.00
CA LYS B 259 23.93 18.75 -7.16
C LYS B 259 25.13 18.46 -8.05
N LEU B 260 24.91 17.89 -9.22
CA LEU B 260 25.96 17.72 -10.22
C LEU B 260 26.19 19.01 -10.98
N GLY B 261 25.37 20.03 -10.80
CA GLY B 261 25.58 21.29 -11.54
C GLY B 261 24.80 21.30 -12.84
N ILE B 262 23.69 20.56 -12.94
CA ILE B 262 22.98 20.37 -14.23
C ILE B 262 21.52 20.71 -14.06
N GLN B 263 20.97 21.55 -14.90
CA GLN B 263 19.57 21.96 -14.71
C GLN B 263 18.78 20.76 -15.14
N PRO B 264 17.91 20.22 -14.27
CA PRO B 264 17.19 19.04 -14.72
C PRO B 264 16.14 19.44 -15.77
N ILE B 265 15.68 18.47 -16.56
CA ILE B 265 14.43 18.67 -17.33
C ILE B 265 13.30 18.99 -16.36
N PRO B 266 12.30 19.74 -16.83
CA PRO B 266 11.19 20.21 -16.00
C PRO B 266 10.41 19.15 -15.22
N MET B 267 10.29 17.99 -15.82
CA MET B 267 9.51 16.85 -15.26
C MET B 267 10.18 16.41 -13.93
N MET B 268 11.46 16.71 -13.75
CA MET B 268 12.28 16.30 -12.60
C MET B 268 12.55 17.49 -11.70
N ASP B 269 12.01 18.66 -12.02
CA ASP B 269 12.27 19.87 -11.23
C ASP B 269 11.08 20.13 -10.29
N ARG B 270 11.22 19.85 -8.99
CA ARG B 270 10.12 20.02 -8.01
C ARG B 270 9.62 21.46 -8.04
N ASP B 271 10.45 22.40 -8.48
CA ASP B 271 10.03 23.81 -8.55
C ASP B 271 9.00 23.99 -9.67
N LYS B 272 8.86 23.02 -10.58
CA LYS B 272 7.87 23.16 -11.68
C LYS B 272 6.66 22.27 -11.49
N LYS B 273 6.45 21.80 -10.26
CA LYS B 273 5.31 21.00 -9.78
C LYS B 273 3.94 21.44 -10.34
N ASP B 274 3.70 22.75 -10.41
CA ASP B 274 2.42 23.37 -10.87
C ASP B 274 2.13 22.98 -12.34
N GLU B 275 3.14 22.63 -13.16
CA GLU B 275 2.99 22.20 -14.58
C GLU B 275 2.73 20.67 -14.71
N VAL B 276 2.46 19.97 -13.62
CA VAL B 276 2.32 18.48 -13.64
C VAL B 276 1.11 18.08 -14.48
N PRO B 277 -0.07 18.69 -14.32
CA PRO B 277 -1.24 18.28 -15.11
C PRO B 277 -1.01 18.39 -16.63
N GLN B 278 -0.50 19.53 -17.08
CA GLN B 278 -0.06 19.70 -18.48
C GLN B 278 0.98 18.64 -18.84
N GLY B 279 1.92 18.33 -17.91
CA GLY B 279 2.99 17.38 -18.23
C GLY B 279 2.42 15.97 -18.45
N GLN B 280 1.47 15.57 -17.59
CA GLN B 280 0.81 14.24 -17.67
C GLN B 280 0.01 14.18 -18.99
N LEU B 281 -0.77 15.24 -19.30
CA LEU B 281 -1.46 15.39 -20.63
C LEU B 281 -0.48 15.10 -21.78
N GLY B 282 0.69 15.75 -21.75
CA GLY B 282 1.70 15.54 -22.80
C GLY B 282 2.02 14.07 -22.92
N PHE B 283 2.19 13.40 -21.77
CA PHE B 283 2.70 12.01 -21.75
C PHE B 283 1.62 11.09 -22.36
N TYR B 284 0.36 11.28 -21.97
CA TYR B 284 -0.79 10.44 -22.49
C TYR B 284 -0.89 10.58 -24.02
N ASN B 285 -0.87 11.82 -24.50
CA ASN B 285 -0.91 12.15 -25.96
C ASN B 285 0.31 11.54 -26.65
N ALA B 286 1.50 11.67 -26.08
CA ALA B 286 2.73 11.30 -26.80
C ALA B 286 3.07 9.83 -26.62
N VAL B 287 2.68 9.21 -25.49
CA VAL B 287 3.22 7.86 -25.18
C VAL B 287 2.09 6.90 -24.84
N ALA B 288 1.31 7.17 -23.80
CA ALA B 288 0.37 6.16 -23.28
C ALA B 288 -0.71 5.82 -24.32
N ILE B 289 -1.35 6.81 -24.96
CA ILE B 289 -2.53 6.56 -25.85
C ILE B 289 -2.02 5.83 -27.07
N PRO B 290 -0.91 6.28 -27.73
CA PRO B 290 -0.36 5.53 -28.84
C PRO B 290 -0.04 4.08 -28.46
N CYS B 291 0.57 3.94 -27.28
CA CYS B 291 0.93 2.61 -26.72
C CYS B 291 -0.31 1.70 -26.72
N TYR B 292 -1.35 2.13 -26.02
CA TYR B 292 -2.53 1.29 -25.77
C TYR B 292 -3.38 1.14 -27.06
N THR B 293 -3.29 2.11 -27.95
CA THR B 293 -4.02 2.11 -29.24
C THR B 293 -3.40 0.98 -30.08
N THR B 294 -2.09 0.97 -30.29
CA THR B 294 -1.45 -0.06 -31.13
C THR B 294 -1.70 -1.43 -30.46
N LEU B 295 -1.62 -1.49 -29.12
CA LEU B 295 -1.81 -2.77 -28.43
C LEU B 295 -3.23 -3.30 -28.76
N THR B 296 -4.22 -2.43 -28.73
CA THR B 296 -5.65 -2.80 -28.87
C THR B 296 -5.85 -3.28 -30.30
N GLN B 297 -5.23 -2.63 -31.26
CA GLN B 297 -5.28 -3.09 -32.67
C GLN B 297 -4.74 -4.52 -32.74
N ILE B 298 -3.61 -4.79 -32.13
CA ILE B 298 -2.94 -6.09 -32.36
C ILE B 298 -3.61 -7.17 -31.50
N LEU B 299 -4.16 -6.78 -30.34
CA LEU B 299 -4.69 -7.68 -29.29
C LEU B 299 -5.92 -6.96 -28.79
N PRO B 300 -7.02 -7.06 -29.59
CA PRO B 300 -8.25 -6.36 -29.25
C PRO B 300 -8.85 -6.64 -27.89
N PRO B 301 -8.72 -7.82 -27.26
CA PRO B 301 -9.14 -8.00 -25.85
C PRO B 301 -8.40 -7.07 -24.81
N THR B 302 -7.32 -6.35 -25.21
CA THR B 302 -6.59 -5.36 -24.36
C THR B 302 -7.26 -3.99 -24.36
N GLU B 303 -8.37 -3.87 -25.04
CA GLU B 303 -9.13 -2.62 -25.22
C GLU B 303 -9.39 -1.90 -23.90
N PRO B 304 -9.74 -2.62 -22.82
CA PRO B 304 -10.05 -1.94 -21.56
C PRO B 304 -8.88 -1.08 -21.04
N LEU B 305 -7.65 -1.41 -21.45
CA LEU B 305 -6.43 -0.63 -21.06
C LEU B 305 -6.52 0.73 -21.76
N LEU B 306 -6.94 0.70 -23.01
CA LEU B 306 -7.05 1.95 -23.81
C LEU B 306 -8.24 2.75 -23.30
N LYS B 307 -9.33 2.07 -22.94
CA LYS B 307 -10.48 2.84 -22.42
C LYS B 307 -10.12 3.54 -21.10
N ALA B 308 -9.50 2.84 -20.14
CA ALA B 308 -9.10 3.41 -18.84
C ALA B 308 -8.14 4.59 -19.07
N CYS B 309 -7.19 4.37 -19.98
CA CYS B 309 -6.18 5.38 -20.32
C CYS B 309 -6.83 6.66 -20.83
N ARG B 310 -7.82 6.52 -21.75
CA ARG B 310 -8.55 7.70 -22.32
CA ARG B 310 -8.62 7.64 -22.33
C ARG B 310 -9.34 8.35 -21.17
N ASP B 311 -9.89 7.57 -20.27
CA ASP B 311 -10.60 8.15 -19.12
C ASP B 311 -9.67 9.00 -18.26
N ASN B 312 -8.43 8.57 -18.06
CA ASN B 312 -7.51 9.33 -17.18
C ASN B 312 -7.01 10.55 -17.97
N LEU B 313 -6.74 10.44 -19.26
CA LEU B 313 -6.45 11.65 -20.10
C LEU B 313 -7.48 12.73 -19.78
N SER B 314 -8.75 12.37 -19.91
CA SER B 314 -9.90 13.26 -19.65
C SER B 314 -9.85 13.84 -18.23
N GLN B 315 -9.61 13.01 -17.22
CA GLN B 315 -9.45 13.50 -15.84
C GLN B 315 -8.32 14.52 -15.75
N TRP B 316 -7.21 14.37 -16.49
CA TRP B 316 -6.11 15.37 -16.37
C TRP B 316 -6.57 16.68 -17.05
N GLU B 317 -7.33 16.55 -18.13
CA GLU B 317 -7.90 17.75 -18.84
C GLU B 317 -8.76 18.55 -17.85
N LYS B 318 -9.61 17.86 -17.09
CA LYS B 318 -10.44 18.43 -16.01
C LYS B 318 -9.56 19.19 -15.03
N VAL B 319 -8.50 18.54 -14.50
CA VAL B 319 -7.54 19.21 -13.56
C VAL B 319 -6.96 20.46 -14.22
N ILE B 320 -6.57 20.40 -15.50
CA ILE B 320 -5.90 21.57 -16.14
C ILE B 320 -6.86 22.78 -16.20
N ARG B 321 -8.14 22.54 -16.40
CA ARG B 321 -9.21 23.56 -16.43
C ARG B 321 -9.51 24.06 -15.01
N GLY B 322 -9.63 23.18 -14.02
CA GLY B 322 -10.08 23.54 -12.66
C GLY B 322 -11.43 22.91 -12.35
N GLU B 323 -12.03 22.21 -13.32
CA GLU B 323 -13.30 21.44 -13.18
C GLU B 323 -13.11 20.37 -12.09
N GLU B 324 -11.86 20.05 -11.72
CA GLU B 324 -11.51 19.02 -10.69
C GLU B 324 -10.20 19.42 -9.99
N THR B 325 -9.95 18.77 -8.83
CA THR B 325 -8.80 18.92 -7.89
C THR B 325 -7.97 17.63 -7.91
N LEU C 13 19.05 -8.55 44.24
CA LEU C 13 18.42 -8.68 42.89
C LEU C 13 18.62 -7.37 42.11
N MET C 14 18.41 -7.44 40.81
CA MET C 14 18.52 -6.31 39.85
C MET C 14 17.18 -5.59 39.79
N GLN C 15 17.15 -4.35 40.25
CA GLN C 15 15.96 -3.50 40.12
C GLN C 15 16.28 -2.37 39.18
N PHE C 16 15.31 -1.99 38.38
CA PHE C 16 15.53 -0.93 37.38
C PHE C 16 15.42 0.40 38.08
N THR C 17 16.22 1.35 37.66
CA THR C 17 16.11 2.75 38.09
C THR C 17 15.95 3.62 36.84
N LEU C 18 15.46 4.81 37.04
CA LEU C 18 15.23 5.77 35.95
C LEU C 18 15.99 7.02 36.35
N PRO C 19 16.50 7.82 35.39
CA PRO C 19 16.97 9.15 35.75
C PRO C 19 15.88 9.79 36.60
N VAL C 20 16.34 10.61 37.51
CA VAL C 20 15.55 11.43 38.45
C VAL C 20 14.31 12.05 37.81
N ARG C 21 14.40 12.77 36.68
CA ARG C 21 13.18 13.43 36.12
C ARG C 21 12.16 12.34 35.72
N LEU C 22 12.60 11.21 35.17
CA LEU C 22 11.65 10.12 34.77
C LEU C 22 11.08 9.42 36.00
N CYS C 23 11.91 9.19 37.04
CA CYS C 23 11.48 8.49 38.30
CA CYS C 23 11.50 8.54 38.32
C CYS C 23 10.26 9.26 38.85
N LYS C 24 10.34 10.57 38.81
CA LYS C 24 9.37 11.52 39.38
C LYS C 24 8.15 11.62 38.44
N GLU C 25 8.37 11.96 37.19
CA GLU C 25 7.33 12.27 36.19
C GLU C 25 6.54 10.98 35.84
N ILE C 26 7.15 9.81 35.91
CA ILE C 26 6.48 8.56 35.42
C ILE C 26 5.25 8.24 36.28
N GLU C 27 5.16 8.81 37.49
CA GLU C 27 4.04 8.47 38.41
C GLU C 27 2.85 9.31 38.01
N LEU C 28 3.05 10.35 37.17
CA LEU C 28 1.96 11.24 36.68
C LEU C 28 1.27 10.67 35.44
N PHE C 29 -0.04 10.85 35.40
CA PHE C 29 -0.85 10.31 34.30
C PHE C 29 -0.38 10.91 32.95
N HIS C 30 0.03 12.17 32.92
CA HIS C 30 0.28 12.89 31.64
C HIS C 30 1.72 12.62 31.13
N PHE C 31 2.50 11.84 31.84
CA PHE C 31 3.89 11.48 31.41
C PHE C 31 3.94 11.07 29.94
N ASP C 32 4.99 11.55 29.27
CA ASP C 32 5.28 11.19 27.86
C ASP C 32 6.54 10.32 27.88
N ILE C 33 6.55 9.15 27.22
CA ILE C 33 7.72 8.22 27.41
C ILE C 33 8.98 8.74 26.68
N GLY C 34 8.86 9.79 25.87
CA GLY C 34 10.01 10.39 25.17
C GLY C 34 10.39 9.71 23.84
N PRO C 35 11.33 10.32 23.07
CA PRO C 35 11.77 9.86 21.75
C PRO C 35 12.83 8.76 21.74
N PHE C 36 13.40 8.38 22.88
CA PHE C 36 14.46 7.35 22.87
C PHE C 36 13.86 5.94 23.00
N GLU C 37 13.67 5.27 21.85
CA GLU C 37 13.13 3.88 21.75
C GLU C 37 13.83 2.94 22.73
N ASN C 38 15.14 3.05 22.82
CA ASN C 38 15.96 2.09 23.58
C ASN C 38 15.69 2.16 25.06
N MET C 39 15.05 3.21 25.55
CA MET C 39 14.65 3.34 26.97
C MET C 39 13.30 2.69 27.26
N TRP C 40 12.46 2.51 26.25
CA TRP C 40 11.06 2.10 26.50
C TRP C 40 11.01 0.75 27.19
N PRO C 41 11.77 -0.27 26.74
CA PRO C 41 11.74 -1.57 27.38
C PRO C 41 12.05 -1.46 28.87
N GLY C 42 13.12 -0.74 29.22
CA GLY C 42 13.47 -0.50 30.62
C GLY C 42 12.38 0.23 31.39
N ILE C 43 11.73 1.20 30.76
CA ILE C 43 10.60 1.95 31.39
C ILE C 43 9.48 0.95 31.74
N PHE C 44 9.26 -0.03 30.86
CA PHE C 44 8.17 -1.00 30.98
C PHE C 44 8.49 -1.96 32.12
N VAL C 45 9.73 -2.42 32.15
CA VAL C 45 10.18 -3.30 33.27
C VAL C 45 10.09 -2.54 34.60
N TYR C 46 10.49 -1.29 34.62
CA TYR C 46 10.36 -0.48 35.86
C TYR C 46 8.91 -0.44 36.33
N MET C 47 7.99 -0.24 35.40
CA MET C 47 6.55 -0.20 35.74
C MET C 47 6.13 -1.56 36.30
N VAL C 48 6.52 -2.65 35.66
CA VAL C 48 6.19 -4.03 36.06
C VAL C 48 6.77 -4.28 37.47
N HIS C 49 8.02 -3.93 37.74
CA HIS C 49 8.66 -4.16 39.06
C HIS C 49 7.89 -3.41 40.15
N ARG C 50 7.46 -2.19 39.89
CA ARG C 50 6.80 -1.35 40.92
C ARG C 50 5.31 -1.69 41.04
N SER C 51 4.70 -2.23 40.01
CA SER C 51 3.23 -2.38 39.87
C SER C 51 2.77 -3.76 40.30
N CYS C 52 3.65 -4.72 40.03
CA CYS C 52 3.39 -6.15 40.18
C CYS C 52 4.35 -6.69 41.25
N GLY C 53 5.64 -6.42 41.08
CA GLY C 53 6.69 -6.86 42.01
C GLY C 53 7.86 -7.47 41.25
N THR C 54 9.04 -7.45 41.85
CA THR C 54 10.31 -7.89 41.20
C THR C 54 10.25 -9.39 40.91
N SER C 55 9.30 -10.06 41.52
CA SER C 55 9.19 -11.51 41.48
C SER C 55 8.12 -11.96 40.47
N CYS C 56 7.20 -11.12 39.97
CA CYS C 56 6.05 -11.69 39.21
C CYS C 56 6.53 -12.37 37.94
N PHE C 57 7.70 -11.96 37.44
CA PHE C 57 8.27 -12.47 36.17
C PHE C 57 9.77 -12.70 36.35
N GLU C 58 10.27 -13.72 35.69
CA GLU C 58 11.71 -13.99 35.53
C GLU C 58 12.25 -12.93 34.53
N LEU C 59 13.19 -12.09 34.97
CA LEU C 59 13.72 -10.97 34.18
C LEU C 59 14.16 -11.41 32.79
N GLU C 60 14.91 -12.50 32.67
CA GLU C 60 15.42 -12.95 31.36
C GLU C 60 14.25 -13.23 30.40
N LYS C 61 13.25 -13.95 30.89
CA LYS C 61 12.06 -14.34 30.10
C LYS C 61 11.28 -13.09 29.71
N LEU C 62 11.19 -12.14 30.65
CA LEU C 62 10.44 -10.87 30.46
C LEU C 62 11.12 -10.12 29.31
N CME C 63 12.44 -10.01 29.41
CA CME C 63 13.24 -9.24 28.43
CB CME C 63 14.67 -8.97 28.86
SG CME C 63 14.65 -7.64 30.11
SD CME C 63 14.35 -5.94 28.92
CE CME C 63 15.52 -4.71 29.57
CZ CME C 63 16.23 -4.02 28.46
OH CME C 63 17.50 -3.66 28.94
C CME C 63 13.10 -9.89 27.07
O CME C 63 12.96 -9.14 26.08
N ARG C 64 13.14 -11.20 26.96
CA ARG C 64 13.00 -11.71 25.59
C ARG C 64 11.53 -11.61 25.16
N PHE C 65 10.55 -11.64 26.08
CA PHE C 65 9.12 -11.42 25.71
C PHE C 65 8.96 -10.04 25.04
N ILE C 66 9.51 -9.03 25.72
CA ILE C 66 9.40 -7.60 25.40
C ILE C 66 10.06 -7.39 24.04
N MET C 67 11.23 -7.95 23.84
CA MET C 67 11.94 -7.76 22.57
C MET C 67 11.17 -8.45 21.43
N SER C 68 10.49 -9.56 21.66
CA SER C 68 9.69 -10.25 20.60
C SER C 68 8.42 -9.46 20.24
N VAL C 69 7.80 -8.90 21.27
CA VAL C 69 6.60 -8.05 21.12
C VAL C 69 6.98 -6.85 20.26
N LYS C 70 8.07 -6.18 20.59
CA LYS C 70 8.51 -4.95 19.87
C LYS C 70 8.72 -5.28 18.40
N LYS C 71 9.39 -6.40 18.18
CA LYS C 71 9.80 -6.88 16.84
C LYS C 71 8.51 -7.09 16.04
N ASN C 72 7.38 -7.31 16.69
CA ASN C 72 6.12 -7.64 15.95
C ASN C 72 5.20 -6.43 15.88
N TYR C 73 5.67 -5.26 16.34
CA TYR C 73 4.99 -3.99 16.03
C TYR C 73 5.65 -3.49 14.73
N ARG C 74 4.87 -2.85 13.88
CA ARG C 74 5.32 -2.35 12.57
C ARG C 74 5.57 -0.86 12.64
N ARG C 75 6.22 -0.34 11.61
CA ARG C 75 6.64 1.08 11.57
C ARG C 75 5.54 1.82 10.87
N VAL C 76 4.45 1.97 11.59
CA VAL C 76 3.29 2.78 11.17
C VAL C 76 3.32 4.04 12.02
N PRO C 77 2.62 5.07 11.57
CA PRO C 77 2.74 6.37 12.26
C PRO C 77 2.21 6.43 13.70
N TYR C 78 1.14 5.70 13.96
CA TYR C 78 0.46 5.79 15.27
C TYR C 78 0.49 4.44 15.98
N HIS C 79 -0.01 3.39 15.34
CA HIS C 79 -0.23 2.04 16.00
C HIS C 79 1.07 1.23 16.04
N ASN C 80 2.04 1.78 16.76
CA ASN C 80 3.45 1.35 16.76
C ASN C 80 3.87 1.01 18.19
N TRP C 81 5.14 0.62 18.34
CA TRP C 81 5.79 0.26 19.61
C TRP C 81 5.55 1.36 20.65
N LYS C 82 5.64 2.60 20.22
CA LYS C 82 5.50 3.74 21.15
C LYS C 82 4.06 3.83 21.70
N HIS C 83 3.06 3.48 20.88
CA HIS C 83 1.65 3.49 21.33
C HIS C 83 1.49 2.45 22.44
N ALA C 84 2.04 1.30 22.19
CA ALA C 84 2.05 0.15 23.11
C ALA C 84 2.63 0.55 24.46
N VAL C 85 3.83 1.11 24.53
CA VAL C 85 4.40 1.43 25.86
C VAL C 85 3.63 2.62 26.50
N THR C 86 3.11 3.56 25.72
CA THR C 86 2.34 4.72 26.20
C THR C 86 1.04 4.18 26.81
N VAL C 87 0.49 3.13 26.21
CA VAL C 87 -0.79 2.60 26.75
C VAL C 87 -0.50 1.81 28.06
N ALA C 88 0.54 1.01 28.08
CA ALA C 88 1.00 0.37 29.34
C ALA C 88 1.18 1.41 30.46
N HIS C 89 1.76 2.56 30.16
CA HIS C 89 2.16 3.57 31.16
C HIS C 89 0.87 4.18 31.74
N CYS C 90 -0.18 4.29 30.95
CA CYS C 90 -1.45 4.78 31.47
C CYS C 90 -2.05 3.76 32.43
N MET C 91 -2.01 2.49 32.06
CA MET C 91 -2.43 1.38 32.94
C MET C 91 -1.64 1.43 34.24
N TYR C 92 -0.31 1.52 34.15
CA TYR C 92 0.63 1.71 35.30
C TYR C 92 0.04 2.74 36.28
N ALA C 93 -0.28 3.91 35.75
CA ALA C 93 -0.75 5.01 36.56
C ALA C 93 -2.07 4.60 37.23
N ILE C 94 -3.00 4.04 36.50
CA ILE C 94 -4.33 3.73 37.05
C ILE C 94 -4.10 2.74 38.18
N LEU C 95 -3.28 1.74 37.93
CA LEU C 95 -3.08 0.65 38.92
C LEU C 95 -2.41 1.21 40.16
N GLN C 96 -1.43 2.09 40.01
CA GLN C 96 -0.66 2.59 41.18
C GLN C 96 -1.51 3.58 41.96
N ASN C 97 -2.52 4.21 41.36
CA ASN C 97 -3.40 5.14 42.12
C ASN C 97 -4.62 4.38 42.66
N ASN C 98 -4.69 3.07 42.47
CA ASN C 98 -5.91 2.27 42.77
C ASN C 98 -5.42 0.94 43.32
N HIS C 99 -4.31 0.92 44.07
CA HIS C 99 -3.46 -0.29 44.19
C HIS C 99 -4.23 -1.43 44.89
N THR C 100 -5.16 -1.05 45.75
CA THR C 100 -5.87 -2.00 46.64
C THR C 100 -6.97 -2.72 45.86
N LEU C 101 -7.35 -2.29 44.65
CA LEU C 101 -8.57 -2.82 43.98
C LEU C 101 -8.28 -4.05 43.11
N PHE C 102 -7.02 -4.39 42.80
CA PHE C 102 -6.77 -5.37 41.74
C PHE C 102 -6.01 -6.58 42.26
N THR C 103 -6.35 -7.73 41.69
CA THR C 103 -5.73 -9.02 42.07
C THR C 103 -4.30 -9.03 41.54
N ASP C 104 -3.56 -10.05 41.95
CA ASP C 104 -2.16 -10.29 41.51
C ASP C 104 -2.15 -10.62 40.00
N LEU C 105 -3.02 -11.57 39.64
CA LEU C 105 -3.19 -12.08 38.29
C LEU C 105 -3.53 -10.87 37.41
N GLU C 106 -4.39 -9.97 37.90
CA GLU C 106 -4.83 -8.76 37.16
C GLU C 106 -3.62 -7.82 36.97
N ARG C 107 -2.79 -7.57 37.98
CA ARG C 107 -1.64 -6.65 37.81
C ARG C 107 -0.66 -7.17 36.73
N LYS C 108 -0.26 -8.43 36.86
CA LYS C 108 0.46 -9.22 35.81
C LYS C 108 -0.17 -9.06 34.42
N GLY C 109 -1.44 -9.41 34.27
CA GLY C 109 -2.14 -9.44 32.99
C GLY C 109 -2.24 -8.09 32.29
N LEU C 110 -2.50 -7.03 33.02
CA LEU C 110 -3.07 -5.81 32.41
C LEU C 110 -1.91 -5.06 31.75
N LEU C 111 -0.76 -4.96 32.39
CA LEU C 111 0.43 -4.31 31.79
C LEU C 111 0.83 -5.05 30.52
N ILE C 112 0.81 -6.40 30.58
CA ILE C 112 1.10 -7.28 29.42
C ILE C 112 0.08 -7.09 28.31
N ALA C 113 -1.19 -7.04 28.66
CA ALA C 113 -2.26 -6.89 27.64
C ALA C 113 -2.07 -5.53 26.90
N CYS C 114 -1.74 -4.48 27.63
CA CYS C 114 -1.53 -3.09 27.12
C CYS C 114 -0.29 -3.08 26.20
N LEU C 115 0.77 -3.78 26.60
CA LEU C 115 1.97 -3.88 25.74
C LEU C 115 1.58 -4.60 24.45
N CYS C 116 0.71 -5.59 24.55
CA CYS C 116 0.44 -6.47 23.38
C CYS C 116 -0.80 -6.05 22.58
N HIS C 117 -1.53 -4.97 22.93
CA HIS C 117 -2.97 -4.82 22.53
C HIS C 117 -3.09 -4.40 21.10
N ASP C 118 -2.00 -3.88 20.48
CA ASP C 118 -2.06 -3.63 19.03
C ASP C 118 -0.98 -4.41 18.25
N LEU C 119 -0.59 -5.60 18.73
CA LEU C 119 0.42 -6.46 18.03
C LEU C 119 0.09 -6.60 16.56
N ASP C 120 1.05 -6.24 15.71
CA ASP C 120 1.04 -6.51 14.28
C ASP C 120 -0.07 -5.69 13.60
N HIS C 121 -0.40 -4.52 14.14
CA HIS C 121 -1.33 -3.58 13.52
C HIS C 121 -0.75 -3.08 12.18
N ARG C 122 -1.56 -2.99 11.13
CA ARG C 122 -1.09 -2.64 9.75
C ARG C 122 -1.32 -1.16 9.46
N GLY C 123 -1.93 -0.45 10.40
CA GLY C 123 -2.30 0.97 10.25
C GLY C 123 -3.63 1.13 9.55
N PHE C 124 -4.47 0.07 9.57
CA PHE C 124 -5.85 0.09 9.01
C PHE C 124 -6.87 -0.34 10.06
N SER C 125 -8.05 0.24 9.93
CA SER C 125 -9.27 -0.07 10.72
C SER C 125 -9.86 -1.43 10.35
N ASN C 126 -10.69 -1.95 11.27
CA ASN C 126 -11.47 -3.18 11.06
C ASN C 126 -12.32 -3.00 9.78
N SER C 127 -12.87 -1.81 9.64
CA SER C 127 -13.72 -1.43 8.47
CA SER C 127 -13.70 -1.39 8.48
C SER C 127 -12.95 -1.65 7.17
N TYR C 128 -11.73 -1.13 7.09
CA TYR C 128 -10.93 -1.25 5.85
C TYR C 128 -10.61 -2.72 5.56
N LEU C 129 -10.19 -3.52 6.55
CA LEU C 129 -9.90 -4.98 6.35
C LEU C 129 -11.19 -5.63 5.82
N GLN C 130 -12.33 -5.21 6.34
CA GLN C 130 -13.65 -5.79 6.00
C GLN C 130 -13.92 -5.43 4.55
N LYS C 131 -13.76 -4.17 4.20
CA LYS C 131 -14.02 -3.71 2.79
C LYS C 131 -13.06 -4.35 1.77
N PHE C 132 -11.79 -4.43 2.12
CA PHE C 132 -10.70 -4.99 1.31
C PHE C 132 -10.94 -6.48 1.10
N ASP C 133 -11.58 -7.13 2.07
CA ASP C 133 -11.82 -8.59 2.11
C ASP C 133 -10.48 -9.23 2.47
N HIS C 134 -9.78 -8.67 3.46
CA HIS C 134 -8.54 -9.26 3.99
C HIS C 134 -8.86 -10.62 4.60
N PRO C 135 -7.96 -11.61 4.43
CA PRO C 135 -8.06 -12.88 5.13
C PRO C 135 -8.48 -12.73 6.61
N LEU C 136 -7.83 -11.83 7.35
CA LEU C 136 -8.12 -11.70 8.80
C LEU C 136 -9.63 -11.48 9.02
N ALA C 137 -10.32 -10.79 8.12
CA ALA C 137 -11.77 -10.50 8.27
C ALA C 137 -12.64 -11.75 8.06
N ALA C 138 -12.16 -12.73 7.30
CA ALA C 138 -12.76 -14.08 7.13
C ALA C 138 -12.60 -14.87 8.42
N LEU C 139 -11.39 -14.89 8.95
CA LEU C 139 -11.08 -15.66 10.18
C LEU C 139 -11.72 -15.05 11.44
N TYR C 140 -11.95 -13.74 11.50
CA TYR C 140 -12.42 -13.00 12.71
C TYR C 140 -13.41 -11.97 12.22
N SER C 141 -14.69 -12.32 12.19
CA SER C 141 -15.71 -11.49 11.50
C SER C 141 -15.97 -10.24 12.34
N THR C 142 -15.78 -10.25 13.66
CA THR C 142 -15.92 -9.01 14.48
C THR C 142 -14.64 -8.76 15.27
N SER C 143 -14.40 -7.52 15.68
CA SER C 143 -13.17 -7.13 16.45
C SER C 143 -11.96 -7.80 15.78
N THR C 144 -11.93 -7.69 14.45
CA THR C 144 -11.03 -8.40 13.53
C THR C 144 -9.57 -8.26 14.01
N MET C 145 -9.07 -7.03 14.04
CA MET C 145 -7.66 -6.75 14.41
C MET C 145 -7.43 -7.18 15.84
N GLU C 146 -8.44 -7.00 16.72
CA GLU C 146 -8.21 -7.23 18.16
C GLU C 146 -8.10 -8.72 18.40
N GLN C 147 -8.94 -9.51 17.72
CA GLN C 147 -8.75 -10.99 17.78
C GLN C 147 -7.35 -11.37 17.26
N HIS C 148 -6.84 -10.69 16.24
CA HIS C 148 -5.47 -10.96 15.75
C HIS C 148 -4.46 -10.54 16.82
N HIS C 149 -4.67 -9.43 17.52
CA HIS C 149 -3.66 -8.95 18.49
C HIS C 149 -3.53 -10.03 19.57
N PHE C 150 -4.67 -10.53 20.05
CA PHE C 150 -4.64 -11.57 21.08
C PHE C 150 -3.93 -12.82 20.53
N SER C 151 -4.30 -13.26 19.33
CA SER C 151 -3.71 -14.49 18.73
C SER C 151 -2.19 -14.32 18.59
N GLN C 152 -1.72 -13.12 18.22
CA GLN C 152 -0.26 -12.83 18.10
C GLN C 152 0.41 -12.88 19.47
N THR C 153 -0.29 -12.42 20.51
CA THR C 153 0.18 -12.38 21.90
C THR C 153 0.46 -13.82 22.33
N VAL C 154 -0.45 -14.71 22.02
CA VAL C 154 -0.41 -16.17 22.40
C VAL C 154 0.78 -16.80 21.64
N SER C 155 0.90 -16.51 20.36
CA SER C 155 2.04 -16.97 19.53
C SER C 155 3.39 -16.66 20.19
N ILE C 156 3.56 -15.46 20.73
CA ILE C 156 4.83 -14.98 21.34
C ILE C 156 5.03 -15.68 22.68
N LEU C 157 3.95 -15.89 23.43
CA LEU C 157 4.07 -16.62 24.71
C LEU C 157 4.51 -18.09 24.49
N GLN C 158 4.13 -18.67 23.34
CA GLN C 158 4.40 -20.07 22.96
C GLN C 158 5.81 -20.22 22.33
N LEU C 159 6.50 -19.13 22.05
CA LEU C 159 7.94 -19.16 21.67
C LEU C 159 8.78 -19.71 22.82
N GLU C 160 9.83 -20.46 22.45
CA GLU C 160 10.79 -21.04 23.41
C GLU C 160 11.44 -19.93 24.20
N GLY C 161 11.47 -20.08 25.52
CA GLY C 161 12.08 -19.09 26.43
C GLY C 161 11.18 -17.87 26.66
N HIS C 162 9.95 -17.83 26.14
CA HIS C 162 9.07 -16.63 26.24
C HIS C 162 7.91 -16.80 27.23
N ASN C 163 7.76 -17.97 27.90
CA ASN C 163 6.60 -18.17 28.81
C ASN C 163 6.86 -17.47 30.13
N ILE C 164 6.59 -16.17 30.12
CA ILE C 164 6.71 -15.31 31.31
C ILE C 164 5.71 -15.78 32.36
N PHE C 165 4.73 -16.63 32.03
CA PHE C 165 3.70 -17.09 33.02
C PHE C 165 3.99 -18.54 33.44
N SER C 166 5.22 -19.00 33.20
CA SER C 166 5.60 -20.44 33.24
C SER C 166 5.39 -21.01 34.65
N THR C 167 5.35 -20.19 35.69
CA THR C 167 5.20 -20.67 37.09
C THR C 167 3.73 -20.74 37.52
N LEU C 168 2.78 -20.23 36.75
CA LEU C 168 1.36 -20.19 37.20
C LEU C 168 0.83 -21.60 37.06
N SER C 169 -0.14 -22.02 37.88
CA SER C 169 -0.89 -23.29 37.69
C SER C 169 -1.61 -23.30 36.35
N SER C 170 -2.00 -24.47 35.84
CA SER C 170 -2.80 -24.57 34.60
C SER C 170 -3.98 -23.59 34.67
N SER C 171 -4.54 -23.47 35.86
CA SER C 171 -5.75 -22.72 36.23
C SER C 171 -5.55 -21.22 36.09
N GLU C 172 -4.61 -20.73 36.89
CA GLU C 172 -4.16 -19.34 36.95
C GLU C 172 -3.72 -18.89 35.57
N TYR C 173 -3.05 -19.76 34.83
CA TYR C 173 -2.51 -19.47 33.48
C TYR C 173 -3.70 -19.21 32.59
N GLU C 174 -4.73 -20.04 32.67
CA GLU C 174 -5.94 -19.90 31.80
C GLU C 174 -6.70 -18.63 32.24
N GLN C 175 -6.62 -18.29 33.51
CA GLN C 175 -7.27 -17.07 34.04
C GLN C 175 -6.61 -15.81 33.47
N VAL C 176 -5.30 -15.72 33.53
CA VAL C 176 -4.53 -14.53 33.15
C VAL C 176 -4.64 -14.38 31.63
N LEU C 177 -4.60 -15.48 30.87
CA LEU C 177 -4.84 -15.45 29.40
C LEU C 177 -6.25 -14.95 29.10
N GLU C 178 -7.17 -15.21 30.00
CA GLU C 178 -8.56 -14.74 29.80
C GLU C 178 -8.72 -13.24 30.11
N ILE C 179 -8.11 -12.75 31.20
CA ILE C 179 -8.00 -11.32 31.53
C ILE C 179 -7.42 -10.60 30.31
N ILE C 180 -6.39 -11.15 29.68
CA ILE C 180 -5.64 -10.50 28.56
C ILE C 180 -6.53 -10.44 27.34
N ARG C 181 -7.15 -11.58 26.99
CA ARG C 181 -8.09 -11.68 25.86
C ARG C 181 -9.15 -10.61 26.02
N LYS C 182 -9.86 -10.63 27.11
CA LYS C 182 -11.00 -9.68 27.31
C LYS C 182 -10.51 -8.23 27.23
N ALA C 183 -9.34 -7.93 27.81
CA ALA C 183 -8.74 -6.59 27.89
C ALA C 183 -8.39 -6.16 26.44
N ILE C 184 -7.92 -7.08 25.61
CA ILE C 184 -7.45 -6.73 24.24
C ILE C 184 -8.68 -6.56 23.35
N ILE C 185 -9.65 -7.42 23.47
CA ILE C 185 -10.93 -7.26 22.70
C ILE C 185 -11.59 -5.91 23.08
N ALA C 186 -11.53 -5.48 24.36
CA ALA C 186 -12.16 -4.24 24.87
C ALA C 186 -11.61 -2.99 24.13
N THR C 187 -10.37 -3.07 23.59
CA THR C 187 -9.73 -2.01 22.81
C THR C 187 -10.43 -1.85 21.46
N ASP C 188 -11.33 -2.72 21.09
CA ASP C 188 -12.21 -2.41 19.93
C ASP C 188 -13.20 -1.30 20.37
N LEU C 189 -13.00 -0.08 19.88
CA LEU C 189 -13.77 1.07 20.33
C LEU C 189 -15.26 0.81 20.02
N ALA C 190 -15.59 -0.02 19.03
CA ALA C 190 -16.99 -0.21 18.62
C ALA C 190 -17.72 -0.90 19.79
N LEU C 191 -16.97 -1.55 20.69
CA LEU C 191 -17.57 -2.26 21.85
C LEU C 191 -17.63 -1.30 23.04
N TYR C 192 -16.77 -0.30 23.09
CA TYR C 192 -16.73 0.70 24.18
C TYR C 192 -18.11 1.32 24.46
N PHE C 193 -18.87 1.70 23.44
CA PHE C 193 -20.16 2.41 23.57
C PHE C 193 -21.14 1.64 24.46
N GLY C 194 -21.46 0.43 24.04
CA GLY C 194 -22.22 -0.59 24.81
C GLY C 194 -21.69 -0.83 26.21
N ASN C 195 -20.38 -0.96 26.36
CA ASN C 195 -19.72 -1.26 27.64
C ASN C 195 -20.01 -0.09 28.58
N ARG C 196 -19.75 1.13 28.15
CA ARG C 196 -19.72 2.30 29.05
C ARG C 196 -21.16 2.57 29.51
N LYS C 197 -22.09 2.40 28.59
CA LYS C 197 -23.51 2.61 28.85
C LYS C 197 -23.91 1.66 29.99
N GLN C 198 -23.63 0.37 29.86
CA GLN C 198 -23.91 -0.63 30.91
C GLN C 198 -23.21 -0.20 32.17
N LEU C 199 -21.95 0.15 32.12
CA LEU C 199 -21.22 0.44 33.37
C LEU C 199 -21.89 1.64 34.05
N GLU C 200 -22.19 2.70 33.30
CA GLU C 200 -22.89 3.92 33.80
C GLU C 200 -24.21 3.54 34.50
N GLU C 201 -25.04 2.74 33.87
CA GLU C 201 -26.30 2.32 34.53
C GLU C 201 -25.99 1.58 35.84
N MET C 202 -25.04 0.68 35.86
CA MET C 202 -24.68 -0.08 37.08
C MET C 202 -24.22 0.87 38.18
N TYR C 203 -23.38 1.81 37.82
CA TYR C 203 -22.82 2.82 38.76
C TYR C 203 -23.94 3.70 39.33
N GLN C 204 -24.82 4.24 38.48
CA GLN C 204 -25.89 5.17 38.87
C GLN C 204 -26.93 4.48 39.75
N THR C 205 -27.24 3.22 39.51
CA THR C 205 -28.27 2.44 40.22
C THR C 205 -27.63 1.83 41.45
N GLY C 206 -26.32 1.93 41.58
CA GLY C 206 -25.63 1.41 42.77
C GLY C 206 -25.49 -0.11 42.73
N SER C 207 -25.84 -0.79 41.62
CA SER C 207 -25.73 -2.26 41.44
C SER C 207 -24.29 -2.68 41.08
N LEU C 208 -23.38 -1.72 40.82
CA LEU C 208 -21.97 -2.00 40.46
C LEU C 208 -21.28 -2.74 41.61
N ASN C 209 -20.71 -3.92 41.34
CA ASN C 209 -20.12 -4.80 42.39
C ASN C 209 -18.80 -5.38 41.89
N LEU C 210 -17.66 -4.97 42.45
CA LEU C 210 -16.35 -5.49 41.98
C LEU C 210 -16.10 -6.93 42.46
N ASN C 211 -16.99 -7.56 43.22
CA ASN C 211 -16.85 -9.02 43.52
C ASN C 211 -17.58 -9.77 42.43
N ASN C 212 -18.36 -9.09 41.63
CA ASN C 212 -19.00 -9.77 40.48
C ASN C 212 -18.05 -9.72 39.27
N GLN C 213 -17.55 -10.90 38.84
CA GLN C 213 -16.47 -11.07 37.81
C GLN C 213 -16.92 -10.38 36.53
N SER C 214 -18.18 -10.52 36.12
CA SER C 214 -18.71 -9.87 34.90
C SER C 214 -18.69 -8.31 35.06
N HIS C 215 -18.89 -7.76 36.24
CA HIS C 215 -18.72 -6.29 36.42
C HIS C 215 -17.23 -5.91 36.41
N ARG C 216 -16.36 -6.69 37.03
CA ARG C 216 -14.90 -6.37 36.97
C ARG C 216 -14.44 -6.36 35.50
N ASP C 217 -14.92 -7.32 34.71
CA ASP C 217 -14.60 -7.45 33.27
C ASP C 217 -14.96 -6.13 32.61
N ARG C 218 -16.09 -5.55 32.98
CA ARG C 218 -16.58 -4.30 32.32
C ARG C 218 -15.69 -3.13 32.72
N VAL C 219 -15.39 -3.01 34.01
CA VAL C 219 -14.50 -1.95 34.53
C VAL C 219 -13.12 -2.06 33.85
N ILE C 220 -12.58 -3.27 33.75
CA ILE C 220 -11.27 -3.48 33.07
C ILE C 220 -11.40 -3.05 31.60
N GLY C 221 -12.52 -3.35 30.93
CA GLY C 221 -12.77 -2.88 29.56
C GLY C 221 -12.66 -1.37 29.41
N LEU C 222 -13.34 -0.63 30.28
CA LEU C 222 -13.29 0.84 30.31
C LEU C 222 -11.87 1.33 30.59
N MET C 223 -11.20 0.75 31.57
CA MET C 223 -9.77 1.08 31.86
C MET C 223 -8.98 0.91 30.55
N MET C 224 -9.21 -0.13 29.76
CA MET C 224 -8.44 -0.36 28.51
C MET C 224 -8.76 0.74 27.50
N THR C 225 -10.04 1.11 27.33
CA THR C 225 -10.43 2.19 26.41
C THR C 225 -9.69 3.46 26.87
N ALA C 226 -9.74 3.74 28.18
CA ALA C 226 -9.18 4.98 28.76
C ALA C 226 -7.68 5.04 28.47
N CYS C 227 -7.01 3.91 28.65
CA CYS C 227 -5.53 3.81 28.39
C CYS C 227 -5.28 3.89 26.88
N ASP C 228 -6.12 3.26 26.04
CA ASP C 228 -5.97 3.26 24.58
C ASP C 228 -6.06 4.71 24.05
N LEU C 229 -6.94 5.56 24.63
CA LEU C 229 -7.18 6.94 24.18
C LEU C 229 -6.30 7.93 24.93
N CYS C 230 -5.37 7.47 25.73
CA CYS C 230 -4.70 8.38 26.72
C CYS C 230 -3.87 9.46 26.02
N SER C 231 -3.69 9.40 24.70
CA SER C 231 -3.03 10.50 23.92
C SER C 231 -3.71 11.86 24.16
N VAL C 232 -5.03 11.83 24.41
CA VAL C 232 -5.92 13.03 24.52
C VAL C 232 -5.88 13.56 25.94
N THR C 233 -5.12 12.90 26.84
CA THR C 233 -4.95 13.30 28.24
C THR C 233 -3.55 13.78 28.49
N LYS C 234 -2.75 13.98 27.42
CA LYS C 234 -1.39 14.51 27.63
C LYS C 234 -1.42 16.05 27.69
N LEU C 235 -0.27 16.61 28.02
CA LEU C 235 -0.06 18.06 27.82
C LEU C 235 -0.24 18.38 26.34
N TRP C 236 -0.79 19.56 26.07
CA TRP C 236 -1.35 19.94 24.73
C TRP C 236 -0.31 19.77 23.60
N PRO C 237 0.95 20.15 23.81
CA PRO C 237 1.95 19.95 22.76
C PRO C 237 2.14 18.47 22.37
N VAL C 238 2.04 17.56 23.34
CA VAL C 238 2.05 16.11 23.03
C VAL C 238 0.76 15.75 22.31
N THR C 239 -0.39 16.23 22.78
CA THR C 239 -1.72 15.79 22.30
C THR C 239 -1.85 16.23 20.84
N LYS C 240 -1.36 17.42 20.57
CA LYS C 240 -1.45 18.05 19.24
C LYS C 240 -0.56 17.31 18.25
N LEU C 241 0.69 17.09 18.61
CA LEU C 241 1.62 16.32 17.74
C LEU C 241 1.10 14.90 17.50
N THR C 242 0.60 14.19 18.50
CA THR C 242 0.05 12.83 18.33
C THR C 242 -1.16 12.86 17.39
N ALA C 243 -1.92 13.97 17.33
CA ALA C 243 -3.09 14.02 16.42
C ALA C 243 -2.58 13.94 14.96
N ASN C 244 -1.39 14.48 14.69
CA ASN C 244 -0.77 14.35 13.33
C ASN C 244 -0.53 12.88 12.98
N ASP C 245 -0.07 12.10 13.96
CA ASP C 245 0.36 10.71 13.71
C ASP C 245 -0.89 9.91 13.40
N ILE C 246 -1.96 10.08 14.19
CA ILE C 246 -3.21 9.30 14.02
C ILE C 246 -3.84 9.63 12.65
N TYR C 247 -3.81 10.89 12.24
CA TYR C 247 -4.42 11.32 10.96
C TYR C 247 -3.54 10.88 9.77
N ALA C 248 -2.23 10.77 9.93
CA ALA C 248 -1.39 10.27 8.81
C ALA C 248 -1.89 8.87 8.47
N GLU C 249 -2.18 8.06 9.49
CA GLU C 249 -2.69 6.69 9.26
C GLU C 249 -4.08 6.73 8.63
N PHE C 250 -4.98 7.50 9.23
CA PHE C 250 -6.36 7.58 8.74
C PHE C 250 -6.39 8.04 7.29
N TRP C 251 -5.63 9.07 6.95
CA TRP C 251 -5.65 9.64 5.59
C TRP C 251 -5.12 8.58 4.59
N ALA C 252 -4.01 7.89 4.88
CA ALA C 252 -3.60 6.73 4.06
C ALA C 252 -4.77 5.75 3.92
N GLU C 253 -5.51 5.46 4.99
CA GLU C 253 -6.62 4.48 4.88
C GLU C 253 -7.65 5.04 3.90
N GLY C 254 -7.94 6.33 3.98
CA GLY C 254 -8.84 7.06 3.05
C GLY C 254 -8.39 6.94 1.58
N ASP C 255 -7.12 7.17 1.35
CA ASP C 255 -6.48 6.96 0.03
C ASP C 255 -6.81 5.56 -0.44
N GLU C 256 -6.61 4.57 0.42
CA GLU C 256 -6.86 3.15 0.02
C GLU C 256 -8.37 2.86 -0.16
N MET C 257 -9.25 3.49 0.62
CA MET C 257 -10.71 3.35 0.41
C MET C 257 -11.00 3.88 -1.02
N LYS C 258 -10.44 5.03 -1.36
CA LYS C 258 -10.65 5.72 -2.67
C LYS C 258 -10.20 4.77 -3.78
N LYS C 259 -9.13 4.03 -3.53
CA LYS C 259 -8.65 3.04 -4.52
C LYS C 259 -9.57 1.81 -4.57
N LEU C 260 -10.27 1.48 -3.50
CA LEU C 260 -11.29 0.41 -3.53
C LEU C 260 -12.53 0.89 -4.29
N GLY C 261 -12.62 2.17 -4.64
CA GLY C 261 -13.83 2.69 -5.29
C GLY C 261 -14.89 3.14 -4.28
N ILE C 262 -14.50 3.38 -3.03
CA ILE C 262 -15.40 3.81 -1.93
C ILE C 262 -14.99 5.19 -1.42
N GLN C 263 -15.91 6.16 -1.39
CA GLN C 263 -15.60 7.51 -0.81
C GLN C 263 -15.33 7.22 0.66
N PRO C 264 -14.20 7.65 1.27
CA PRO C 264 -14.04 7.41 2.71
C PRO C 264 -14.88 8.37 3.56
N ILE C 265 -15.16 8.01 4.81
CA ILE C 265 -15.70 9.01 5.79
C ILE C 265 -14.74 10.19 5.84
N PRO C 266 -15.25 11.40 6.16
CA PRO C 266 -14.44 12.62 6.19
C PRO C 266 -13.18 12.59 7.06
N MET C 267 -13.25 11.87 8.17
CA MET C 267 -12.11 11.88 9.13
C MET C 267 -10.95 11.13 8.46
N MET C 268 -11.18 10.37 7.39
CA MET C 268 -10.11 9.65 6.66
C MET C 268 -9.93 10.23 5.27
N ASP C 269 -10.53 11.40 5.01
CA ASP C 269 -10.35 12.10 3.71
C ASP C 269 -9.33 13.22 3.88
N ARG C 270 -8.16 13.07 3.28
CA ARG C 270 -7.14 14.13 3.52
C ARG C 270 -7.63 15.46 2.95
N ASP C 271 -8.58 15.45 2.01
CA ASP C 271 -9.14 16.70 1.39
C ASP C 271 -9.93 17.49 2.43
N LYS C 272 -10.42 16.85 3.50
CA LYS C 272 -11.28 17.48 4.53
C LYS C 272 -10.47 17.86 5.78
N LYS C 273 -9.17 18.02 5.61
CA LYS C 273 -8.13 18.21 6.64
C LYS C 273 -8.49 19.41 7.52
N ASP C 274 -9.12 20.39 6.90
CA ASP C 274 -9.23 21.78 7.43
C ASP C 274 -10.24 21.68 8.58
N GLU C 275 -11.19 20.74 8.46
CA GLU C 275 -12.27 20.41 9.43
C GLU C 275 -11.76 19.58 10.63
N VAL C 276 -10.44 19.34 10.76
CA VAL C 276 -9.87 18.45 11.84
C VAL C 276 -10.24 19.03 13.21
N PRO C 277 -10.06 20.33 13.47
CA PRO C 277 -10.40 20.90 14.79
C PRO C 277 -11.85 20.64 15.23
N GLN C 278 -12.81 20.84 14.35
CA GLN C 278 -14.21 20.49 14.61
C GLN C 278 -14.31 18.99 14.91
N GLY C 279 -13.56 18.16 14.20
CA GLY C 279 -13.74 16.70 14.23
C GLY C 279 -13.28 16.15 15.56
N GLN C 280 -12.15 16.63 16.04
CA GLN C 280 -11.60 16.30 17.38
C GLN C 280 -12.63 16.73 18.44
N LEU C 281 -13.15 17.97 18.32
CA LEU C 281 -14.20 18.48 19.24
C LEU C 281 -15.26 17.42 19.37
N GLY C 282 -15.79 17.01 18.22
CA GLY C 282 -16.81 15.96 18.16
C GLY C 282 -16.33 14.73 18.92
N PHE C 283 -15.10 14.30 18.68
CA PHE C 283 -14.55 13.06 19.27
C PHE C 283 -14.54 13.22 20.80
N TYR C 284 -14.06 14.36 21.28
CA TYR C 284 -13.92 14.59 22.74
C TYR C 284 -15.31 14.59 23.41
N ASN C 285 -16.27 15.23 22.78
CA ASN C 285 -17.66 15.35 23.28
C ASN C 285 -18.32 13.98 23.31
N ALA C 286 -18.20 13.20 22.25
CA ALA C 286 -18.97 11.95 22.07
C ALA C 286 -18.22 10.74 22.65
N VAL C 287 -16.91 10.84 22.83
CA VAL C 287 -16.14 9.60 23.14
C VAL C 287 -15.28 9.81 24.37
N ALA C 288 -14.27 10.66 24.27
CA ALA C 288 -13.21 10.78 25.26
C ALA C 288 -13.77 11.30 26.59
N ILE C 289 -14.50 12.42 26.58
CA ILE C 289 -15.04 13.03 27.83
C ILE C 289 -15.95 12.02 28.52
N PRO C 290 -16.98 11.45 27.89
CA PRO C 290 -17.80 10.42 28.54
C PRO C 290 -17.01 9.27 29.18
N CYS C 291 -15.89 8.92 28.53
CA CYS C 291 -15.10 7.74 28.89
C CYS C 291 -14.39 8.06 30.21
N TYR C 292 -13.64 9.13 30.24
CA TYR C 292 -12.92 9.59 31.45
C TYR C 292 -13.93 10.00 32.54
N THR C 293 -15.15 10.40 32.18
CA THR C 293 -16.17 10.84 33.18
C THR C 293 -16.64 9.63 34.02
N THR C 294 -17.08 8.58 33.29
CA THR C 294 -17.46 7.25 33.82
C THR C 294 -16.27 6.62 34.55
N LEU C 295 -15.06 6.71 34.01
CA LEU C 295 -13.89 6.09 34.68
C LEU C 295 -13.64 6.80 36.01
N THR C 296 -13.80 8.12 36.02
CA THR C 296 -13.54 8.89 37.27
C THR C 296 -14.63 8.61 38.33
N GLN C 297 -15.87 8.36 37.91
CA GLN C 297 -16.98 8.00 38.83
C GLN C 297 -16.71 6.65 39.48
N ILE C 298 -16.16 5.69 38.77
CA ILE C 298 -15.84 4.36 39.35
C ILE C 298 -14.49 4.39 40.06
N LEU C 299 -13.47 5.08 39.53
CA LEU C 299 -12.13 5.14 40.15
C LEU C 299 -11.74 6.60 40.26
N PRO C 300 -12.18 7.28 41.34
CA PRO C 300 -11.92 8.70 41.51
C PRO C 300 -10.47 9.11 41.44
N PRO C 301 -9.50 8.30 41.89
CA PRO C 301 -8.10 8.70 41.67
C PRO C 301 -7.68 8.87 40.18
N THR C 302 -8.52 8.53 39.19
CA THR C 302 -8.15 8.68 37.75
C THR C 302 -8.57 10.03 37.24
N GLU C 303 -9.07 10.88 38.14
CA GLU C 303 -9.49 12.29 37.93
C GLU C 303 -8.59 13.07 36.97
N PRO C 304 -7.26 13.14 37.18
CA PRO C 304 -6.38 13.91 36.29
C PRO C 304 -6.52 13.53 34.79
N LEU C 305 -6.89 12.29 34.45
CA LEU C 305 -7.12 11.94 33.04
C LEU C 305 -8.23 12.82 32.49
N LEU C 306 -9.36 12.89 33.20
CA LEU C 306 -10.54 13.67 32.80
C LEU C 306 -10.19 15.15 32.69
N LYS C 307 -9.40 15.61 33.66
CA LYS C 307 -9.04 17.03 33.80
C LYS C 307 -8.20 17.35 32.58
N ALA C 308 -7.31 16.43 32.21
CA ALA C 308 -6.34 16.72 31.14
C ALA C 308 -7.11 16.68 29.84
N CYS C 309 -8.10 15.79 29.74
CA CYS C 309 -8.96 15.67 28.53
C CYS C 309 -9.76 16.98 28.37
N ARG C 310 -10.41 17.50 29.42
CA ARG C 310 -11.18 18.76 29.29
CA ARG C 310 -11.14 18.80 29.40
C ARG C 310 -10.21 19.90 28.88
N ASP C 311 -9.00 19.96 29.40
CA ASP C 311 -8.08 21.04 28.99
C ASP C 311 -7.85 21.02 27.47
N ASN C 312 -7.65 19.83 26.92
CA ASN C 312 -7.33 19.60 25.50
C ASN C 312 -8.57 19.89 24.66
N LEU C 313 -9.78 19.57 25.15
CA LEU C 313 -11.07 19.99 24.54
C LEU C 313 -11.11 21.54 24.40
N SER C 314 -10.73 22.28 25.44
CA SER C 314 -10.68 23.77 25.41
C SER C 314 -9.55 24.27 24.44
N GLN C 315 -8.42 23.57 24.32
CA GLN C 315 -7.42 23.89 23.28
C GLN C 315 -8.02 23.74 21.88
N TRP C 316 -8.82 22.71 21.63
CA TRP C 316 -9.40 22.54 20.29
C TRP C 316 -10.38 23.67 20.01
N GLU C 317 -11.15 24.08 21.01
CA GLU C 317 -12.19 25.14 20.86
C GLU C 317 -11.45 26.41 20.43
N LYS C 318 -10.34 26.71 21.09
CA LYS C 318 -9.45 27.85 20.80
C LYS C 318 -8.88 27.80 19.38
N VAL C 319 -8.34 26.66 18.97
CA VAL C 319 -7.93 26.47 17.55
C VAL C 319 -9.16 26.70 16.64
N ILE C 320 -10.36 26.21 16.98
CA ILE C 320 -11.56 26.36 16.11
C ILE C 320 -11.91 27.85 15.98
N ARG C 321 -11.50 28.68 16.93
CA ARG C 321 -11.92 30.10 16.96
C ARG C 321 -10.77 30.95 16.44
N GLY C 322 -9.90 30.39 15.62
CA GLY C 322 -8.78 31.14 15.00
C GLY C 322 -7.85 31.77 16.03
N GLU C 323 -7.82 31.30 17.28
CA GLU C 323 -6.97 31.80 18.40
C GLU C 323 -5.71 30.93 18.56
N GLU C 324 -5.48 30.01 17.60
CA GLU C 324 -4.24 29.20 17.45
C GLU C 324 -4.36 28.18 16.30
N TRP D 10 -52.92 -26.10 7.17
CA TRP D 10 -53.46 -27.43 7.58
C TRP D 10 -53.46 -28.38 6.36
N GLN D 11 -53.83 -27.88 5.16
CA GLN D 11 -53.81 -28.59 3.83
C GLN D 11 -52.82 -27.91 2.85
N GLY D 12 -52.03 -26.92 3.31
CA GLY D 12 -50.86 -26.33 2.60
C GLY D 12 -49.51 -26.83 3.15
N LEU D 13 -49.47 -28.10 3.62
CA LEU D 13 -48.27 -28.86 4.08
C LEU D 13 -47.73 -29.67 2.88
N MET D 14 -47.99 -29.18 1.69
CA MET D 14 -47.83 -29.91 0.41
C MET D 14 -46.66 -29.27 -0.35
N GLN D 15 -45.47 -29.80 -0.15
CA GLN D 15 -44.20 -29.26 -0.70
C GLN D 15 -43.86 -30.03 -1.97
N PHE D 16 -43.09 -29.41 -2.85
CA PHE D 16 -42.59 -30.01 -4.11
C PHE D 16 -41.19 -30.53 -3.87
N THR D 17 -40.89 -31.69 -4.44
CA THR D 17 -39.57 -32.36 -4.28
C THR D 17 -39.08 -32.76 -5.67
N LEU D 18 -37.82 -32.51 -5.96
CA LEU D 18 -37.19 -32.95 -7.23
C LEU D 18 -36.47 -34.28 -6.99
N PRO D 19 -36.21 -35.12 -8.00
CA PRO D 19 -35.30 -36.22 -7.80
C PRO D 19 -33.95 -35.66 -7.39
N VAL D 20 -33.20 -36.46 -6.63
CA VAL D 20 -31.91 -36.06 -6.00
C VAL D 20 -31.07 -35.26 -6.99
N ARG D 21 -30.75 -35.79 -8.16
CA ARG D 21 -29.80 -35.07 -9.04
C ARG D 21 -30.32 -33.66 -9.35
N LEU D 22 -31.63 -33.48 -9.52
CA LEU D 22 -32.19 -32.16 -9.91
C LEU D 22 -32.21 -31.26 -8.68
N CYS D 23 -32.61 -31.84 -7.56
CA CYS D 23 -32.60 -31.22 -6.22
C CYS D 23 -31.22 -30.64 -5.91
N LYS D 24 -30.17 -31.40 -6.17
CA LYS D 24 -28.77 -30.93 -5.97
C LYS D 24 -28.35 -29.96 -7.11
N GLU D 25 -28.72 -30.21 -8.37
CA GLU D 25 -28.05 -29.52 -9.50
C GLU D 25 -28.79 -28.22 -9.86
N ILE D 26 -30.05 -28.09 -9.42
CA ILE D 26 -30.89 -26.89 -9.68
C ILE D 26 -30.29 -25.68 -9.00
N GLU D 27 -29.48 -25.95 -7.97
CA GLU D 27 -28.83 -24.88 -7.15
C GLU D 27 -27.65 -24.32 -7.93
N LEU D 28 -27.12 -25.00 -8.93
CA LEU D 28 -25.95 -24.48 -9.71
C LEU D 28 -26.49 -23.53 -10.81
N PHE D 29 -25.80 -22.43 -11.11
CA PHE D 29 -26.18 -21.54 -12.22
C PHE D 29 -26.26 -22.31 -13.54
N HIS D 30 -25.42 -23.32 -13.78
CA HIS D 30 -25.28 -23.87 -15.17
C HIS D 30 -26.33 -24.98 -15.39
N PHE D 31 -27.18 -25.28 -14.40
CA PHE D 31 -28.28 -26.27 -14.49
C PHE D 31 -29.05 -26.10 -15.81
N ASP D 32 -29.30 -27.23 -16.46
CA ASP D 32 -30.21 -27.38 -17.62
C ASP D 32 -31.49 -28.04 -17.11
N ILE D 33 -32.67 -27.56 -17.49
CA ILE D 33 -33.98 -28.03 -16.92
C ILE D 33 -34.39 -29.36 -17.57
N GLY D 34 -33.69 -29.81 -18.62
CA GLY D 34 -33.89 -31.15 -19.22
C GLY D 34 -34.90 -31.14 -20.39
N PRO D 35 -35.05 -32.26 -21.10
CA PRO D 35 -35.98 -32.36 -22.22
C PRO D 35 -37.42 -32.81 -21.90
N PHE D 36 -37.74 -33.05 -20.63
CA PHE D 36 -39.12 -33.40 -20.14
C PHE D 36 -39.96 -32.14 -19.84
N GLU D 37 -40.64 -31.66 -20.90
CA GLU D 37 -41.61 -30.51 -20.87
C GLU D 37 -42.48 -30.60 -19.62
N ASN D 38 -42.92 -31.80 -19.25
CA ASN D 38 -43.97 -31.97 -18.21
C ASN D 38 -43.43 -31.81 -16.79
N MET D 39 -42.12 -31.72 -16.67
CA MET D 39 -41.44 -31.51 -15.38
C MET D 39 -41.21 -30.02 -15.15
N TRP D 40 -41.23 -29.23 -16.22
CA TRP D 40 -40.84 -27.81 -16.08
C TRP D 40 -41.79 -27.09 -15.14
N PRO D 41 -43.12 -27.32 -15.17
CA PRO D 41 -44.02 -26.65 -14.21
C PRO D 41 -43.66 -26.86 -12.74
N GLY D 42 -43.39 -28.11 -12.33
CA GLY D 42 -43.10 -28.44 -10.94
C GLY D 42 -41.72 -27.93 -10.57
N ILE D 43 -40.82 -27.90 -11.54
CA ILE D 43 -39.49 -27.31 -11.32
C ILE D 43 -39.71 -25.83 -11.02
N PHE D 44 -40.66 -25.22 -11.70
CA PHE D 44 -40.90 -23.76 -11.50
C PHE D 44 -41.45 -23.52 -10.10
N VAL D 45 -42.47 -24.29 -9.73
CA VAL D 45 -43.14 -24.23 -8.40
C VAL D 45 -42.09 -24.46 -7.31
N TYR D 46 -41.24 -25.47 -7.47
CA TYR D 46 -40.17 -25.80 -6.49
C TYR D 46 -39.37 -24.53 -6.23
N MET D 47 -38.99 -23.86 -7.32
CA MET D 47 -38.09 -22.68 -7.27
C MET D 47 -38.81 -21.58 -6.49
N VAL D 48 -40.09 -21.41 -6.75
CA VAL D 48 -40.90 -20.31 -6.17
C VAL D 48 -41.09 -20.58 -4.66
N HIS D 49 -41.32 -21.84 -4.26
CA HIS D 49 -41.38 -22.25 -2.84
C HIS D 49 -40.09 -21.98 -2.09
N ARG D 50 -38.94 -22.35 -2.67
CA ARG D 50 -37.63 -22.19 -1.99
C ARG D 50 -37.18 -20.74 -2.06
N SER D 51 -37.76 -19.97 -2.97
CA SER D 51 -37.22 -18.68 -3.46
C SER D 51 -37.89 -17.50 -2.73
N CYS D 52 -39.21 -17.52 -2.61
CA CYS D 52 -39.93 -16.53 -1.79
C CYS D 52 -40.79 -17.19 -0.70
N GLY D 53 -41.25 -18.45 -0.83
CA GLY D 53 -41.85 -19.19 0.30
C GLY D 53 -43.00 -20.10 -0.10
N THR D 54 -43.32 -21.08 0.76
CA THR D 54 -44.44 -22.03 0.58
C THR D 54 -45.76 -21.24 0.50
N SER D 55 -45.76 -20.01 1.04
CA SER D 55 -46.95 -19.20 1.43
C SER D 55 -47.19 -18.00 0.49
N CYS D 56 -46.20 -17.57 -0.29
CA CYS D 56 -46.39 -16.33 -1.10
CA CYS D 56 -46.28 -16.40 -1.22
C CYS D 56 -47.48 -16.52 -2.17
N PHE D 57 -47.75 -17.74 -2.67
CA PHE D 57 -48.82 -17.97 -3.67
C PHE D 57 -49.68 -19.15 -3.25
N GLU D 58 -51.00 -19.06 -3.48
CA GLU D 58 -52.00 -20.15 -3.31
C GLU D 58 -51.71 -21.19 -4.42
N LEU D 59 -51.45 -22.45 -4.08
CA LEU D 59 -50.92 -23.44 -5.05
C LEU D 59 -51.77 -23.51 -6.33
N GLU D 60 -53.10 -23.48 -6.22
CA GLU D 60 -54.04 -23.77 -7.35
C GLU D 60 -54.11 -22.60 -8.33
N LYS D 61 -54.02 -21.35 -7.88
CA LYS D 61 -53.92 -20.17 -8.77
C LYS D 61 -52.60 -20.28 -9.54
N LEU D 62 -51.53 -20.67 -8.85
CA LEU D 62 -50.15 -20.67 -9.41
C LEU D 62 -50.11 -21.68 -10.53
N CME D 63 -50.57 -22.90 -10.21
CA CME D 63 -50.69 -24.01 -11.18
CB CME D 63 -51.10 -25.31 -10.55
SG CME D 63 -49.70 -26.20 -9.82
SD CME D 63 -48.45 -26.63 -11.42
CE CME D 63 -48.83 -28.31 -11.97
CZ CME D 63 -47.88 -29.34 -11.41
OH CME D 63 -48.54 -30.55 -11.10
C CME D 63 -51.54 -23.56 -12.37
O CME D 63 -51.07 -23.70 -13.51
N ARG D 64 -52.66 -22.90 -12.15
CA ARG D 64 -53.46 -22.53 -13.36
C ARG D 64 -52.79 -21.34 -14.04
N PHE D 65 -52.18 -20.39 -13.31
CA PHE D 65 -51.37 -19.30 -13.92
C PHE D 65 -50.27 -19.87 -14.86
N ILE D 66 -49.51 -20.82 -14.38
CA ILE D 66 -48.36 -21.42 -15.13
C ILE D 66 -48.89 -22.10 -16.40
N MET D 67 -50.06 -22.74 -16.28
CA MET D 67 -50.60 -23.53 -17.41
C MET D 67 -51.16 -22.61 -18.50
N SER D 68 -51.72 -21.45 -18.16
CA SER D 68 -52.14 -20.41 -19.15
C SER D 68 -50.90 -19.72 -19.75
N VAL D 69 -49.84 -19.54 -18.97
CA VAL D 69 -48.58 -18.92 -19.47
C VAL D 69 -47.97 -19.82 -20.52
N LYS D 70 -47.74 -21.08 -20.16
CA LYS D 70 -47.23 -22.14 -21.07
C LYS D 70 -48.03 -22.09 -22.37
N LYS D 71 -49.35 -22.06 -22.24
CA LYS D 71 -50.25 -22.23 -23.40
C LYS D 71 -50.15 -20.97 -24.28
N ASN D 72 -49.68 -19.81 -23.79
CA ASN D 72 -49.56 -18.55 -24.58
C ASN D 72 -48.12 -18.33 -25.08
N TYR D 73 -47.21 -19.27 -24.82
CA TYR D 73 -45.94 -19.41 -25.58
C TYR D 73 -46.17 -20.28 -26.80
N ARG D 74 -45.52 -19.96 -27.89
CA ARG D 74 -45.68 -20.67 -29.18
C ARG D 74 -44.53 -21.63 -29.41
N ARG D 75 -44.75 -22.54 -30.36
CA ARG D 75 -43.81 -23.64 -30.69
C ARG D 75 -42.81 -23.09 -31.70
N VAL D 76 -41.94 -22.19 -31.25
CA VAL D 76 -40.87 -21.62 -32.10
C VAL D 76 -39.55 -22.23 -31.65
N PRO D 77 -38.50 -22.19 -32.49
CA PRO D 77 -37.24 -22.87 -32.16
C PRO D 77 -36.53 -22.45 -30.85
N TYR D 78 -36.71 -21.20 -30.41
CA TYR D 78 -35.89 -20.66 -29.28
C TYR D 78 -36.78 -19.94 -28.27
N HIS D 79 -37.59 -18.95 -28.69
CA HIS D 79 -38.37 -18.04 -27.81
C HIS D 79 -39.66 -18.73 -27.31
N ASN D 80 -39.50 -19.84 -26.60
CA ASN D 80 -40.58 -20.82 -26.33
C ASN D 80 -40.63 -21.08 -24.84
N TRP D 81 -41.53 -22.00 -24.48
CA TRP D 81 -41.78 -22.29 -23.06
C TRP D 81 -40.48 -22.68 -22.38
N LYS D 82 -39.60 -23.43 -23.08
CA LYS D 82 -38.35 -23.93 -22.48
C LYS D 82 -37.42 -22.78 -22.09
N HIS D 83 -37.31 -21.74 -22.92
CA HIS D 83 -36.56 -20.48 -22.67
C HIS D 83 -37.16 -19.69 -21.49
N ALA D 84 -38.48 -19.64 -21.38
CA ALA D 84 -39.23 -19.06 -20.24
C ALA D 84 -38.68 -19.59 -18.90
N VAL D 85 -38.67 -20.91 -18.76
CA VAL D 85 -38.35 -21.59 -17.47
C VAL D 85 -36.83 -21.59 -17.25
N THR D 86 -36.03 -21.61 -18.31
CA THR D 86 -34.56 -21.49 -18.24
C THR D 86 -34.21 -20.12 -17.66
N VAL D 87 -34.76 -19.07 -18.24
CA VAL D 87 -34.55 -17.67 -17.74
C VAL D 87 -35.06 -17.54 -16.29
N ALA D 88 -36.20 -18.15 -15.95
CA ALA D 88 -36.63 -18.17 -14.54
C ALA D 88 -35.58 -18.84 -13.64
N HIS D 89 -35.08 -20.01 -14.03
CA HIS D 89 -34.10 -20.79 -13.24
C HIS D 89 -32.83 -19.94 -12.96
N CYS D 90 -32.32 -19.17 -13.92
CA CYS D 90 -31.16 -18.27 -13.73
C CYS D 90 -31.54 -17.23 -12.68
N MET D 91 -32.77 -16.71 -12.73
CA MET D 91 -33.18 -15.67 -11.79
C MET D 91 -33.23 -16.36 -10.42
N TYR D 92 -33.76 -17.57 -10.37
CA TYR D 92 -33.75 -18.37 -9.10
C TYR D 92 -32.32 -18.35 -8.47
N ALA D 93 -31.34 -18.80 -9.26
CA ALA D 93 -29.95 -19.03 -8.81
C ALA D 93 -29.41 -17.71 -8.29
N ILE D 94 -29.67 -16.59 -8.99
CA ILE D 94 -29.23 -15.24 -8.55
C ILE D 94 -29.93 -14.94 -7.21
N LEU D 95 -31.23 -15.23 -7.11
CA LEU D 95 -31.98 -14.83 -5.89
C LEU D 95 -31.53 -15.69 -4.72
N GLN D 96 -31.26 -16.99 -4.91
CA GLN D 96 -30.83 -17.85 -3.78
C GLN D 96 -29.43 -17.42 -3.27
N ASN D 97 -28.60 -16.83 -4.13
CA ASN D 97 -27.15 -16.58 -3.88
C ASN D 97 -26.94 -15.10 -3.55
N ASN D 98 -28.00 -14.32 -3.49
CA ASN D 98 -27.98 -12.90 -3.09
C ASN D 98 -29.22 -12.62 -2.24
N HIS D 99 -29.57 -13.55 -1.33
CA HIS D 99 -30.95 -13.64 -0.74
C HIS D 99 -31.20 -12.54 0.31
N THR D 100 -30.19 -11.83 0.76
CA THR D 100 -30.39 -10.75 1.77
C THR D 100 -30.63 -9.43 1.03
N LEU D 101 -30.39 -9.40 -0.29
CA LEU D 101 -30.44 -8.13 -1.08
C LEU D 101 -31.87 -7.82 -1.59
N PHE D 102 -32.82 -8.77 -1.62
CA PHE D 102 -34.13 -8.53 -2.31
C PHE D 102 -35.31 -8.42 -1.34
N THR D 103 -36.20 -7.48 -1.65
CA THR D 103 -37.49 -7.29 -0.95
C THR D 103 -38.40 -8.48 -1.24
N ASP D 104 -39.51 -8.58 -0.52
CA ASP D 104 -40.47 -9.72 -0.59
C ASP D 104 -41.16 -9.72 -1.95
N LEU D 105 -41.57 -8.52 -2.40
CA LEU D 105 -42.27 -8.22 -3.69
C LEU D 105 -41.33 -8.50 -4.86
N GLU D 106 -40.05 -8.13 -4.70
CA GLU D 106 -39.02 -8.46 -5.73
C GLU D 106 -38.94 -9.99 -5.93
N ARG D 107 -38.97 -10.78 -4.85
CA ARG D 107 -38.82 -12.26 -4.94
C ARG D 107 -39.99 -12.81 -5.77
N LYS D 108 -41.24 -12.57 -5.32
CA LYS D 108 -42.53 -12.86 -6.01
C LYS D 108 -42.44 -12.46 -7.49
N GLY D 109 -42.24 -11.16 -7.72
CA GLY D 109 -42.36 -10.51 -9.03
C GLY D 109 -41.36 -10.97 -10.08
N LEU D 110 -40.10 -11.21 -9.72
CA LEU D 110 -39.00 -11.41 -10.70
C LEU D 110 -39.07 -12.82 -11.31
N LEU D 111 -39.38 -13.83 -10.50
CA LEU D 111 -39.60 -15.20 -11.05
C LEU D 111 -40.78 -15.13 -12.01
N ILE D 112 -41.88 -14.50 -11.63
CA ILE D 112 -43.07 -14.37 -12.54
C ILE D 112 -42.62 -13.60 -13.78
N ALA D 113 -41.91 -12.51 -13.60
CA ALA D 113 -41.48 -11.64 -14.71
C ALA D 113 -40.64 -12.46 -15.69
N CYS D 114 -39.73 -13.29 -15.20
CA CYS D 114 -38.88 -14.13 -16.11
C CYS D 114 -39.77 -15.14 -16.85
N LEU D 115 -40.70 -15.78 -16.12
CA LEU D 115 -41.58 -16.81 -16.75
C LEU D 115 -42.41 -16.21 -17.91
N CYS D 116 -42.75 -14.91 -17.82
CA CYS D 116 -43.69 -14.23 -18.75
C CYS D 116 -42.93 -13.40 -19.80
N HIS D 117 -41.61 -13.22 -19.67
CA HIS D 117 -40.81 -12.11 -20.29
C HIS D 117 -40.89 -12.16 -21.81
N ASP D 118 -41.18 -13.35 -22.38
CA ASP D 118 -41.30 -13.50 -23.86
C ASP D 118 -42.67 -14.02 -24.32
N LEU D 119 -43.74 -13.83 -23.55
CA LEU D 119 -45.11 -14.35 -23.81
C LEU D 119 -45.59 -13.98 -25.22
N ASP D 120 -46.00 -14.99 -26.00
CA ASP D 120 -46.61 -14.82 -27.35
C ASP D 120 -45.54 -14.36 -28.34
N HIS D 121 -44.28 -14.71 -28.11
CA HIS D 121 -43.21 -14.37 -29.07
C HIS D 121 -43.49 -15.13 -30.38
N ARG D 122 -43.23 -14.52 -31.51
CA ARG D 122 -43.49 -15.12 -32.84
C ARG D 122 -42.18 -15.56 -33.50
N GLY D 123 -41.04 -15.31 -32.86
CA GLY D 123 -39.72 -15.69 -33.42
C GLY D 123 -39.17 -14.59 -34.33
N PHE D 124 -39.70 -13.38 -34.19
CA PHE D 124 -39.28 -12.19 -34.97
C PHE D 124 -38.90 -11.06 -33.99
N SER D 125 -37.72 -10.48 -34.27
CA SER D 125 -37.14 -9.21 -33.75
C SER D 125 -38.13 -8.05 -33.92
N ASN D 126 -38.00 -7.08 -33.01
CA ASN D 126 -38.71 -5.77 -33.02
C ASN D 126 -38.53 -5.08 -34.38
N SER D 127 -37.34 -5.18 -34.97
CA SER D 127 -37.02 -4.53 -36.26
C SER D 127 -37.90 -5.14 -37.33
N TYR D 128 -38.05 -6.46 -37.32
CA TYR D 128 -38.76 -7.15 -38.43
C TYR D 128 -40.24 -6.70 -38.34
N LEU D 129 -40.82 -6.71 -37.13
CA LEU D 129 -42.22 -6.26 -36.94
C LEU D 129 -42.33 -4.85 -37.55
N GLN D 130 -41.31 -4.02 -37.34
CA GLN D 130 -41.32 -2.61 -37.79
C GLN D 130 -41.21 -2.57 -39.32
N LYS D 131 -40.34 -3.42 -39.88
CA LYS D 131 -40.10 -3.45 -41.35
C LYS D 131 -41.31 -4.06 -42.04
N PHE D 132 -41.99 -4.98 -41.36
CA PHE D 132 -43.17 -5.68 -41.91
C PHE D 132 -44.38 -4.75 -41.86
N ASP D 133 -44.34 -3.80 -40.93
CA ASP D 133 -45.45 -2.85 -40.67
C ASP D 133 -46.48 -3.59 -39.81
N HIS D 134 -46.00 -4.42 -38.91
CA HIS D 134 -46.90 -5.25 -38.08
C HIS D 134 -47.72 -4.32 -37.19
N PRO D 135 -49.04 -4.60 -37.00
CA PRO D 135 -49.88 -3.81 -36.11
C PRO D 135 -49.27 -3.62 -34.72
N LEU D 136 -48.47 -4.57 -34.21
CA LEU D 136 -47.86 -4.41 -32.85
C LEU D 136 -46.87 -3.22 -32.86
N ALA D 137 -46.21 -2.95 -34.00
CA ALA D 137 -45.25 -1.82 -34.21
C ALA D 137 -45.98 -0.48 -34.20
N ALA D 138 -47.25 -0.49 -34.60
CA ALA D 138 -48.10 0.71 -34.60
C ALA D 138 -48.45 1.00 -33.14
N LEU D 139 -48.84 0.00 -32.40
CA LEU D 139 -49.36 0.15 -31.02
C LEU D 139 -48.20 0.46 -30.07
N TYR D 140 -47.02 -0.14 -30.32
CA TYR D 140 -45.80 -0.01 -29.46
C TYR D 140 -44.62 0.37 -30.37
N SER D 141 -44.31 1.66 -30.46
CA SER D 141 -43.22 2.27 -31.29
C SER D 141 -41.85 1.81 -30.84
N THR D 142 -41.68 1.55 -29.54
CA THR D 142 -40.39 1.22 -28.84
C THR D 142 -40.59 -0.10 -28.09
N SER D 143 -39.56 -0.95 -28.04
CA SER D 143 -39.54 -2.23 -27.29
C SER D 143 -40.88 -2.96 -27.57
N THR D 144 -41.19 -3.07 -28.87
CA THR D 144 -42.51 -3.50 -29.41
C THR D 144 -42.95 -4.82 -28.73
N MET D 145 -42.22 -5.90 -28.97
CA MET D 145 -42.54 -7.27 -28.49
C MET D 145 -42.57 -7.24 -26.96
N GLU D 146 -41.64 -6.53 -26.32
CA GLU D 146 -41.49 -6.47 -24.83
C GLU D 146 -42.73 -5.83 -24.18
N GLN D 147 -43.28 -4.78 -24.77
CA GLN D 147 -44.54 -4.19 -24.26
C GLN D 147 -45.70 -5.19 -24.51
N HIS D 148 -45.73 -5.89 -25.65
CA HIS D 148 -46.71 -6.96 -25.93
C HIS D 148 -46.57 -8.06 -24.87
N HIS D 149 -45.35 -8.42 -24.45
CA HIS D 149 -45.18 -9.50 -23.45
C HIS D 149 -45.83 -9.09 -22.13
N PHE D 150 -45.63 -7.84 -21.73
CA PHE D 150 -46.14 -7.32 -20.42
C PHE D 150 -47.67 -7.26 -20.50
N SER D 151 -48.18 -6.83 -21.66
CA SER D 151 -49.63 -6.77 -22.00
C SER D 151 -50.26 -8.14 -21.79
N GLN D 152 -49.64 -9.16 -22.38
CA GLN D 152 -50.09 -10.58 -22.30
C GLN D 152 -50.04 -11.05 -20.85
N THR D 153 -48.99 -10.70 -20.12
CA THR D 153 -48.83 -11.07 -18.69
C THR D 153 -50.07 -10.58 -17.92
N VAL D 154 -50.51 -9.36 -18.19
CA VAL D 154 -51.61 -8.66 -17.44
C VAL D 154 -52.95 -9.31 -17.87
N SER D 155 -53.16 -9.52 -19.17
CA SER D 155 -54.26 -10.39 -19.65
C SER D 155 -54.41 -11.65 -18.79
N ILE D 156 -53.32 -12.38 -18.60
CA ILE D 156 -53.42 -13.72 -17.96
C ILE D 156 -53.78 -13.53 -16.48
N LEU D 157 -53.17 -12.55 -15.80
CA LEU D 157 -53.45 -12.30 -14.35
C LEU D 157 -54.92 -11.89 -14.12
N GLN D 158 -55.61 -11.45 -15.18
CA GLN D 158 -57.00 -10.91 -15.20
C GLN D 158 -57.96 -11.95 -15.78
N LEU D 159 -57.44 -13.16 -16.04
CA LEU D 159 -58.24 -14.38 -16.20
C LEU D 159 -58.82 -14.76 -14.83
N GLU D 160 -60.04 -15.28 -14.85
CA GLU D 160 -60.76 -15.83 -13.66
C GLU D 160 -59.90 -16.89 -12.97
N GLY D 161 -59.70 -16.77 -11.65
CA GLY D 161 -58.95 -17.75 -10.84
C GLY D 161 -57.44 -17.70 -11.04
N HIS D 162 -56.87 -16.82 -11.88
CA HIS D 162 -55.41 -16.73 -12.16
C HIS D 162 -54.71 -15.59 -11.39
N ASN D 163 -55.40 -14.83 -10.53
CA ASN D 163 -54.67 -13.71 -9.87
C ASN D 163 -53.90 -14.25 -8.65
N ILE D 164 -52.64 -14.54 -8.91
CA ILE D 164 -51.66 -15.05 -7.93
C ILE D 164 -51.25 -13.93 -6.96
N PHE D 165 -51.60 -12.67 -7.23
CA PHE D 165 -51.28 -11.55 -6.31
C PHE D 165 -52.54 -11.11 -5.56
N SER D 166 -53.56 -11.96 -5.50
CA SER D 166 -54.90 -11.62 -4.93
C SER D 166 -54.80 -11.16 -3.48
N THR D 167 -53.74 -11.55 -2.75
CA THR D 167 -53.58 -11.29 -1.29
C THR D 167 -52.77 -9.99 -1.06
N LEU D 168 -52.21 -9.36 -2.09
CA LEU D 168 -51.44 -8.10 -1.91
C LEU D 168 -52.44 -6.95 -1.78
N SER D 169 -52.13 -5.93 -1.00
CA SER D 169 -52.84 -4.62 -1.01
C SER D 169 -52.88 -4.07 -2.44
N SER D 170 -53.72 -3.06 -2.65
CA SER D 170 -53.82 -2.32 -3.92
C SER D 170 -52.46 -1.71 -4.27
N SER D 171 -51.73 -1.29 -3.24
CA SER D 171 -50.43 -0.58 -3.34
C SER D 171 -49.32 -1.53 -3.76
N GLU D 172 -49.24 -2.65 -3.02
CA GLU D 172 -48.24 -3.74 -3.18
C GLU D 172 -48.47 -4.32 -4.56
N TYR D 173 -49.74 -4.57 -4.91
CA TYR D 173 -50.09 -5.15 -6.21
C TYR D 173 -49.56 -4.21 -7.29
N GLU D 174 -49.72 -2.91 -7.10
CA GLU D 174 -49.32 -1.96 -8.18
C GLU D 174 -47.79 -1.94 -8.28
N GLN D 175 -47.17 -2.13 -7.14
CA GLN D 175 -45.71 -2.17 -6.95
C GLN D 175 -45.16 -3.39 -7.68
N VAL D 176 -45.70 -4.58 -7.41
CA VAL D 176 -45.17 -5.85 -7.99
C VAL D 176 -45.35 -5.80 -9.49
N LEU D 177 -46.46 -5.24 -9.96
CA LEU D 177 -46.78 -5.16 -11.41
C LEU D 177 -45.77 -4.21 -12.07
N GLU D 178 -45.37 -3.16 -11.34
CA GLU D 178 -44.32 -2.18 -11.76
C GLU D 178 -42.93 -2.82 -11.86
N ILE D 179 -42.55 -3.66 -10.90
CA ILE D 179 -41.33 -4.51 -10.92
C ILE D 179 -41.35 -5.33 -12.21
N ILE D 180 -42.47 -5.99 -12.47
CA ILE D 180 -42.63 -6.98 -13.59
C ILE D 180 -42.50 -6.22 -14.90
N ARG D 181 -43.17 -5.08 -15.01
CA ARG D 181 -43.18 -4.29 -16.26
C ARG D 181 -41.74 -3.86 -16.55
N LYS D 182 -41.06 -3.35 -15.54
CA LYS D 182 -39.71 -2.76 -15.73
C LYS D 182 -38.74 -3.88 -16.12
N ALA D 183 -38.90 -4.99 -15.42
CA ALA D 183 -38.12 -6.22 -15.63
C ALA D 183 -38.33 -6.70 -17.06
N ILE D 184 -39.56 -6.74 -17.59
CA ILE D 184 -39.81 -7.39 -18.91
C ILE D 184 -39.28 -6.46 -19.99
N ILE D 185 -39.48 -5.16 -19.78
CA ILE D 185 -38.99 -4.09 -20.71
C ILE D 185 -37.46 -4.15 -20.83
N ALA D 186 -36.77 -4.49 -19.74
CA ALA D 186 -35.28 -4.53 -19.66
C ALA D 186 -34.70 -5.65 -20.55
N THR D 187 -35.53 -6.64 -20.93
CA THR D 187 -35.11 -7.77 -21.80
C THR D 187 -34.98 -7.28 -23.24
N ASP D 188 -35.38 -6.08 -23.57
CA ASP D 188 -35.02 -5.47 -24.88
C ASP D 188 -33.53 -5.14 -24.88
N LEU D 189 -32.75 -5.91 -25.63
CA LEU D 189 -31.27 -5.82 -25.54
C LEU D 189 -30.88 -4.41 -25.98
N ALA D 190 -31.57 -3.83 -26.94
CA ALA D 190 -31.33 -2.43 -27.36
C ALA D 190 -31.06 -1.56 -26.12
N LEU D 191 -31.83 -1.75 -25.05
CA LEU D 191 -31.79 -0.91 -23.82
C LEU D 191 -30.64 -1.29 -22.88
N TYR D 192 -30.17 -2.54 -22.92
CA TYR D 192 -29.15 -3.11 -22.00
C TYR D 192 -27.85 -2.29 -22.06
N PHE D 193 -27.45 -1.89 -23.28
CA PHE D 193 -26.13 -1.27 -23.58
C PHE D 193 -25.96 -0.01 -22.72
N GLY D 194 -26.83 1.00 -22.90
CA GLY D 194 -27.02 2.16 -22.00
C GLY D 194 -27.01 1.77 -20.54
N ASN D 195 -27.84 0.80 -20.13
CA ASN D 195 -28.04 0.44 -18.69
C ASN D 195 -26.75 -0.16 -18.10
N ARG D 196 -25.93 -0.80 -18.90
CA ARG D 196 -24.72 -1.47 -18.35
C ARG D 196 -23.65 -0.40 -18.12
N LYS D 197 -23.39 0.46 -19.14
CA LYS D 197 -22.48 1.64 -19.13
C LYS D 197 -22.81 2.55 -17.93
N GLN D 198 -24.08 2.78 -17.63
CA GLN D 198 -24.56 3.54 -16.44
C GLN D 198 -24.14 2.86 -15.12
N LEU D 199 -24.42 1.57 -14.93
CA LEU D 199 -24.09 0.82 -13.68
C LEU D 199 -22.56 0.70 -13.52
N GLU D 200 -21.87 0.49 -14.64
CA GLU D 200 -20.40 0.49 -14.75
C GLU D 200 -19.89 1.72 -14.01
N GLU D 201 -20.23 2.89 -14.53
CA GLU D 201 -19.79 4.19 -13.98
C GLU D 201 -20.16 4.32 -12.50
N MET D 202 -21.44 4.18 -12.17
CA MET D 202 -22.00 4.25 -10.80
C MET D 202 -21.19 3.35 -9.86
N TYR D 203 -20.98 2.08 -10.23
CA TYR D 203 -20.36 1.05 -9.35
C TYR D 203 -18.86 1.34 -9.11
N GLN D 204 -18.15 1.69 -10.20
CA GLN D 204 -16.69 1.97 -10.27
C GLN D 204 -16.34 3.25 -9.51
N THR D 205 -17.12 4.33 -9.72
CA THR D 205 -16.95 5.66 -9.06
C THR D 205 -17.62 5.66 -7.69
N GLY D 206 -18.08 4.50 -7.22
CA GLY D 206 -18.63 4.32 -5.84
C GLY D 206 -19.97 5.00 -5.59
N SER D 207 -20.64 5.60 -6.60
CA SER D 207 -21.99 6.25 -6.47
C SER D 207 -23.20 5.28 -6.53
N LEU D 208 -23.03 3.97 -6.82
CA LEU D 208 -24.16 3.00 -6.81
C LEU D 208 -24.75 2.95 -5.41
N ASN D 209 -26.08 2.93 -5.28
CA ASN D 209 -26.73 2.91 -3.95
C ASN D 209 -28.07 2.17 -4.06
N LEU D 210 -28.08 0.90 -3.63
CA LEU D 210 -29.27 -0.02 -3.72
C LEU D 210 -30.45 0.49 -2.87
N ASN D 211 -30.32 1.57 -2.09
CA ASN D 211 -31.46 2.20 -1.37
C ASN D 211 -32.14 3.23 -2.28
N ASN D 212 -31.53 3.52 -3.42
CA ASN D 212 -32.08 4.42 -4.45
C ASN D 212 -32.85 3.50 -5.40
N GLN D 213 -34.19 3.57 -5.40
CA GLN D 213 -35.10 2.75 -6.26
C GLN D 213 -34.61 2.71 -7.72
N SER D 214 -34.24 3.87 -8.24
CA SER D 214 -33.76 4.11 -9.62
C SER D 214 -32.55 3.23 -9.91
N HIS D 215 -31.68 3.05 -8.91
CA HIS D 215 -30.47 2.20 -8.99
C HIS D 215 -30.90 0.73 -9.02
N ARG D 216 -31.85 0.36 -8.14
CA ARG D 216 -32.40 -1.01 -8.07
C ARG D 216 -32.97 -1.40 -9.44
N ASP D 217 -33.75 -0.54 -10.06
CA ASP D 217 -34.38 -0.85 -11.37
C ASP D 217 -33.26 -1.15 -12.37
N ARG D 218 -32.17 -0.39 -12.34
CA ARG D 218 -31.03 -0.63 -13.27
C ARG D 218 -30.42 -2.00 -13.00
N VAL D 219 -30.13 -2.28 -11.73
CA VAL D 219 -29.56 -3.60 -11.32
C VAL D 219 -30.54 -4.71 -11.72
N ILE D 220 -31.82 -4.59 -11.37
CA ILE D 220 -32.80 -5.62 -11.87
C ILE D 220 -32.73 -5.72 -13.41
N GLY D 221 -32.76 -4.57 -14.07
CA GLY D 221 -32.52 -4.47 -15.52
C GLY D 221 -31.42 -5.42 -15.93
N LEU D 222 -30.23 -5.31 -15.31
CA LEU D 222 -29.04 -6.07 -15.72
C LEU D 222 -29.25 -7.55 -15.39
N MET D 223 -29.77 -7.84 -14.20
CA MET D 223 -30.13 -9.22 -13.82
C MET D 223 -31.02 -9.83 -14.94
N MET D 224 -31.97 -9.04 -15.47
CA MET D 224 -32.88 -9.51 -16.55
C MET D 224 -32.04 -9.85 -17.78
N THR D 225 -31.23 -8.93 -18.31
CA THR D 225 -30.36 -9.28 -19.47
C THR D 225 -29.57 -10.57 -19.24
N ALA D 226 -28.90 -10.66 -18.09
CA ALA D 226 -28.07 -11.78 -17.61
C ALA D 226 -28.84 -13.11 -17.66
N CYS D 227 -30.03 -13.15 -17.07
CA CYS D 227 -30.96 -14.28 -17.10
C CYS D 227 -31.37 -14.64 -18.55
N ASP D 228 -31.65 -13.62 -19.34
CA ASP D 228 -32.19 -13.76 -20.69
C ASP D 228 -31.06 -14.31 -21.61
N LEU D 229 -29.79 -14.02 -21.30
CA LEU D 229 -28.65 -14.46 -22.14
C LEU D 229 -28.07 -15.78 -21.59
N CYS D 230 -28.65 -16.38 -20.54
CA CYS D 230 -27.98 -17.37 -19.68
C CYS D 230 -27.67 -18.69 -20.40
N SER D 231 -28.18 -18.90 -21.63
CA SER D 231 -27.75 -20.02 -22.51
C SER D 231 -26.22 -20.04 -22.77
N VAL D 232 -25.56 -18.88 -22.77
CA VAL D 232 -24.09 -18.66 -22.94
C VAL D 232 -23.32 -18.96 -21.65
N THR D 233 -24.01 -19.19 -20.54
CA THR D 233 -23.38 -19.57 -19.26
C THR D 233 -23.65 -21.05 -18.92
N LYS D 234 -24.09 -21.85 -19.88
CA LYS D 234 -24.28 -23.31 -19.67
C LYS D 234 -23.00 -24.06 -20.07
N LEU D 235 -22.98 -25.34 -19.76
CA LEU D 235 -21.87 -26.21 -20.22
C LEU D 235 -21.91 -26.21 -21.74
N TRP D 236 -20.73 -26.28 -22.33
CA TRP D 236 -20.51 -26.02 -23.76
C TRP D 236 -21.51 -26.78 -24.64
N PRO D 237 -21.81 -28.07 -24.38
CA PRO D 237 -22.72 -28.86 -25.22
C PRO D 237 -24.16 -28.31 -25.28
N VAL D 238 -24.69 -27.89 -24.11
CA VAL D 238 -25.98 -27.13 -23.98
C VAL D 238 -25.87 -25.84 -24.79
N THR D 239 -24.81 -25.06 -24.57
CA THR D 239 -24.62 -23.73 -25.20
C THR D 239 -24.52 -23.87 -26.72
N LYS D 240 -23.87 -24.95 -27.18
CA LYS D 240 -23.57 -25.11 -28.61
C LYS D 240 -24.88 -25.53 -29.30
N LEU D 241 -25.65 -26.43 -28.69
CA LEU D 241 -26.96 -26.85 -29.27
C LEU D 241 -28.00 -25.72 -29.16
N THR D 242 -27.95 -24.86 -28.13
CA THR D 242 -28.93 -23.74 -28.01
C THR D 242 -28.73 -22.76 -29.16
N ALA D 243 -27.47 -22.55 -29.53
CA ALA D 243 -27.07 -21.66 -30.63
C ALA D 243 -27.81 -22.04 -31.91
N ASN D 244 -28.01 -23.33 -32.19
CA ASN D 244 -28.76 -23.83 -33.39
C ASN D 244 -30.22 -23.38 -33.40
N ASP D 245 -30.88 -23.45 -32.26
CA ASP D 245 -32.23 -22.89 -32.03
C ASP D 245 -32.29 -21.39 -32.39
N ILE D 246 -31.45 -20.53 -31.81
CA ILE D 246 -31.60 -19.05 -31.99
C ILE D 246 -31.39 -18.73 -33.48
N TYR D 247 -30.48 -19.46 -34.11
CA TYR D 247 -30.07 -19.18 -35.51
C TYR D 247 -31.18 -19.68 -36.45
N ALA D 248 -31.87 -20.76 -36.10
CA ALA D 248 -33.06 -21.24 -36.84
C ALA D 248 -34.01 -20.06 -36.97
N GLU D 249 -34.25 -19.43 -35.81
CA GLU D 249 -35.16 -18.27 -35.75
C GLU D 249 -34.62 -17.12 -36.58
N PHE D 250 -33.36 -16.78 -36.38
CA PHE D 250 -32.75 -15.57 -36.98
C PHE D 250 -32.72 -15.74 -38.49
N TRP D 251 -32.41 -16.94 -38.98
CA TRP D 251 -32.34 -17.20 -40.45
C TRP D 251 -33.75 -17.18 -41.07
N ALA D 252 -34.73 -17.73 -40.40
CA ALA D 252 -36.13 -17.67 -40.87
C ALA D 252 -36.46 -16.17 -41.00
N GLU D 253 -36.00 -15.34 -40.04
CA GLU D 253 -36.33 -13.88 -40.07
C GLU D 253 -35.54 -13.27 -41.22
N GLY D 254 -34.31 -13.72 -41.42
CA GLY D 254 -33.49 -13.24 -42.55
C GLY D 254 -34.20 -13.51 -43.84
N ASP D 255 -34.72 -14.73 -44.01
CA ASP D 255 -35.52 -15.13 -45.20
C ASP D 255 -36.72 -14.21 -45.39
N GLU D 256 -37.39 -13.85 -44.31
CA GLU D 256 -38.58 -12.97 -44.38
C GLU D 256 -38.14 -11.55 -44.79
N MET D 257 -36.95 -11.14 -44.36
CA MET D 257 -36.36 -9.83 -44.72
C MET D 257 -36.14 -9.83 -46.23
N LYS D 258 -35.60 -10.91 -46.80
CA LYS D 258 -35.37 -11.07 -48.25
C LYS D 258 -36.70 -11.00 -49.00
N LYS D 259 -37.73 -11.66 -48.45
CA LYS D 259 -39.08 -11.65 -49.04
C LYS D 259 -39.63 -10.22 -48.98
N LEU D 260 -39.23 -9.41 -47.99
CA LEU D 260 -39.63 -7.97 -47.95
C LEU D 260 -38.80 -7.15 -48.95
N GLY D 261 -37.85 -7.75 -49.67
CA GLY D 261 -36.98 -7.08 -50.65
C GLY D 261 -35.80 -6.40 -49.96
N ILE D 262 -35.44 -6.81 -48.75
CA ILE D 262 -34.35 -6.24 -47.90
C ILE D 262 -33.25 -7.28 -47.61
N GLN D 263 -31.99 -6.85 -47.65
CA GLN D 263 -30.83 -7.74 -47.35
C GLN D 263 -30.74 -7.74 -45.84
N PRO D 264 -30.89 -8.90 -45.16
CA PRO D 264 -30.84 -8.90 -43.70
C PRO D 264 -29.37 -8.70 -43.31
N ILE D 265 -29.12 -8.30 -42.07
CA ILE D 265 -27.76 -8.34 -41.47
C ILE D 265 -27.26 -9.79 -41.54
N PRO D 266 -25.93 -9.98 -41.63
CA PRO D 266 -25.35 -11.31 -41.87
C PRO D 266 -25.69 -12.42 -40.86
N MET D 267 -25.86 -11.99 -39.61
CA MET D 267 -26.19 -12.86 -38.44
C MET D 267 -27.50 -13.66 -38.70
N MET D 268 -28.43 -13.09 -39.49
CA MET D 268 -29.77 -13.59 -39.89
C MET D 268 -29.77 -14.14 -41.32
N ASP D 269 -28.61 -14.13 -42.01
CA ASP D 269 -28.48 -14.63 -43.39
C ASP D 269 -27.95 -16.07 -43.36
N ARG D 270 -28.74 -17.05 -43.83
CA ARG D 270 -28.39 -18.49 -43.73
C ARG D 270 -27.32 -18.77 -44.79
N ASP D 271 -27.14 -17.89 -45.77
CA ASP D 271 -26.05 -18.00 -46.78
C ASP D 271 -24.71 -17.65 -46.14
N LYS D 272 -24.71 -16.87 -45.06
CA LYS D 272 -23.50 -16.49 -44.32
C LYS D 272 -23.30 -17.39 -43.09
N LYS D 273 -23.89 -18.59 -43.11
CA LYS D 273 -23.86 -19.64 -42.03
C LYS D 273 -22.42 -19.96 -41.54
N ASP D 274 -21.49 -20.06 -42.48
CA ASP D 274 -20.07 -20.48 -42.29
C ASP D 274 -19.45 -19.56 -41.24
N GLU D 275 -19.83 -18.27 -41.21
CA GLU D 275 -19.24 -17.18 -40.38
C GLU D 275 -19.81 -17.20 -38.94
N VAL D 276 -20.48 -18.28 -38.53
CA VAL D 276 -21.15 -18.33 -37.21
C VAL D 276 -20.10 -18.15 -36.11
N PRO D 277 -19.01 -18.97 -36.05
CA PRO D 277 -18.11 -18.93 -34.89
C PRO D 277 -17.52 -17.53 -34.64
N GLN D 278 -17.22 -16.82 -35.71
CA GLN D 278 -16.72 -15.42 -35.69
C GLN D 278 -17.80 -14.50 -35.10
N GLY D 279 -19.04 -14.59 -35.60
CA GLY D 279 -20.12 -13.70 -35.13
C GLY D 279 -20.37 -13.84 -33.62
N GLN D 280 -20.42 -15.08 -33.14
CA GLN D 280 -20.56 -15.48 -31.71
C GLN D 280 -19.45 -14.86 -30.89
N LEU D 281 -18.23 -15.07 -31.41
CA LEU D 281 -16.99 -14.51 -30.81
C LEU D 281 -17.29 -13.06 -30.50
N GLY D 282 -17.71 -12.35 -31.55
CA GLY D 282 -18.02 -10.90 -31.56
C GLY D 282 -19.06 -10.58 -30.52
N PHE D 283 -20.05 -11.47 -30.35
CA PHE D 283 -21.20 -11.28 -29.43
C PHE D 283 -20.73 -11.39 -27.95
N TYR D 284 -19.93 -12.40 -27.61
CA TYR D 284 -19.37 -12.57 -26.25
C TYR D 284 -18.50 -11.35 -25.85
N ASN D 285 -17.62 -10.95 -26.77
CA ASN D 285 -16.73 -9.76 -26.61
C ASN D 285 -17.60 -8.51 -26.41
N ALA D 286 -18.58 -8.27 -27.30
CA ALA D 286 -19.41 -7.02 -27.32
C ALA D 286 -20.62 -7.10 -26.37
N VAL D 287 -21.13 -8.28 -26.02
CA VAL D 287 -22.40 -8.30 -25.22
C VAL D 287 -22.25 -9.13 -23.95
N ALA D 288 -22.06 -10.44 -24.11
CA ALA D 288 -22.20 -11.39 -22.99
C ALA D 288 -21.15 -11.07 -21.92
N ILE D 289 -19.86 -11.09 -22.27
CA ILE D 289 -18.75 -10.94 -21.28
C ILE D 289 -18.98 -9.65 -20.50
N PRO D 290 -19.16 -8.49 -21.15
CA PRO D 290 -19.37 -7.26 -20.37
C PRO D 290 -20.52 -7.43 -19.35
N CYS D 291 -21.58 -8.10 -19.81
CA CYS D 291 -22.88 -8.20 -19.10
C CYS D 291 -22.62 -8.81 -17.73
N TYR D 292 -22.04 -10.00 -17.77
CA TYR D 292 -21.71 -10.89 -16.62
C TYR D 292 -20.53 -10.31 -15.82
N THR D 293 -19.66 -9.53 -16.48
CA THR D 293 -18.51 -8.83 -15.82
C THR D 293 -19.12 -7.76 -14.88
N THR D 294 -19.90 -6.82 -15.42
CA THR D 294 -20.62 -5.79 -14.61
C THR D 294 -21.48 -6.44 -13.51
N LEU D 295 -22.10 -7.58 -13.78
CA LEU D 295 -23.04 -8.18 -12.81
C LEU D 295 -22.23 -8.79 -11.67
N THR D 296 -21.14 -9.49 -11.99
CA THR D 296 -20.23 -10.11 -10.99
C THR D 296 -19.61 -9.01 -10.12
N GLN D 297 -19.33 -7.85 -10.70
CA GLN D 297 -18.88 -6.66 -9.93
C GLN D 297 -19.94 -6.39 -8.85
N ILE D 298 -21.19 -6.25 -9.25
CA ILE D 298 -22.27 -5.70 -8.36
C ILE D 298 -22.80 -6.79 -7.40
N LEU D 299 -22.83 -8.07 -7.80
CA LEU D 299 -23.38 -9.26 -7.06
C LEU D 299 -22.35 -10.40 -7.18
N PRO D 300 -21.22 -10.28 -6.45
CA PRO D 300 -20.15 -11.27 -6.55
C PRO D 300 -20.54 -12.74 -6.58
N PRO D 301 -21.61 -13.20 -5.91
CA PRO D 301 -21.95 -14.61 -5.97
C PRO D 301 -22.51 -15.07 -7.35
N THR D 302 -22.71 -14.15 -8.30
CA THR D 302 -23.15 -14.46 -9.69
C THR D 302 -21.97 -14.87 -10.57
N GLU D 303 -20.74 -14.78 -10.05
CA GLU D 303 -19.48 -14.98 -10.83
C GLU D 303 -19.49 -16.32 -11.59
N PRO D 304 -20.05 -17.44 -11.09
CA PRO D 304 -20.09 -18.65 -11.90
C PRO D 304 -20.69 -18.45 -13.31
N LEU D 305 -21.59 -17.50 -13.52
CA LEU D 305 -22.05 -17.14 -14.89
C LEU D 305 -20.86 -16.66 -15.72
N LEU D 306 -20.04 -15.76 -15.16
CA LEU D 306 -18.93 -15.12 -15.92
C LEU D 306 -17.92 -16.19 -16.32
N LYS D 307 -17.52 -17.02 -15.35
CA LYS D 307 -16.66 -18.23 -15.55
C LYS D 307 -17.16 -19.10 -16.72
N ALA D 308 -18.38 -19.63 -16.62
CA ALA D 308 -19.05 -20.46 -17.66
C ALA D 308 -19.06 -19.74 -19.02
N CYS D 309 -19.32 -18.43 -19.04
CA CYS D 309 -19.35 -17.60 -20.27
C CYS D 309 -17.96 -17.54 -20.92
N ARG D 310 -16.93 -17.39 -20.09
CA ARG D 310 -15.52 -17.23 -20.51
C ARG D 310 -15.13 -18.56 -21.14
N ASP D 311 -15.51 -19.65 -20.50
CA ASP D 311 -15.22 -21.01 -21.01
C ASP D 311 -15.80 -21.14 -22.42
N ASN D 312 -17.04 -20.68 -22.62
CA ASN D 312 -17.76 -20.88 -23.91
C ASN D 312 -17.08 -20.03 -25.00
N LEU D 313 -16.62 -18.81 -24.66
CA LEU D 313 -15.85 -17.90 -25.56
C LEU D 313 -14.65 -18.67 -26.13
N SER D 314 -13.89 -19.32 -25.26
CA SER D 314 -12.65 -20.08 -25.62
C SER D 314 -13.05 -21.32 -26.43
N GLN D 315 -14.26 -21.84 -26.23
CA GLN D 315 -14.76 -22.97 -27.02
C GLN D 315 -15.06 -22.49 -28.43
N TRP D 316 -15.61 -21.26 -28.58
CA TRP D 316 -15.91 -20.68 -29.92
C TRP D 316 -14.58 -20.43 -30.68
N GLU D 317 -13.59 -19.84 -29.99
CA GLU D 317 -12.19 -19.64 -30.45
C GLU D 317 -11.58 -20.96 -30.95
N LYS D 318 -11.74 -22.07 -30.21
CA LYS D 318 -11.33 -23.42 -30.69
C LYS D 318 -12.01 -23.73 -32.01
N VAL D 319 -13.35 -23.57 -32.10
CA VAL D 319 -14.12 -23.94 -33.32
C VAL D 319 -13.51 -23.14 -34.47
N ILE D 320 -13.19 -21.87 -34.22
CA ILE D 320 -12.65 -20.94 -35.25
C ILE D 320 -11.34 -21.45 -35.85
N ARG D 321 -10.66 -22.45 -35.27
CA ARG D 321 -9.56 -23.21 -35.95
C ARG D 321 -9.77 -24.72 -35.79
N GLY D 322 -9.31 -25.33 -34.69
CA GLY D 322 -9.50 -26.77 -34.43
C GLY D 322 -9.18 -27.13 -32.98
ZN ZN E . 29.04 15.76 12.70
MG MG F . 28.46 15.66 16.38
C1 GOL G . 22.82 1.88 -3.48
O1 GOL G . 23.95 2.39 -4.16
C2 GOL G . 21.56 2.65 -3.82
O2 GOL G . 21.72 3.00 -5.19
C3 GOL G . 21.29 3.84 -2.92
O3 GOL G . 20.32 4.74 -3.49
C4 PF9 H . 22.53 24.57 11.37
C7 PF9 H . 22.80 26.96 12.84
C6 PF9 H . 24.82 21.91 8.80
C9 PF9 H . 24.02 24.29 7.70
C20 PF9 H . 17.37 30.84 13.61
C21 PF9 H . 16.39 29.54 11.87
C8 PF9 H . 21.47 25.49 11.37
C18 PF9 H . 17.49 29.86 12.59
C19 PF9 H . 18.53 31.19 14.36
C26 PF9 H . 25.23 22.96 11.02
C30 PF9 H . 27.38 21.92 13.70
N28 PF9 H . 26.26 22.37 12.86
C27 PF9 H . 26.08 22.06 11.54
C2 PF9 H . 24.83 23.04 9.64
C10 PF9 H . 24.40 22.02 7.47
N12 PF9 H . 23.99 23.20 6.94
C5 PF9 H . 24.43 24.25 9.07
N29 PF9 H . 25.34 23.30 13.26
C25 PF9 H . 24.73 23.71 12.14
C1 PF9 H . 23.71 24.79 12.11
C11 PF9 H . 21.60 26.69 12.12
C3 PF9 H . 23.86 26.02 12.90
O13 PF9 H . 20.58 27.61 12.10
C14 PF9 H . 20.98 28.90 12.68
C15 PF9 H . 19.74 29.63 13.03
C17 PF9 H . 19.72 30.57 14.08
C22 PF9 H . 16.09 31.42 13.82
C24 PF9 H . 15.02 31.07 13.09
C23 PF9 H . 15.15 30.10 12.09
N16 PF9 H . 18.70 29.30 12.34
ZN ZN I . 8.98 -0.67 -14.44
MG MG J . 12.49 -0.04 -15.58
C4 PF9 K . 5.92 10.03 -15.33
C7 PF9 K . 6.22 11.35 -17.85
C6 PF9 K . 4.15 6.12 -13.99
C9 PF9 K . 2.43 8.27 -14.50
C20 PF9 K . 6.60 18.18 -17.12
C21 PF9 K . 5.79 17.86 -14.90
C8 PF9 K . 5.82 11.38 -15.46
C18 PF9 K . 6.03 17.31 -16.16
C19 PF9 K . 6.77 17.70 -18.44
C26 PF9 K . 5.50 6.76 -15.93
C30 PF9 K . 8.28 5.11 -17.68
N28 PF9 K . 7.26 5.94 -17.02
C27 PF9 K . 6.15 5.60 -16.23
C2 PF9 K . 4.34 6.96 -15.10
C10 PF9 K . 3.08 6.39 -13.16
N12 PF9 K . 2.26 7.44 -13.43
C5 PF9 K . 3.47 8.07 -15.36
N29 PF9 K . 7.32 7.29 -17.14
C25 PF9 K . 6.29 7.83 -16.48
C1 PF9 K . 6.12 9.32 -16.49
C11 PF9 K . 5.98 12.04 -16.70
C3 PF9 K . 6.32 10.00 -17.75
O13 PF9 K . 5.90 13.41 -16.72
C14 PF9 K . 5.66 14.10 -17.97
C15 PF9 K . 5.94 15.55 -17.67
C17 PF9 K . 6.48 16.36 -18.69
C22 PF9 K . 6.87 19.55 -16.81
C24 PF9 K . 6.69 20.04 -15.56
C23 PF9 K . 6.16 19.18 -14.60
N16 PF9 K . 5.74 16.00 -16.43
ZN ZN L . -4.37 0.98 20.68
MG MG M . -6.28 -1.46 18.52
C4 PF9 N . -8.84 10.15 15.90
C7 PF9 N . -11.68 10.49 15.80
C6 PF9 N . -5.95 9.15 19.22
C9 PF9 N . -6.74 11.72 18.74
C20 PF9 N . -13.79 14.70 10.78
C21 PF9 N . -11.46 15.38 10.51
C8 PF9 N . -9.40 11.10 15.08
C18 PF9 N . -12.43 14.70 11.32
C19 PF9 N . -14.78 14.03 11.51
C26 PF9 N . -8.11 8.22 18.44
C30 PF9 N . -9.43 4.85 18.64
N28 PF9 N . -9.05 6.23 18.35
C27 PF9 N . -8.02 6.96 18.90
C2 PF9 N . -7.26 9.34 18.75
C10 PF9 N . -5.10 10.23 19.42
N12 PF9 N . -5.49 11.49 19.22
C5 PF9 N . -7.67 10.67 18.49
N29 PF9 N . -9.72 7.05 17.48
C25 PF9 N . -9.19 8.24 17.53
C1 PF9 N . -9.72 9.35 16.69
C11 PF9 N . -10.82 11.27 15.01
C3 PF9 N . -11.15 9.50 16.61
O13 PF9 N . -11.36 12.26 14.25
C14 PF9 N . -12.72 12.74 14.46
C15 PF9 N . -13.05 13.45 13.17
C17 PF9 N . -14.38 13.43 12.71
C22 PF9 N . -14.11 15.30 9.54
C24 PF9 N . -13.13 15.97 8.82
C23 PF9 N . -11.82 16.00 9.33
N16 PF9 N . -12.08 14.04 12.52
C1 GOL O . 1.37 -4.33 5.67
O1 GOL O . 0.51 -3.18 5.63
C2 GOL O . 0.62 -5.66 5.62
O2 GOL O . 0.28 -6.09 6.94
C3 GOL O . 1.35 -6.83 4.98
O3 GOL O . 0.44 -7.81 4.47
ZN ZN P . -36.03 -13.99 -23.67
MG MG Q . -37.43 -11.22 -25.64
C4 PF9 R . -27.40 -14.86 -30.92
C7 PF9 R . -25.92 -12.63 -31.85
C6 PF9 R . -28.93 -16.73 -27.16
C9 PF9 R . -26.57 -17.39 -28.45
C20 PF9 R . -22.66 -13.14 -37.82
C21 PF9 R . -23.33 -15.52 -37.83
C8 PF9 R . -26.58 -14.96 -32.03
C18 PF9 R . -23.19 -14.28 -37.14
C19 PF9 R . -22.55 -11.91 -37.09
C26 PF9 R . -28.86 -14.45 -28.11
C30 PF9 R . -31.05 -11.68 -27.34
N28 PF9 R . -30.06 -12.67 -27.82
C27 PF9 R . -29.82 -13.92 -27.32
C2 PF9 R . -28.29 -15.78 -27.94
C10 PF9 R . -28.40 -17.98 -27.07
N12 PF9 R . -27.23 -18.26 -27.69
C5 PF9 R . -27.09 -16.11 -28.60
N29 PF9 R . -29.24 -12.46 -28.92
C25 PF9 R . -28.51 -13.53 -29.13
C1 PF9 R . -27.52 -13.64 -30.26
C11 PF9 R . -25.80 -13.86 -32.47
C3 PF9 R . -26.78 -12.51 -30.74
O13 PF9 R . -24.92 -14.00 -33.54
C14 PF9 R . -23.94 -12.94 -33.74
C15 PF9 R . -23.45 -13.00 -35.17
C17 PF9 R . -22.95 -11.85 -35.78
C22 PF9 R . -22.28 -13.23 -39.17
C24 PF9 R . -22.40 -14.43 -39.80
C23 PF9 R . -22.93 -15.56 -39.13
N16 PF9 R . -23.54 -14.13 -35.84
#